data_3UTH
#
_entry.id   3UTH
#
_cell.length_a   219.125
_cell.length_b   219.125
_cell.length_c   322.428
_cell.angle_alpha   90.000
_cell.angle_beta   90.000
_cell.angle_gamma   120.000
#
_symmetry.space_group_name_H-M   'P 65 2 2'
#
loop_
_entity.id
_entity.type
_entity.pdbx_description
1 polymer 'UDP-galactopyranose mutase'
2 non-polymer 'DIHYDROFLAVINE-ADENINE DINUCLEOTIDE'
3 non-polymer 'SULFATE ION'
4 non-polymer "GALACTOSE-URIDINE-5'-DIPHOSPHATE"
5 water water
#
_entity_poly.entity_id   1
_entity_poly.type   'polypeptide(L)'
_entity_poly.pdbx_seq_one_letter_code
;AIAMTHPDISVDVLVIGAGPTGLGAAKRLNQIDGPSWMIVDSNETPGGLASTDVTPEGFLYDVGGHVIFSHYKYFDDCLD
EALPKEDDWYTHQRISYVRCQGQWVPYPFQNNISMLPKEEQVKCIDGMIDAALEARVANTKPKTFDEWIVRMMGTGIADL
FMRPYNFKVWAVPTTKMQCAWLGERVAAPNLKAVTTNVILGKTAGNWGPNATFRFPARGGTGGIWIAVANTLPKEKTRFG
EKGKVTKVNANNKTVTLQDGTTIGYKKLVSTMAVDFLAEAMNDQELVGLTKQLFYSSTHVIGVGVRGSRPERIGDKCWLY
FPEDNCPFYRATIFSNYSPYNQPEASAALPTMQLADGSRPQSTEAKEGPYWSIMLEVSESSMKPVNQETILADCIQGLVN
TEMLKPTDEIVSTYHRRFDHGYPTPTLEREGTLTQILPKLQDKDIWSRGRFGSWRYEVGNQDHSFMLGVEAVDNIVNGAV
ELTLNYPDFVNGRQNTERRLVDGAQVFAKSKAQ
;
_entity_poly.pdbx_strand_id   A,B,C,D
#
loop_
_chem_comp.id
_chem_comp.type
_chem_comp.name
_chem_comp.formula
FDA non-polymer 'DIHYDROFLAVINE-ADENINE DINUCLEOTIDE' 'C27 H35 N9 O15 P2'
GDU non-polymer GALACTOSE-URIDINE-5'-DIPHOSPHATE 'C15 H24 N2 O17 P2'
SO4 non-polymer 'SULFATE ION' 'O4 S -2'
#
# COMPACT_ATOMS: atom_id res chain seq x y z
N HIS A 6 24.55 62.35 20.93
CA HIS A 6 23.59 62.35 19.84
C HIS A 6 24.27 62.08 18.49
N PRO A 7 23.69 61.17 17.68
CA PRO A 7 24.26 60.81 16.38
C PRO A 7 24.03 61.89 15.32
N ASP A 8 24.73 61.79 14.20
CA ASP A 8 24.65 62.79 13.14
C ASP A 8 23.26 62.89 12.52
N ILE A 9 22.61 61.76 12.30
CA ILE A 9 21.25 61.74 11.78
C ILE A 9 20.40 60.78 12.59
N SER A 10 19.11 61.07 12.67
CA SER A 10 18.16 60.20 13.36
C SER A 10 16.93 59.90 12.50
N VAL A 11 16.60 58.62 12.33
CA VAL A 11 15.36 58.24 11.67
C VAL A 11 14.65 57.15 12.43
N ASP A 12 13.33 57.04 12.23
CA ASP A 12 12.56 55.96 12.85
C ASP A 12 12.97 54.61 12.27
N VAL A 13 13.10 54.57 10.94
CA VAL A 13 13.44 53.33 10.25
C VAL A 13 14.61 53.53 9.31
N LEU A 14 15.68 52.79 9.51
CA LEU A 14 16.84 52.86 8.62
C LEU A 14 16.86 51.61 7.75
N VAL A 15 17.05 51.81 6.45
CA VAL A 15 17.14 50.71 5.50
C VAL A 15 18.57 50.62 4.98
N ILE A 16 19.19 49.45 5.14
CA ILE A 16 20.52 49.22 4.62
C ILE A 16 20.45 48.38 3.36
N GLY A 17 20.91 48.96 2.25
CA GLY A 17 20.94 48.26 0.99
C GLY A 17 19.84 48.75 0.08
N ALA A 18 20.19 48.92 -1.19
CA ALA A 18 19.24 49.41 -2.18
C ALA A 18 19.21 48.50 -3.41
N GLY A 19 19.24 47.20 -3.16
CA GLY A 19 18.84 46.23 -4.17
C GLY A 19 17.32 46.19 -4.09
N PRO A 20 16.69 45.24 -4.79
CA PRO A 20 15.23 45.13 -4.78
C PRO A 20 14.63 45.08 -3.37
N THR A 21 15.26 44.38 -2.42
CA THR A 21 14.68 44.29 -1.07
C THR A 21 14.61 45.65 -0.35
N GLY A 22 15.73 46.35 -0.29
CA GLY A 22 15.77 47.67 0.33
C GLY A 22 14.89 48.69 -0.37
N LEU A 23 14.85 48.65 -1.69
CA LEU A 23 14.02 49.57 -2.45
C LEU A 23 12.55 49.31 -2.15
N GLY A 24 12.20 48.04 -1.91
CA GLY A 24 10.84 47.68 -1.53
C GLY A 24 10.45 48.31 -0.19
N ALA A 25 11.38 48.25 0.77
CA ALA A 25 11.18 48.88 2.06
C ALA A 25 10.99 50.38 1.86
N ALA A 26 11.91 51.00 1.11
CA ALA A 26 11.83 52.43 0.84
C ALA A 26 10.49 52.81 0.22
N LYS A 27 10.08 52.07 -0.80
CA LYS A 27 8.84 52.38 -1.51
C LYS A 27 7.61 52.32 -0.61
N ARG A 28 7.54 51.31 0.25
CA ARG A 28 6.41 51.19 1.15
C ARG A 28 6.46 52.28 2.22
N LEU A 29 7.66 52.58 2.72
CA LEU A 29 7.86 53.66 3.69
C LEU A 29 7.47 55.02 3.09
N ASN A 30 7.73 55.18 1.81
CA ASN A 30 7.45 56.42 1.12
C ASN A 30 5.95 56.57 0.85
N GLN A 31 5.28 55.43 0.70
CA GLN A 31 3.83 55.42 0.48
C GLN A 31 3.13 55.74 1.79
N ILE A 32 3.51 55.03 2.85
CA ILE A 32 2.89 55.23 4.15
C ILE A 32 3.09 56.66 4.60
N ASP A 33 4.30 57.17 4.43
CA ASP A 33 4.58 58.57 4.69
C ASP A 33 4.19 58.92 6.12
N GLY A 34 4.60 58.09 7.06
CA GLY A 34 4.35 58.30 8.47
C GLY A 34 5.68 58.48 9.15
N PRO A 35 6.27 57.37 9.62
CA PRO A 35 7.60 57.34 10.23
C PRO A 35 8.67 57.90 9.31
N SER A 36 9.65 58.59 9.87
CA SER A 36 10.79 59.09 9.11
C SER A 36 11.71 57.92 8.80
N TRP A 37 12.43 58.01 7.69
CA TRP A 37 13.27 56.92 7.23
C TRP A 37 14.40 57.40 6.33
N MET A 38 15.27 56.48 5.97
CA MET A 38 16.41 56.77 5.11
C MET A 38 16.96 55.45 4.57
N ILE A 39 17.51 55.48 3.37
CA ILE A 39 18.11 54.27 2.79
C ILE A 39 19.53 54.52 2.28
N VAL A 40 20.45 53.63 2.66
CA VAL A 40 21.86 53.74 2.27
C VAL A 40 22.27 52.55 1.41
N ASP A 41 23.25 52.76 0.53
CA ASP A 41 23.89 51.68 -0.24
C ASP A 41 25.33 52.07 -0.52
N SER A 42 26.23 51.09 -0.52
CA SER A 42 27.64 51.36 -0.79
C SER A 42 27.90 51.60 -2.27
N ASN A 43 26.92 51.30 -3.11
CA ASN A 43 27.06 51.51 -4.54
C ASN A 43 26.27 52.74 -4.99
N GLU A 44 26.90 53.57 -5.85
CA GLU A 44 26.23 54.76 -6.38
C GLU A 44 24.97 54.38 -7.14
N THR A 45 25.01 53.22 -7.77
CA THR A 45 23.92 52.72 -8.58
C THR A 45 23.15 51.63 -7.83
N PRO A 46 21.87 51.88 -7.53
CA PRO A 46 21.03 50.88 -6.85
C PRO A 46 20.80 49.67 -7.76
N GLY A 47 20.38 48.54 -7.19
CA GLY A 47 20.10 47.36 -7.98
C GLY A 47 20.63 46.05 -7.43
N GLY A 48 21.77 46.10 -6.74
CA GLY A 48 22.35 44.89 -6.17
C GLY A 48 22.62 43.83 -7.23
N LEU A 49 22.26 42.58 -6.95
CA LEU A 49 22.44 41.49 -7.91
C LEU A 49 21.47 41.61 -9.07
N ALA A 50 20.63 42.63 -8.99
CA ALA A 50 19.70 42.89 -10.07
C ALA A 50 20.19 44.05 -10.94
N SER A 51 21.49 44.32 -10.85
CA SER A 51 22.16 45.37 -11.66
C SER A 51 22.58 44.88 -13.04
N THR A 52 23.14 45.79 -13.84
CA THR A 52 23.63 45.46 -15.18
C THR A 52 24.99 46.11 -15.45
N ASP A 53 25.94 45.31 -15.94
CA ASP A 53 27.23 45.85 -16.38
C ASP A 53 27.21 46.05 -17.90
N VAL A 54 28.18 46.80 -18.42
CA VAL A 54 28.33 46.92 -19.87
C VAL A 54 29.81 46.88 -20.22
N THR A 55 30.15 46.16 -21.28
CA THR A 55 31.56 46.07 -21.69
C THR A 55 31.97 47.35 -22.45
N PRO A 56 33.29 47.60 -22.59
CA PRO A 56 33.78 48.75 -23.37
C PRO A 56 33.27 48.71 -24.82
N GLU A 57 32.93 47.52 -25.30
CA GLU A 57 32.42 47.39 -26.67
C GLU A 57 30.91 47.60 -26.77
N GLY A 58 30.24 47.89 -25.66
CA GLY A 58 28.82 48.18 -25.70
C GLY A 58 27.86 46.99 -25.50
N PHE A 59 28.36 45.88 -24.98
CA PHE A 59 27.47 44.75 -24.68
C PHE A 59 27.06 44.75 -23.20
N LEU A 60 25.76 44.74 -22.95
CA LEU A 60 25.20 44.68 -21.60
C LEU A 60 25.16 43.24 -21.09
N TYR A 61 25.43 43.06 -19.80
CA TYR A 61 25.21 41.77 -19.13
C TYR A 61 24.59 41.94 -17.74
N ASP A 62 23.48 41.26 -17.49
CA ASP A 62 22.89 41.20 -16.16
C ASP A 62 23.80 40.30 -15.33
N VAL A 63 23.49 40.13 -14.04
CA VAL A 63 24.18 39.12 -13.22
C VAL A 63 23.58 37.74 -13.51
N GLY A 64 23.89 37.18 -14.68
CA GLY A 64 23.24 35.97 -15.14
C GLY A 64 21.79 36.20 -15.57
N GLY A 65 21.15 35.14 -16.05
CA GLY A 65 19.79 35.23 -16.57
C GLY A 65 18.81 35.75 -15.54
N HIS A 66 18.24 36.91 -15.83
CA HIS A 66 17.22 37.53 -15.00
C HIS A 66 15.94 37.74 -15.83
N VAL A 67 14.88 37.07 -15.42
CA VAL A 67 13.63 37.13 -16.11
C VAL A 67 12.58 37.46 -15.06
N ILE A 68 11.71 38.41 -15.37
CA ILE A 68 10.75 38.88 -14.39
C ILE A 68 9.38 38.19 -14.47
N PHE A 69 9.00 37.55 -13.36
CA PHE A 69 7.65 37.01 -13.21
C PHE A 69 7.15 37.26 -11.80
N SER A 70 6.08 38.05 -11.72
CA SER A 70 5.62 38.61 -10.45
C SER A 70 4.49 37.79 -9.86
N HIS A 71 4.53 37.60 -8.55
CA HIS A 71 3.44 36.96 -7.80
C HIS A 71 2.56 38.04 -7.14
N TYR A 72 2.94 39.31 -7.29
CA TYR A 72 2.29 40.39 -6.52
C TYR A 72 1.91 41.62 -7.35
N LYS A 73 0.67 42.06 -7.22
CA LYS A 73 0.22 43.33 -7.79
C LYS A 73 1.04 44.54 -7.31
N TYR A 74 1.50 44.52 -6.05
CA TYR A 74 2.26 45.66 -5.54
C TYR A 74 3.56 45.88 -6.31
N PHE A 75 4.25 44.78 -6.62
CA PHE A 75 5.48 44.82 -7.40
C PHE A 75 5.16 45.36 -8.81
N ASP A 76 4.08 44.87 -9.40
CA ASP A 76 3.67 45.35 -10.71
C ASP A 76 3.43 46.86 -10.67
N ASP A 77 2.75 47.33 -9.62
CA ASP A 77 2.45 48.76 -9.51
C ASP A 77 3.73 49.58 -9.55
N CYS A 78 4.75 49.16 -8.79
CA CYS A 78 5.96 49.94 -8.72
C CYS A 78 6.76 49.90 -10.02
N LEU A 79 6.76 48.74 -10.69
CA LEU A 79 7.48 48.64 -11.95
C LEU A 79 6.82 49.51 -13.01
N ASP A 80 5.48 49.54 -13.00
CA ASP A 80 4.71 50.31 -13.98
C ASP A 80 4.85 51.80 -13.72
N GLU A 81 4.82 52.20 -12.45
CA GLU A 81 5.14 53.59 -12.10
C GLU A 81 6.51 54.02 -12.65
N ALA A 82 7.52 53.18 -12.46
CA ALA A 82 8.91 53.51 -12.79
C ALA A 82 9.16 53.51 -14.30
N LEU A 83 8.56 52.57 -15.00
CA LEU A 83 8.71 52.45 -16.45
C LEU A 83 7.31 52.38 -17.10
N PRO A 84 6.61 53.53 -17.13
CA PRO A 84 5.19 53.67 -17.49
C PRO A 84 4.82 53.44 -18.96
N LYS A 85 5.77 53.59 -19.88
CA LYS A 85 5.43 53.55 -21.31
C LYS A 85 5.43 52.12 -21.86
N GLU A 86 4.63 51.87 -22.90
CA GLU A 86 4.57 50.55 -23.50
C GLU A 86 5.88 50.14 -24.15
N ASP A 87 6.67 51.12 -24.59
CA ASP A 87 7.91 50.78 -25.28
C ASP A 87 9.10 50.74 -24.32
N ASP A 88 8.80 50.79 -23.02
CA ASP A 88 9.81 50.57 -22.00
C ASP A 88 10.04 49.08 -21.82
N TRP A 89 9.19 48.26 -22.40
CA TRP A 89 9.21 46.83 -22.14
C TRP A 89 9.10 46.01 -23.41
N TYR A 90 9.71 44.83 -23.40
CA TYR A 90 9.45 43.79 -24.39
C TYR A 90 8.84 42.56 -23.71
N THR A 91 7.89 41.93 -24.37
CA THR A 91 7.24 40.73 -23.84
C THR A 91 7.72 39.54 -24.64
N HIS A 92 8.04 38.44 -23.98
CA HIS A 92 8.53 37.26 -24.68
C HIS A 92 7.86 36.02 -24.12
N GLN A 93 7.71 34.98 -24.94
CA GLN A 93 7.36 33.65 -24.42
C GLN A 93 8.65 32.96 -23.95
N ARG A 94 8.61 32.25 -22.84
CA ARG A 94 9.78 31.42 -22.49
C ARG A 94 10.04 30.31 -23.49
N ILE A 95 11.13 30.43 -24.22
CA ILE A 95 11.59 29.33 -25.03
C ILE A 95 12.80 28.78 -24.28
N SER A 96 12.62 27.69 -23.53
CA SER A 96 13.75 27.09 -22.83
C SER A 96 13.99 25.62 -23.21
N TYR A 97 15.25 25.23 -23.32
CA TYR A 97 15.60 23.86 -23.69
C TYR A 97 16.76 23.33 -22.82
N VAL A 98 16.94 22.02 -22.84
CA VAL A 98 17.98 21.36 -22.08
C VAL A 98 18.87 20.65 -23.08
N ARG A 99 20.17 20.94 -23.04
CA ARG A 99 21.11 20.31 -23.97
C ARG A 99 21.41 18.88 -23.55
N CYS A 100 21.01 17.92 -24.37
CA CYS A 100 21.17 16.53 -23.98
C CYS A 100 21.50 15.67 -25.17
N GLN A 101 22.70 15.10 -25.18
CA GLN A 101 23.07 14.13 -26.21
C GLN A 101 23.03 14.76 -27.61
N GLY A 102 23.58 15.97 -27.72
CA GLY A 102 23.65 16.64 -29.02
C GLY A 102 22.32 17.14 -29.55
N GLN A 103 21.28 17.15 -28.70
CA GLN A 103 19.97 17.67 -29.08
C GLN A 103 19.43 18.69 -28.07
N TRP A 104 18.40 19.42 -28.46
CA TRP A 104 17.73 20.34 -27.55
C TRP A 104 16.38 19.76 -27.13
N VAL A 105 16.26 19.44 -25.85
CA VAL A 105 15.03 18.90 -25.29
C VAL A 105 14.26 20.02 -24.60
N PRO A 106 13.00 20.21 -24.97
CA PRO A 106 12.23 21.28 -24.32
C PRO A 106 12.15 21.08 -22.81
N TYR A 107 12.22 22.19 -22.11
CA TYR A 107 11.98 22.21 -20.68
C TYR A 107 10.47 22.09 -20.43
N PRO A 108 10.09 21.40 -19.36
CA PRO A 108 10.98 20.67 -18.45
C PRO A 108 11.35 19.31 -19.03
N PHE A 109 12.61 18.93 -18.82
CA PHE A 109 13.18 17.71 -19.36
C PHE A 109 12.27 16.54 -19.09
N GLN A 110 11.90 16.46 -17.82
CA GLN A 110 11.24 15.33 -17.20
C GLN A 110 9.84 15.18 -17.71
N ASN A 111 9.41 16.14 -18.53
CA ASN A 111 8.08 16.09 -19.12
C ASN A 111 8.19 15.98 -20.63
N ASN A 112 9.40 15.71 -21.11
CA ASN A 112 9.72 15.61 -22.56
C ASN A 112 10.67 14.46 -22.89
N ILE A 113 10.66 13.46 -22.03
CA ILE A 113 11.31 12.17 -22.24
C ILE A 113 11.14 11.78 -23.71
N SER A 114 9.97 12.11 -24.22
CA SER A 114 9.58 11.76 -25.58
C SER A 114 10.59 12.16 -26.66
N MET A 115 11.59 12.95 -26.31
CA MET A 115 12.53 13.46 -27.32
C MET A 115 13.91 12.82 -27.29
N LEU A 116 14.12 11.88 -26.38
CA LEU A 116 15.41 11.19 -26.24
C LEU A 116 15.50 9.99 -27.18
N PRO A 117 16.71 9.43 -27.32
CA PRO A 117 16.83 8.12 -28.00
C PRO A 117 15.94 7.06 -27.33
N LYS A 118 15.44 6.11 -28.12
CA LYS A 118 14.46 5.13 -27.62
C LYS A 118 14.95 4.35 -26.39
N GLU A 119 16.22 3.95 -26.43
CA GLU A 119 16.82 3.21 -25.32
C GLU A 119 16.76 3.97 -24.01
N GLU A 120 17.01 5.27 -24.04
CA GLU A 120 16.91 6.10 -22.83
C GLU A 120 15.48 6.30 -22.38
N GLN A 121 14.56 6.30 -23.34
CA GLN A 121 13.16 6.42 -23.02
C GLN A 121 12.75 5.24 -22.13
N VAL A 122 13.20 4.04 -22.48
CA VAL A 122 12.88 2.82 -21.75
C VAL A 122 13.41 2.89 -20.32
N LYS A 123 14.63 3.40 -20.17
CA LYS A 123 15.28 3.52 -18.88
C LYS A 123 14.52 4.51 -18.03
N CYS A 124 14.21 5.66 -18.62
CA CYS A 124 13.46 6.69 -17.90
C CYS A 124 12.05 6.22 -17.48
N ILE A 125 11.33 5.60 -18.41
CA ILE A 125 9.97 5.17 -18.10
C ILE A 125 9.99 4.03 -17.08
N ASP A 126 10.95 3.11 -17.19
CA ASP A 126 11.08 2.05 -16.17
C ASP A 126 11.30 2.64 -14.79
N GLY A 127 12.17 3.63 -14.70
CA GLY A 127 12.46 4.28 -13.44
C GLY A 127 11.24 4.97 -12.86
N MET A 128 10.48 5.63 -13.73
CA MET A 128 9.28 6.34 -13.32
C MET A 128 8.18 5.38 -12.87
N ILE A 129 8.14 4.20 -13.51
CA ILE A 129 7.19 3.17 -13.10
C ILE A 129 7.49 2.68 -11.68
N ASP A 130 8.77 2.43 -11.38
CA ASP A 130 9.18 2.10 -10.02
C ASP A 130 8.76 3.25 -9.08
N ALA A 131 9.05 4.48 -9.46
CA ALA A 131 8.67 5.61 -8.60
C ALA A 131 7.16 5.60 -8.35
N ALA A 132 6.37 5.46 -9.40
CA ALA A 132 4.91 5.46 -9.27
C ALA A 132 4.40 4.35 -8.33
N LEU A 133 4.97 3.16 -8.42
CA LEU A 133 4.53 2.06 -7.58
C LEU A 133 4.92 2.27 -6.11
N GLU A 134 6.13 2.77 -5.86
CA GLU A 134 6.53 3.13 -4.51
C GLU A 134 5.70 4.31 -3.96
N ALA A 135 5.40 5.31 -4.79
CA ALA A 135 4.58 6.42 -4.33
C ALA A 135 3.20 5.96 -3.91
N ARG A 136 2.75 4.86 -4.51
CA ARG A 136 1.43 4.32 -4.18
C ARG A 136 1.30 3.87 -2.70
N VAL A 137 2.43 3.48 -2.09
CA VAL A 137 2.39 2.99 -0.70
C VAL A 137 3.18 3.87 0.28
N ALA A 138 3.64 5.04 -0.17
CA ALA A 138 4.50 5.90 0.66
C ALA A 138 3.77 6.58 1.81
N ASN A 139 4.29 6.42 3.03
CA ASN A 139 3.72 7.13 4.17
C ASN A 139 4.74 7.99 4.92
N THR A 140 5.82 8.39 4.23
CA THR A 140 6.80 9.29 4.80
C THR A 140 7.18 10.33 3.77
N LYS A 141 7.50 11.55 4.21
CA LYS A 141 7.94 12.58 3.27
C LYS A 141 9.45 12.46 3.04
N PRO A 142 9.91 12.80 1.83
CA PRO A 142 11.36 12.75 1.59
C PRO A 142 12.07 13.78 2.44
N LYS A 143 13.27 13.46 2.92
CA LYS A 143 14.04 14.39 3.73
C LYS A 143 15.10 15.17 2.95
N THR A 144 15.67 14.59 1.89
CA THR A 144 16.68 15.28 1.09
C THR A 144 16.20 15.61 -0.35
N PHE A 145 16.81 16.61 -0.96
CA PHE A 145 16.58 16.92 -2.38
C PHE A 145 16.73 15.64 -3.21
N ASP A 146 17.82 14.91 -3.00
CA ASP A 146 18.03 13.67 -3.72
C ASP A 146 16.85 12.71 -3.58
N GLU A 147 16.45 12.43 -2.34
CA GLU A 147 15.30 11.57 -2.10
C GLU A 147 14.05 12.06 -2.85
N TRP A 148 13.84 13.36 -2.84
CA TRP A 148 12.69 13.95 -3.52
C TRP A 148 12.76 13.61 -5.01
N ILE A 149 13.86 13.97 -5.65
CA ILE A 149 14.10 13.66 -7.06
C ILE A 149 13.78 12.22 -7.44
N VAL A 150 14.32 11.28 -6.69
CA VAL A 150 14.13 9.87 -6.99
C VAL A 150 12.67 9.42 -6.81
N ARG A 151 11.96 10.00 -5.85
CA ARG A 151 10.60 9.59 -5.54
C ARG A 151 9.61 10.10 -6.57
N MET A 152 9.94 11.22 -7.21
CA MET A 152 9.02 11.85 -8.13
C MET A 152 9.41 11.64 -9.59
N MET A 153 10.67 11.25 -9.84
CA MET A 153 11.14 11.09 -11.22
C MET A 153 11.66 9.69 -11.55
N GLY A 154 12.12 8.96 -10.54
CA GLY A 154 12.78 7.70 -10.78
C GLY A 154 14.25 7.89 -11.11
N THR A 155 15.01 6.80 -11.02
CA THR A 155 16.45 6.80 -11.19
C THR A 155 16.90 7.25 -12.58
N GLY A 156 16.27 6.68 -13.60
CA GLY A 156 16.59 6.99 -14.98
C GLY A 156 16.67 8.49 -15.20
N ILE A 157 15.60 9.18 -14.84
CA ILE A 157 15.56 10.63 -15.01
C ILE A 157 16.47 11.34 -14.01
N ALA A 158 16.52 10.85 -12.78
CA ALA A 158 17.45 11.36 -11.79
C ALA A 158 18.88 11.38 -12.36
N ASP A 159 19.38 10.20 -12.69
CA ASP A 159 20.75 10.01 -13.19
C ASP A 159 21.08 10.70 -14.51
N LEU A 160 20.07 10.92 -15.33
CA LEU A 160 20.28 11.50 -16.65
C LEU A 160 20.35 13.01 -16.64
N PHE A 161 19.60 13.64 -15.74
CA PHE A 161 19.51 15.10 -15.76
C PHE A 161 19.48 15.81 -14.39
N MET A 162 18.76 15.22 -13.43
CA MET A 162 18.44 15.93 -12.19
C MET A 162 19.65 16.03 -11.29
N ARG A 163 20.31 14.90 -11.12
CA ARG A 163 21.48 14.81 -10.28
C ARG A 163 22.68 15.63 -10.82
N PRO A 164 23.06 15.42 -12.10
CA PRO A 164 24.22 16.16 -12.63
C PRO A 164 23.94 17.65 -12.76
N TYR A 165 22.78 18.02 -13.28
CA TYR A 165 22.50 19.44 -13.42
C TYR A 165 22.55 20.19 -12.09
N ASN A 166 21.91 19.63 -11.06
CA ASN A 166 21.85 20.34 -9.77
C ASN A 166 23.18 20.49 -9.06
N PHE A 167 24.06 19.52 -9.19
CA PHE A 167 25.41 19.71 -8.67
C PHE A 167 26.03 20.87 -9.46
N LYS A 168 25.86 20.84 -10.77
CA LYS A 168 26.42 21.86 -11.65
C LYS A 168 25.95 23.29 -11.29
N VAL A 169 24.71 23.44 -10.85
CA VAL A 169 24.18 24.76 -10.43
C VAL A 169 24.42 25.11 -8.95
N TRP A 170 24.02 24.21 -8.06
CA TRP A 170 24.11 24.48 -6.63
C TRP A 170 25.55 24.37 -6.11
N ALA A 171 26.39 23.64 -6.83
CA ALA A 171 27.77 23.42 -6.39
C ALA A 171 27.82 22.66 -5.05
N VAL A 172 26.80 21.87 -4.78
CA VAL A 172 26.79 20.87 -3.71
C VAL A 172 25.96 19.69 -4.22
N PRO A 173 26.24 18.48 -3.74
CA PRO A 173 25.46 17.31 -4.18
C PRO A 173 23.99 17.38 -3.72
N THR A 174 23.08 16.73 -4.47
CA THR A 174 21.67 16.77 -4.12
C THR A 174 21.40 16.16 -2.73
N THR A 175 22.28 15.27 -2.28
CA THR A 175 22.12 14.61 -1.00
C THR A 175 22.32 15.57 0.17
N LYS A 176 22.77 16.79 -0.12
CA LYS A 176 23.14 17.73 0.95
C LYS A 176 22.11 18.82 1.15
N MET A 177 21.08 18.81 0.31
CA MET A 177 20.07 19.86 0.36
C MET A 177 18.73 19.32 0.86
N GLN A 178 17.95 20.20 1.49
CA GLN A 178 16.58 19.87 1.88
C GLN A 178 15.71 19.84 0.63
N CYS A 179 14.40 19.64 0.81
CA CYS A 179 13.47 19.61 -0.32
C CYS A 179 12.15 20.36 -0.07
N ALA A 180 12.10 21.17 0.97
CA ALA A 180 10.90 21.92 1.29
C ALA A 180 10.71 23.14 0.39
N TRP A 181 11.70 23.41 -0.47
CA TRP A 181 11.79 24.69 -1.17
C TRP A 181 11.34 24.65 -2.62
N LEU A 182 11.00 23.48 -3.16
CA LEU A 182 10.94 23.32 -4.63
C LEU A 182 9.57 23.26 -5.35
N GLY A 183 8.48 23.49 -4.61
CA GLY A 183 7.15 23.37 -5.20
C GLY A 183 6.96 24.09 -6.54
N GLU A 184 7.69 25.18 -6.73
CA GLU A 184 7.50 26.04 -7.90
C GLU A 184 8.76 26.04 -8.79
N ARG A 185 9.74 25.23 -8.40
CA ARG A 185 11.02 25.19 -9.10
C ARG A 185 11.21 23.89 -9.90
N VAL A 186 10.77 22.77 -9.35
CA VAL A 186 10.97 21.49 -10.01
C VAL A 186 9.67 20.78 -10.36
N ALA A 187 9.41 20.65 -11.67
CA ALA A 187 8.20 19.98 -12.17
C ALA A 187 8.21 18.52 -11.76
N ALA A 188 7.13 18.05 -11.16
CA ALA A 188 7.02 16.63 -10.86
C ALA A 188 6.21 15.96 -11.97
N PRO A 189 6.82 14.98 -12.66
CA PRO A 189 6.15 14.33 -13.79
C PRO A 189 5.05 13.36 -13.40
N ASN A 190 3.92 13.50 -14.09
CA ASN A 190 2.82 12.57 -14.01
C ASN A 190 3.17 11.34 -14.87
N LEU A 191 3.08 10.12 -14.32
CA LEU A 191 3.45 8.93 -15.12
C LEU A 191 2.67 8.83 -16.43
N LYS A 192 1.36 9.03 -16.36
CA LYS A 192 0.52 8.90 -17.55
C LYS A 192 0.79 9.96 -18.60
N ALA A 193 1.00 11.20 -18.16
CA ALA A 193 1.25 12.33 -19.07
C ALA A 193 2.54 12.13 -19.84
N VAL A 194 3.61 11.82 -19.12
CA VAL A 194 4.91 11.57 -19.71
C VAL A 194 4.93 10.36 -20.65
N THR A 195 4.27 9.27 -20.23
CA THR A 195 4.18 8.08 -21.06
C THR A 195 3.34 8.39 -22.30
N THR A 196 2.32 9.22 -22.12
CA THR A 196 1.44 9.57 -23.23
C THR A 196 2.21 10.32 -24.30
N ASN A 197 3.08 11.25 -23.89
CA ASN A 197 3.88 12.02 -24.84
C ASN A 197 4.94 11.17 -25.54
N VAL A 198 5.52 10.21 -24.83
CA VAL A 198 6.42 9.26 -25.46
C VAL A 198 5.70 8.48 -26.56
N ILE A 199 4.51 7.98 -26.27
CA ILE A 199 3.76 7.24 -27.27
C ILE A 199 3.37 8.09 -28.46
N LEU A 200 2.91 9.30 -28.20
CA LEU A 200 2.46 10.18 -29.28
C LEU A 200 3.61 10.91 -30.01
N GLY A 201 4.80 10.96 -29.41
CA GLY A 201 5.87 11.81 -29.90
C GLY A 201 5.60 13.31 -29.75
N LYS A 202 4.86 13.68 -28.71
CA LYS A 202 4.47 15.07 -28.46
C LYS A 202 5.47 15.79 -27.53
N THR A 203 5.27 17.10 -27.33
CA THR A 203 6.06 17.89 -26.36
C THR A 203 5.18 18.71 -25.39
N ALA A 204 5.76 19.17 -24.28
CA ALA A 204 5.01 19.91 -23.28
C ALA A 204 5.86 21.00 -22.63
N GLY A 205 6.07 22.11 -23.33
CA GLY A 205 7.02 23.11 -22.88
C GLY A 205 6.55 24.29 -22.04
N ASN A 206 5.42 24.17 -21.34
CA ASN A 206 4.84 25.34 -20.68
C ASN A 206 4.71 25.31 -19.15
N TRP A 207 5.38 24.38 -18.49
CA TRP A 207 5.29 24.31 -17.03
C TRP A 207 5.98 25.52 -16.41
N GLY A 208 5.43 26.02 -15.31
CA GLY A 208 6.12 27.00 -14.46
C GLY A 208 5.71 28.46 -14.60
N PRO A 209 6.03 29.26 -13.56
CA PRO A 209 5.64 30.67 -13.44
C PRO A 209 6.30 31.64 -14.43
N ASN A 210 7.37 31.23 -15.12
CA ASN A 210 8.05 32.13 -16.07
C ASN A 210 7.92 31.74 -17.54
N ALA A 211 6.83 31.06 -17.87
CA ALA A 211 6.53 30.70 -19.26
C ALA A 211 6.23 31.91 -20.16
N THR A 212 5.96 33.06 -19.54
CA THR A 212 5.83 34.32 -20.29
C THR A 212 6.42 35.44 -19.46
N PHE A 213 7.16 36.33 -20.09
CA PHE A 213 7.90 37.33 -19.33
C PHE A 213 8.09 38.64 -20.06
N ARG A 214 8.30 39.71 -19.29
CA ARG A 214 8.67 40.96 -19.90
C ARG A 214 10.09 41.36 -19.47
N PHE A 215 10.73 42.18 -20.29
CA PHE A 215 12.10 42.57 -20.06
C PHE A 215 12.27 44.03 -20.46
N PRO A 216 13.03 44.79 -19.67
CA PRO A 216 13.12 46.23 -19.95
C PRO A 216 13.84 46.53 -21.27
N ALA A 217 13.32 47.52 -21.98
CA ALA A 217 13.85 47.86 -23.29
C ALA A 217 15.29 48.35 -23.18
N ARG A 218 15.60 49.09 -22.13
CA ARG A 218 16.92 49.73 -22.06
C ARG A 218 17.59 49.58 -20.70
N GLY A 219 18.91 49.41 -20.70
CA GLY A 219 19.67 49.37 -19.46
C GLY A 219 19.67 48.03 -18.75
N GLY A 220 19.08 47.02 -19.38
CA GLY A 220 19.04 45.70 -18.79
C GLY A 220 18.16 45.73 -17.54
N THR A 221 18.23 44.66 -16.76
CA THR A 221 17.42 44.58 -15.55
C THR A 221 17.74 45.74 -14.61
N GLY A 222 19.00 46.16 -14.59
CA GLY A 222 19.43 47.28 -13.76
C GLY A 222 18.64 48.54 -14.01
N GLY A 223 18.12 48.69 -15.23
CA GLY A 223 17.34 49.87 -15.57
C GLY A 223 16.07 49.98 -14.75
N ILE A 224 15.48 48.83 -14.39
CA ILE A 224 14.30 48.84 -13.53
C ILE A 224 14.60 49.53 -12.19
N TRP A 225 15.65 49.06 -11.53
CA TRP A 225 15.94 49.47 -10.16
C TRP A 225 16.47 50.89 -10.04
N ILE A 226 17.14 51.35 -11.09
CA ILE A 226 17.53 52.75 -11.19
C ILE A 226 16.27 53.61 -11.29
N ALA A 227 15.35 53.22 -12.18
CA ALA A 227 14.12 53.97 -12.37
C ALA A 227 13.22 53.92 -11.12
N VAL A 228 13.14 52.77 -10.45
CA VAL A 228 12.38 52.68 -9.20
C VAL A 228 12.99 53.57 -8.12
N ALA A 229 14.32 53.52 -7.98
CA ALA A 229 15.00 54.37 -7.03
C ALA A 229 14.77 55.86 -7.32
N ASN A 230 14.66 56.21 -8.60
CA ASN A 230 14.41 57.61 -9.02
C ASN A 230 13.08 58.20 -8.54
N THR A 231 12.14 57.36 -8.12
CA THR A 231 10.85 57.85 -7.65
C THR A 231 10.88 58.23 -6.17
N LEU A 232 11.97 57.87 -5.49
CA LEU A 232 12.11 58.17 -4.07
C LEU A 232 12.63 59.59 -3.89
N PRO A 233 12.28 60.23 -2.75
CA PRO A 233 12.82 61.57 -2.45
C PRO A 233 14.34 61.50 -2.24
N LYS A 234 15.09 62.20 -3.08
CA LYS A 234 16.55 62.08 -3.13
C LYS A 234 17.23 62.34 -1.79
N GLU A 235 16.69 63.27 -0.99
CA GLU A 235 17.32 63.63 0.27
C GLU A 235 17.18 62.51 1.32
N LYS A 236 16.35 61.52 1.06
CA LYS A 236 16.24 60.39 1.98
C LYS A 236 17.12 59.21 1.52
N THR A 237 17.93 59.43 0.51
CA THR A 237 18.86 58.42 -0.01
C THR A 237 20.33 58.78 0.23
N ARG A 238 21.18 57.77 0.18
CA ARG A 238 22.61 57.95 0.36
C ARG A 238 23.33 56.78 -0.29
N PHE A 239 23.64 56.92 -1.57
CA PHE A 239 24.21 55.83 -2.36
C PHE A 239 25.63 56.19 -2.77
N GLY A 240 26.57 55.28 -2.49
CA GLY A 240 27.95 55.45 -2.88
C GLY A 240 28.88 55.15 -1.71
N GLU A 241 30.11 55.64 -1.77
CA GLU A 241 31.06 55.45 -0.68
C GLU A 241 30.51 56.14 0.57
N LYS A 242 29.71 57.18 0.37
CA LYS A 242 29.13 57.93 1.46
C LYS A 242 28.03 57.14 2.16
N GLY A 243 27.61 56.03 1.55
CA GLY A 243 26.52 55.23 2.09
C GLY A 243 26.93 53.86 2.53
N LYS A 244 28.23 53.63 2.65
CA LYS A 244 28.71 52.31 3.04
C LYS A 244 28.68 52.11 4.54
N VAL A 245 27.96 51.08 4.98
CA VAL A 245 27.90 50.75 6.39
C VAL A 245 29.12 49.93 6.80
N THR A 246 29.81 50.39 7.85
CA THR A 246 30.99 49.69 8.32
C THR A 246 30.76 49.08 9.70
N LYS A 247 29.99 49.77 10.54
CA LYS A 247 29.67 49.26 11.88
C LYS A 247 28.18 49.33 12.23
N VAL A 248 27.69 48.30 12.89
CA VAL A 248 26.35 48.33 13.47
C VAL A 248 26.42 48.06 14.98
N ASN A 249 25.96 49.03 15.77
CA ASN A 249 25.90 48.88 17.22
C ASN A 249 24.47 48.59 17.65
N ALA A 250 24.10 47.32 17.66
CA ALA A 250 22.73 46.90 17.91
C ALA A 250 22.18 47.46 19.22
N ASN A 251 23.04 47.62 20.21
CA ASN A 251 22.62 48.02 21.56
C ASN A 251 22.28 49.50 21.68
N ASN A 252 23.01 50.34 20.97
CA ASN A 252 22.74 51.78 20.95
C ASN A 252 21.86 52.16 19.77
N LYS A 253 21.42 51.15 19.02
CA LYS A 253 20.70 51.35 17.77
C LYS A 253 21.36 52.46 16.94
N THR A 254 22.64 52.27 16.69
CA THR A 254 23.42 53.25 15.95
C THR A 254 24.21 52.59 14.83
N VAL A 255 24.15 53.17 13.65
CA VAL A 255 24.91 52.70 12.51
C VAL A 255 25.99 53.73 12.15
N THR A 256 27.20 53.24 11.85
CA THR A 256 28.29 54.11 11.44
C THR A 256 28.71 53.86 9.99
N LEU A 257 28.72 54.92 9.19
CA LEU A 257 29.11 54.79 7.79
C LEU A 257 30.62 54.94 7.62
N GLN A 258 31.12 54.60 6.44
CA GLN A 258 32.56 54.60 6.20
C GLN A 258 33.18 55.98 6.43
N ASP A 259 32.50 57.03 5.97
CA ASP A 259 33.02 58.39 6.15
C ASP A 259 32.80 58.92 7.57
N GLY A 260 32.42 58.04 8.49
CA GLY A 260 32.29 58.41 9.90
C GLY A 260 30.94 58.92 10.35
N THR A 261 30.03 59.10 9.40
CA THR A 261 28.67 59.54 9.73
C THR A 261 27.97 58.50 10.60
N THR A 262 27.27 58.96 11.63
CA THR A 262 26.47 58.06 12.47
C THR A 262 24.98 58.28 12.26
N ILE A 263 24.23 57.18 12.23
CA ILE A 263 22.79 57.26 12.08
C ILE A 263 22.12 56.47 13.19
N GLY A 264 21.27 57.16 13.96
CA GLY A 264 20.47 56.49 14.97
C GLY A 264 19.15 56.02 14.37
N TYR A 265 18.64 54.90 14.85
CA TYR A 265 17.37 54.39 14.36
C TYR A 265 16.54 53.77 15.48
N LYS A 266 15.24 53.65 15.25
CA LYS A 266 14.39 52.87 16.15
C LYS A 266 14.24 51.45 15.62
N LYS A 267 14.09 51.32 14.30
CA LYS A 267 13.95 50.01 13.67
C LYS A 267 14.93 49.91 12.52
N LEU A 268 15.54 48.75 12.35
CA LEU A 268 16.50 48.53 11.27
C LEU A 268 16.02 47.46 10.30
N VAL A 269 15.99 47.79 9.02
CA VAL A 269 15.76 46.82 7.97
C VAL A 269 17.07 46.65 7.24
N SER A 270 17.71 45.50 7.43
CA SER A 270 19.02 45.24 6.83
C SER A 270 18.91 44.24 5.69
N THR A 271 19.33 44.66 4.50
CA THR A 271 19.24 43.79 3.32
C THR A 271 20.60 43.26 2.86
N MET A 272 21.67 43.62 3.57
CA MET A 272 22.98 43.09 3.19
C MET A 272 23.02 41.62 3.59
N ALA A 273 24.00 40.88 3.09
CA ALA A 273 24.17 39.48 3.47
C ALA A 273 24.27 39.34 4.98
N VAL A 274 23.50 38.43 5.58
CA VAL A 274 23.41 38.39 7.04
C VAL A 274 24.73 38.04 7.71
N ASP A 275 25.59 37.30 7.01
CA ASP A 275 26.93 37.04 7.50
C ASP A 275 27.76 38.33 7.60
N PHE A 276 27.62 39.22 6.62
CA PHE A 276 28.27 40.53 6.67
C PHE A 276 27.73 41.39 7.80
N LEU A 277 26.43 41.28 8.06
CA LEU A 277 25.80 42.07 9.11
C LEU A 277 26.37 41.65 10.47
N ALA A 278 26.57 40.36 10.66
CA ALA A 278 27.11 39.86 11.91
C ALA A 278 28.49 40.46 12.14
N GLU A 279 29.34 40.39 11.10
CA GLU A 279 30.68 40.95 11.18
C GLU A 279 30.60 42.42 11.54
N ALA A 280 29.69 43.15 10.91
CA ALA A 280 29.58 44.58 11.12
C ALA A 280 29.08 44.91 12.52
N MET A 281 28.34 43.95 13.12
CA MET A 281 27.82 44.10 14.47
C MET A 281 28.87 43.73 15.50
N ASN A 282 30.00 43.22 15.02
CA ASN A 282 31.03 42.62 15.89
C ASN A 282 30.38 41.74 16.95
N ASP A 283 29.42 40.92 16.50
CA ASP A 283 28.70 39.99 17.36
C ASP A 283 29.22 38.59 17.09
N GLN A 284 30.13 38.13 17.94
CA GLN A 284 30.79 36.84 17.73
C GLN A 284 29.82 35.64 17.75
N GLU A 285 28.71 35.74 18.48
CA GLU A 285 27.75 34.65 18.50
C GLU A 285 27.02 34.55 17.15
N LEU A 286 26.57 35.70 16.65
CA LEU A 286 25.99 35.76 15.31
C LEU A 286 26.98 35.30 14.25
N VAL A 287 28.25 35.68 14.38
CA VAL A 287 29.25 35.30 13.39
C VAL A 287 29.34 33.78 13.28
N GLY A 288 29.35 33.11 14.42
CA GLY A 288 29.44 31.66 14.44
C GLY A 288 28.22 30.99 13.83
N LEU A 289 27.06 31.58 14.06
CA LEU A 289 25.83 31.04 13.49
C LEU A 289 25.78 31.24 11.96
N THR A 290 26.13 32.42 11.48
CA THR A 290 26.07 32.68 10.04
C THR A 290 27.05 31.79 9.28
N LYS A 291 28.13 31.38 9.94
CA LYS A 291 29.09 30.48 9.33
C LYS A 291 28.56 29.06 9.16
N GLN A 292 27.38 28.80 9.71
CA GLN A 292 26.74 27.50 9.50
C GLN A 292 25.89 27.52 8.23
N LEU A 293 25.68 28.70 7.67
CA LEU A 293 24.95 28.81 6.40
C LEU A 293 25.90 28.50 5.26
N PHE A 294 25.33 28.14 4.12
CA PHE A 294 26.14 27.87 2.95
C PHE A 294 25.63 28.68 1.76
N TYR A 295 26.56 29.16 0.94
CA TYR A 295 26.22 29.81 -0.33
C TYR A 295 27.19 29.43 -1.44
N SER A 296 26.77 29.60 -2.68
CA SER A 296 27.68 29.38 -3.81
C SER A 296 27.98 30.70 -4.50
N SER A 297 29.13 30.77 -5.15
CA SER A 297 29.50 31.95 -5.92
C SER A 297 29.08 31.78 -7.38
N THR A 298 28.83 32.88 -8.07
CA THR A 298 28.42 32.83 -9.48
C THR A 298 29.43 33.55 -10.36
N HIS A 299 29.95 32.85 -11.36
CA HIS A 299 30.73 33.53 -12.39
C HIS A 299 29.79 33.85 -13.55
N VAL A 300 29.77 35.11 -13.98
CA VAL A 300 29.02 35.49 -15.17
C VAL A 300 29.99 35.75 -16.30
N ILE A 301 29.87 34.98 -17.39
CA ILE A 301 30.68 35.22 -18.57
C ILE A 301 29.80 35.72 -19.73
N GLY A 302 30.25 36.77 -20.41
CA GLY A 302 29.52 37.38 -21.49
C GLY A 302 30.32 37.29 -22.79
N VAL A 303 29.64 36.91 -23.87
CA VAL A 303 30.29 36.81 -25.19
C VAL A 303 29.51 37.53 -26.27
N GLY A 304 30.15 38.50 -26.91
CA GLY A 304 29.56 39.27 -28.00
C GLY A 304 30.02 38.72 -29.34
N VAL A 305 29.09 38.42 -30.23
CA VAL A 305 29.41 37.68 -31.46
C VAL A 305 28.96 38.44 -32.69
N ARG A 306 29.80 38.49 -33.72
CA ARG A 306 29.42 39.16 -34.97
C ARG A 306 28.53 38.27 -35.81
N GLY A 307 27.50 38.87 -36.40
CA GLY A 307 26.63 38.17 -37.33
C GLY A 307 25.16 38.33 -36.98
N SER A 308 24.27 38.12 -37.95
CA SER A 308 22.85 38.10 -37.65
C SER A 308 22.59 36.81 -36.89
N ARG A 309 21.50 36.79 -36.13
CA ARG A 309 21.20 35.64 -35.27
C ARG A 309 21.14 34.34 -36.06
N PRO A 310 21.99 33.36 -35.71
CA PRO A 310 21.99 32.10 -36.46
C PRO A 310 20.68 31.33 -36.31
N GLU A 311 20.27 30.61 -37.36
CA GLU A 311 19.04 29.80 -37.34
C GLU A 311 19.06 28.77 -36.22
N ARG A 312 20.23 28.20 -35.94
CA ARG A 312 20.36 27.19 -34.87
C ARG A 312 20.05 27.79 -33.49
N ILE A 313 20.13 29.11 -33.38
CA ILE A 313 19.82 29.79 -32.12
C ILE A 313 18.33 30.20 -32.08
N GLY A 314 17.86 30.90 -33.10
CA GLY A 314 16.44 31.25 -33.20
C GLY A 314 15.92 32.01 -31.98
N ASP A 315 14.69 31.69 -31.58
CA ASP A 315 14.03 32.42 -30.49
C ASP A 315 14.35 31.89 -29.09
N LYS A 316 15.36 31.02 -28.98
CA LYS A 316 15.76 30.49 -27.66
C LYS A 316 15.98 31.62 -26.65
N CYS A 317 15.51 31.42 -25.43
CA CYS A 317 15.74 32.41 -24.37
C CYS A 317 16.83 31.94 -23.42
N TRP A 318 16.54 30.91 -22.61
CA TRP A 318 17.59 30.32 -21.79
C TRP A 318 17.70 28.80 -21.94
N LEU A 319 18.90 28.29 -21.65
CA LEU A 319 19.26 26.92 -21.99
C LEU A 319 20.00 26.25 -20.82
N TYR A 320 19.71 24.97 -20.59
CA TYR A 320 20.32 24.24 -19.48
C TYR A 320 21.37 23.26 -19.97
N PHE A 321 22.46 23.12 -19.22
CA PHE A 321 23.51 22.18 -19.63
C PHE A 321 23.92 21.23 -18.49
N PRO A 322 23.28 20.05 -18.43
CA PRO A 322 23.61 19.04 -17.42
C PRO A 322 24.91 18.30 -17.72
N GLU A 323 25.38 18.35 -18.96
CA GLU A 323 26.54 17.54 -19.36
C GLU A 323 27.93 18.13 -19.08
N ASP A 324 28.96 17.32 -19.33
CA ASP A 324 30.33 17.67 -18.92
C ASP A 324 31.18 18.35 -19.98
N ASN A 325 30.62 18.58 -21.16
CA ASN A 325 31.42 19.17 -22.23
C ASN A 325 31.47 20.71 -22.16
N CYS A 326 30.99 21.27 -21.07
CA CYS A 326 30.99 22.72 -20.88
C CYS A 326 30.90 22.99 -19.39
N PRO A 327 31.47 24.11 -18.92
CA PRO A 327 31.47 24.36 -17.47
C PRO A 327 30.26 25.13 -16.98
N PHE A 328 29.51 25.74 -17.88
CA PHE A 328 28.37 26.52 -17.43
C PHE A 328 27.12 25.65 -17.25
N TYR A 329 26.24 26.03 -16.32
CA TYR A 329 24.98 25.29 -16.17
C TYR A 329 23.86 25.88 -17.01
N ARG A 330 24.03 27.14 -17.42
CA ARG A 330 22.99 27.85 -18.17
C ARG A 330 23.53 28.92 -19.12
N ALA A 331 22.89 29.06 -20.28
CA ALA A 331 23.19 30.13 -21.21
C ALA A 331 21.92 30.90 -21.56
N THR A 332 22.07 32.20 -21.72
CA THR A 332 20.96 33.07 -22.11
C THR A 332 21.31 33.75 -23.43
N ILE A 333 20.40 33.73 -24.39
CA ILE A 333 20.59 34.50 -25.62
C ILE A 333 20.15 35.91 -25.26
N PHE A 334 21.03 36.64 -24.58
CA PHE A 334 20.68 37.93 -24.00
C PHE A 334 20.25 38.95 -25.06
N SER A 335 20.77 38.78 -26.27
CA SER A 335 20.40 39.65 -27.39
C SER A 335 18.96 39.43 -27.86
N ASN A 336 18.34 38.31 -27.45
CA ASN A 336 16.91 38.11 -27.72
C ASN A 336 15.99 38.92 -26.81
N TYR A 337 16.50 39.35 -25.66
CA TYR A 337 15.65 40.04 -24.67
C TYR A 337 15.35 41.49 -25.04
N SER A 338 16.28 42.12 -25.76
CA SER A 338 16.12 43.53 -26.18
C SER A 338 17.21 43.89 -27.18
N PRO A 339 16.84 44.63 -28.25
CA PRO A 339 17.86 45.03 -29.22
C PRO A 339 18.86 46.01 -28.61
N TYR A 340 18.52 46.64 -27.48
CA TYR A 340 19.45 47.57 -26.84
C TYR A 340 20.39 46.91 -25.83
N ASN A 341 20.48 45.58 -25.83
CA ASN A 341 21.40 44.86 -24.98
C ASN A 341 22.80 44.73 -25.60
N GLN A 342 22.92 45.14 -26.86
CA GLN A 342 24.18 45.09 -27.60
C GLN A 342 24.19 46.21 -28.66
N PRO A 343 25.32 46.41 -29.34
CA PRO A 343 25.41 47.52 -30.29
C PRO A 343 24.54 47.32 -31.53
N GLU A 344 24.16 48.43 -32.16
CA GLU A 344 23.43 48.40 -33.42
C GLU A 344 24.33 47.88 -34.54
N ALA A 345 23.72 47.43 -35.63
CA ALA A 345 24.45 46.80 -36.72
C ALA A 345 25.53 47.71 -37.34
N SER A 346 25.30 49.02 -37.34
CA SER A 346 26.23 49.95 -37.97
C SER A 346 27.48 50.16 -37.12
N ALA A 347 27.47 49.70 -35.88
CA ALA A 347 28.65 49.85 -35.02
C ALA A 347 29.84 49.02 -35.53
N ALA A 348 31.01 49.67 -35.62
CA ALA A 348 32.19 48.98 -36.12
C ALA A 348 33.07 48.49 -34.97
N LEU A 349 33.47 47.22 -35.02
CA LEU A 349 34.27 46.64 -33.93
C LEU A 349 35.19 45.61 -34.51
N PRO A 350 36.44 45.59 -34.04
CA PRO A 350 37.34 44.57 -34.58
C PRO A 350 37.03 43.23 -33.92
N THR A 351 37.32 42.13 -34.62
CA THR A 351 37.28 40.80 -34.02
C THR A 351 38.42 40.65 -33.02
N MET A 352 38.09 40.22 -31.81
CA MET A 352 39.09 39.92 -30.78
C MET A 352 39.67 38.52 -30.91
N GLN A 353 38.83 37.55 -31.30
CA GLN A 353 39.26 36.17 -31.45
C GLN A 353 38.19 35.39 -32.19
N LEU A 354 38.57 34.26 -32.77
CA LEU A 354 37.60 33.32 -33.28
C LEU A 354 37.18 32.43 -32.11
N ALA A 355 36.02 31.81 -32.24
CA ALA A 355 35.50 30.97 -31.15
C ALA A 355 36.43 29.78 -30.89
N ASP A 356 37.16 29.33 -31.90
CA ASP A 356 38.07 28.20 -31.69
C ASP A 356 39.32 28.61 -30.92
N GLY A 357 39.44 29.89 -30.59
CA GLY A 357 40.55 30.39 -29.78
C GLY A 357 41.66 31.05 -30.58
N SER A 358 41.58 30.98 -31.90
CA SER A 358 42.65 31.51 -32.74
C SER A 358 42.47 33.00 -33.05
N ARG A 359 43.51 33.61 -33.61
CA ARG A 359 43.50 35.04 -33.90
C ARG A 359 42.79 35.30 -35.23
N PRO A 360 42.10 36.43 -35.32
CA PRO A 360 41.35 36.79 -36.52
C PRO A 360 42.28 37.02 -37.71
N GLN A 361 41.79 36.75 -38.93
CA GLN A 361 42.54 37.00 -40.14
C GLN A 361 42.75 38.50 -40.35
N SER A 362 41.90 39.31 -39.72
CA SER A 362 41.97 40.77 -39.86
C SER A 362 41.77 41.50 -38.54
N THR A 363 42.64 42.46 -38.26
CA THR A 363 42.52 43.32 -37.10
C THR A 363 41.53 44.49 -37.30
N GLU A 364 41.05 44.64 -38.54
CA GLU A 364 40.21 45.77 -38.94
C GLU A 364 38.78 45.76 -38.34
N ALA A 365 38.37 46.89 -37.79
CA ALA A 365 37.00 47.06 -37.31
C ALA A 365 36.02 46.87 -38.46
N LYS A 366 34.98 46.07 -38.20
CA LYS A 366 33.94 45.78 -39.18
C LYS A 366 32.57 46.01 -38.55
N GLU A 367 31.53 46.00 -39.37
CA GLU A 367 30.19 46.26 -38.87
C GLU A 367 29.56 44.98 -38.31
N GLY A 368 28.35 45.11 -37.78
CA GLY A 368 27.58 43.97 -37.29
C GLY A 368 26.78 43.31 -38.39
N PRO A 369 25.56 42.84 -38.06
CA PRO A 369 24.90 42.91 -36.74
C PRO A 369 25.58 42.05 -35.69
N TYR A 370 25.09 42.15 -34.44
CA TYR A 370 25.69 41.41 -33.33
C TYR A 370 24.64 40.65 -32.53
N TRP A 371 25.02 39.50 -31.99
CA TRP A 371 24.21 38.82 -30.98
C TRP A 371 25.09 38.53 -29.78
N SER A 372 24.51 37.99 -28.72
CA SER A 372 25.15 38.01 -27.41
C SER A 372 24.72 36.84 -26.53
N ILE A 373 25.70 36.14 -25.97
CA ILE A 373 25.45 35.01 -25.11
C ILE A 373 25.96 35.28 -23.70
N MET A 374 25.12 35.01 -22.71
CA MET A 374 25.47 35.21 -21.30
C MET A 374 25.48 33.87 -20.56
N LEU A 375 26.59 33.55 -19.90
CA LEU A 375 26.82 32.23 -19.32
C LEU A 375 27.01 32.29 -17.82
N GLU A 376 26.61 31.24 -17.12
CA GLU A 376 26.75 31.15 -15.66
C GLU A 376 27.49 29.90 -15.20
N VAL A 377 28.48 30.10 -14.35
CA VAL A 377 29.24 29.00 -13.77
C VAL A 377 29.26 29.15 -12.24
N SER A 378 28.90 28.08 -11.52
CA SER A 378 28.90 28.15 -10.06
C SER A 378 30.23 27.70 -9.47
N GLU A 379 30.53 28.19 -8.28
CA GLU A 379 31.71 27.78 -7.53
C GLU A 379 31.40 27.68 -6.05
N SER A 380 32.01 26.71 -5.36
CA SER A 380 31.96 26.62 -3.91
C SER A 380 33.13 25.78 -3.39
N SER A 381 33.26 25.68 -2.08
CA SER A 381 34.30 24.82 -1.50
C SER A 381 34.20 23.35 -1.91
N MET A 382 33.04 22.94 -2.43
CA MET A 382 32.84 21.58 -2.91
C MET A 382 33.01 21.47 -4.43
N LYS A 383 33.08 22.60 -5.11
CA LYS A 383 33.22 22.60 -6.56
C LYS A 383 34.11 23.76 -6.98
N PRO A 384 35.43 23.56 -6.93
CA PRO A 384 36.33 24.66 -7.23
C PRO A 384 36.34 25.02 -8.70
N VAL A 385 36.65 26.28 -8.99
CA VAL A 385 36.79 26.78 -10.35
C VAL A 385 38.15 27.43 -10.54
N ASN A 386 38.82 27.12 -11.65
CA ASN A 386 40.05 27.82 -12.01
C ASN A 386 39.67 29.15 -12.63
N GLN A 387 39.86 30.22 -11.87
CA GLN A 387 39.40 31.54 -12.25
C GLN A 387 40.19 32.09 -13.45
N GLU A 388 41.42 31.62 -13.61
CA GLU A 388 42.27 32.13 -14.68
C GLU A 388 41.87 31.57 -16.04
N THR A 389 41.35 30.36 -16.07
CA THR A 389 41.02 29.76 -17.38
C THR A 389 39.52 29.74 -17.70
N ILE A 390 38.66 30.13 -16.74
CA ILE A 390 37.21 29.97 -16.89
C ILE A 390 36.59 30.66 -18.13
N LEU A 391 37.15 31.79 -18.55
CA LEU A 391 36.64 32.47 -19.76
C LEU A 391 36.87 31.61 -21.02
N ALA A 392 38.09 31.16 -21.19
CA ALA A 392 38.45 30.33 -22.32
C ALA A 392 37.69 29.00 -22.28
N ASP A 393 37.53 28.43 -21.09
CA ASP A 393 36.77 27.19 -20.94
C ASP A 393 35.31 27.38 -21.33
N CYS A 394 34.75 28.52 -20.96
CA CYS A 394 33.39 28.82 -21.38
C CYS A 394 33.30 28.90 -22.91
N ILE A 395 34.24 29.59 -23.53
CA ILE A 395 34.17 29.75 -24.97
C ILE A 395 34.30 28.39 -25.67
N GLN A 396 35.23 27.55 -25.20
CA GLN A 396 35.37 26.22 -25.78
C GLN A 396 34.09 25.40 -25.57
N GLY A 397 33.42 25.63 -24.45
CA GLY A 397 32.16 24.94 -24.15
C GLY A 397 31.07 25.32 -25.15
N LEU A 398 31.05 26.60 -25.53
CA LEU A 398 30.14 27.09 -26.55
C LEU A 398 30.39 26.41 -27.90
N VAL A 399 31.65 26.18 -28.24
CA VAL A 399 31.99 25.42 -29.43
C VAL A 399 31.58 23.96 -29.26
N ASN A 400 31.88 23.38 -28.11
CA ASN A 400 31.56 21.98 -27.82
C ASN A 400 30.08 21.68 -27.99
N THR A 401 29.24 22.60 -27.50
CA THR A 401 27.80 22.43 -27.52
C THR A 401 27.16 22.93 -28.82
N GLU A 402 28.01 23.31 -29.79
CA GLU A 402 27.56 23.79 -31.10
C GLU A 402 26.79 25.10 -31.07
N MET A 403 26.80 25.80 -29.94
CA MET A 403 26.23 27.14 -29.89
C MET A 403 27.04 28.15 -30.72
N LEU A 404 28.34 27.93 -30.79
CA LEU A 404 29.22 28.70 -31.66
C LEU A 404 29.93 27.75 -32.60
N LYS A 405 30.08 28.19 -33.84
CA LYS A 405 30.95 27.51 -34.80
C LYS A 405 32.37 27.93 -34.50
N PRO A 406 33.34 27.06 -34.81
CA PRO A 406 34.75 27.40 -34.59
C PRO A 406 35.15 28.73 -35.23
N THR A 407 34.52 29.09 -36.35
CA THR A 407 34.91 30.28 -37.08
C THR A 407 34.11 31.53 -36.73
N ASP A 408 33.22 31.43 -35.75
CA ASP A 408 32.47 32.60 -35.32
C ASP A 408 33.41 33.65 -34.73
N GLU A 409 33.09 34.91 -34.98
CA GLU A 409 33.94 36.02 -34.56
C GLU A 409 33.41 36.67 -33.30
N ILE A 410 34.24 36.64 -32.26
CA ILE A 410 33.92 37.24 -30.98
C ILE A 410 34.46 38.65 -30.91
N VAL A 411 33.59 39.61 -30.57
CA VAL A 411 33.97 41.02 -30.55
C VAL A 411 33.98 41.65 -29.17
N SER A 412 33.59 40.88 -28.16
CA SER A 412 33.52 41.40 -26.79
C SER A 412 33.46 40.23 -25.80
N THR A 413 34.14 40.39 -24.68
CA THR A 413 34.08 39.39 -23.61
C THR A 413 33.90 40.07 -22.27
N TYR A 414 33.26 39.36 -21.34
CA TYR A 414 32.98 39.86 -20.01
C TYR A 414 33.10 38.68 -19.03
N HIS A 415 33.71 38.93 -17.89
CA HIS A 415 33.74 37.96 -16.81
C HIS A 415 33.78 38.68 -15.48
N ARG A 416 32.85 38.31 -14.60
CA ARG A 416 32.82 38.85 -13.27
C ARG A 416 32.32 37.77 -12.31
N ARG A 417 32.97 37.70 -11.16
CA ARG A 417 32.64 36.74 -10.12
C ARG A 417 31.86 37.48 -9.04
N PHE A 418 30.69 36.95 -8.71
CA PHE A 418 29.89 37.48 -7.61
C PHE A 418 29.98 36.50 -6.43
N ASP A 419 30.59 36.94 -5.34
CA ASP A 419 30.89 36.02 -4.24
C ASP A 419 29.64 35.38 -3.63
N HIS A 420 28.66 36.18 -3.25
CA HIS A 420 27.36 35.64 -2.82
C HIS A 420 26.39 35.57 -4.00
N GLY A 421 26.27 34.38 -4.60
CA GLY A 421 25.39 34.17 -5.73
C GLY A 421 24.06 33.52 -5.40
N TYR A 422 24.11 32.33 -4.80
CA TYR A 422 22.91 31.61 -4.37
C TYR A 422 23.00 31.24 -2.90
N PRO A 423 21.95 31.50 -2.13
CA PRO A 423 21.88 30.94 -0.77
C PRO A 423 21.38 29.50 -0.86
N THR A 424 22.23 28.56 -0.46
CA THR A 424 21.95 27.14 -0.65
C THR A 424 20.93 26.62 0.37
N PRO A 425 19.90 25.90 -0.11
CA PRO A 425 18.95 25.21 0.78
C PRO A 425 19.54 23.93 1.37
N THR A 426 20.53 24.05 2.24
CA THR A 426 21.12 22.86 2.86
C THR A 426 20.18 22.27 3.90
N LEU A 427 20.41 21.01 4.21
CA LEU A 427 19.72 20.36 5.31
C LEU A 427 19.74 21.20 6.61
N GLU A 428 20.85 21.90 6.85
CA GLU A 428 21.03 22.69 8.07
C GLU A 428 20.43 24.10 8.04
N ARG A 429 19.97 24.56 6.88
CA ARG A 429 19.58 25.97 6.74
C ARG A 429 18.60 26.46 7.80
N GLU A 430 17.46 25.78 7.91
CA GLU A 430 16.38 26.19 8.84
C GLU A 430 16.74 26.16 10.32
N GLY A 431 17.41 25.11 10.77
CA GLY A 431 17.88 25.03 12.14
C GLY A 431 18.78 26.21 12.49
N THR A 432 19.50 26.71 11.50
CA THR A 432 20.40 27.83 11.75
C THR A 432 19.65 29.15 11.68
N LEU A 433 18.73 29.28 10.72
CA LEU A 433 17.98 30.53 10.56
C LEU A 433 17.01 30.80 11.73
N THR A 434 16.41 29.74 12.28
CA THR A 434 15.53 29.92 13.44
C THR A 434 16.30 30.27 14.71
N GLN A 435 17.63 30.26 14.63
CA GLN A 435 18.44 30.84 15.69
C GLN A 435 18.76 32.29 15.32
N ILE A 436 19.28 32.50 14.13
CA ILE A 436 19.73 33.84 13.68
C ILE A 436 18.64 34.91 13.65
N LEU A 437 17.55 34.65 12.95
CA LEU A 437 16.56 35.69 12.68
C LEU A 437 15.83 36.22 13.93
N PRO A 438 15.41 35.32 14.83
CA PRO A 438 14.76 35.78 16.07
C PRO A 438 15.74 36.53 16.96
N LYS A 439 16.98 36.07 17.03
CA LYS A 439 17.98 36.79 17.80
C LYS A 439 18.16 38.23 17.29
N LEU A 440 18.15 38.41 15.97
CA LEU A 440 18.22 39.76 15.39
C LEU A 440 16.94 40.53 15.62
N GLN A 441 15.82 39.81 15.56
CA GLN A 441 14.49 40.37 15.75
C GLN A 441 14.29 40.99 17.13
N ASP A 442 14.89 40.36 18.14
CA ASP A 442 14.85 40.87 19.51
C ASP A 442 15.51 42.23 19.61
N LYS A 443 16.38 42.56 18.65
CA LYS A 443 17.11 43.81 18.70
C LYS A 443 16.52 44.83 17.73
N ASP A 444 15.31 44.55 17.27
CA ASP A 444 14.62 45.40 16.30
C ASP A 444 15.37 45.51 14.99
N ILE A 445 15.92 44.39 14.55
CA ILE A 445 16.56 44.32 13.25
C ILE A 445 15.81 43.34 12.37
N TRP A 446 15.33 43.82 11.24
CA TRP A 446 14.67 42.98 10.26
C TRP A 446 15.68 42.69 9.15
N SER A 447 16.29 41.51 9.21
CA SER A 447 17.25 41.08 8.20
C SER A 447 16.48 40.32 7.13
N ARG A 448 16.44 40.87 5.92
CA ARG A 448 15.54 40.39 4.88
C ARG A 448 16.19 40.43 3.51
N GLY A 449 15.85 39.47 2.66
CA GLY A 449 16.32 39.49 1.29
C GLY A 449 17.02 38.20 0.89
N ARG A 450 17.57 38.16 -0.33
CA ARG A 450 18.18 36.95 -0.85
C ARG A 450 19.25 36.43 0.11
N PHE A 451 20.12 37.33 0.57
CA PHE A 451 21.08 36.95 1.61
C PHE A 451 20.74 37.56 2.95
N GLY A 452 19.79 38.50 2.96
CA GLY A 452 19.28 39.05 4.20
C GLY A 452 18.60 37.96 5.01
N SER A 453 17.80 37.14 4.34
CA SER A 453 17.08 36.07 5.01
C SER A 453 17.36 34.67 4.41
N TRP A 454 18.13 34.63 3.33
CA TRP A 454 18.78 33.39 2.88
C TRP A 454 17.84 32.27 2.37
N ARG A 455 16.63 32.63 1.95
CA ARG A 455 15.68 31.62 1.46
C ARG A 455 15.45 31.75 -0.04
N TYR A 456 16.11 30.87 -0.78
CA TYR A 456 16.09 30.89 -2.23
C TYR A 456 14.68 30.75 -2.80
N GLU A 457 13.80 30.00 -2.13
CA GLU A 457 12.45 29.80 -2.64
C GLU A 457 11.64 31.11 -2.72
N VAL A 458 12.05 32.10 -1.94
CA VAL A 458 11.52 33.45 -2.05
C VAL A 458 12.71 34.37 -2.29
N GLY A 459 13.49 34.04 -3.31
CA GLY A 459 14.74 34.73 -3.58
C GLY A 459 14.85 35.48 -4.91
N ASN A 460 13.75 35.58 -5.67
CA ASN A 460 13.74 36.37 -6.92
C ASN A 460 13.46 37.85 -6.67
N GLN A 461 13.48 38.64 -7.74
CA GLN A 461 13.33 40.10 -7.63
C GLN A 461 12.04 40.51 -6.94
N ASP A 462 10.93 39.89 -7.33
CA ASP A 462 9.65 40.22 -6.72
C ASP A 462 9.57 39.78 -5.24
N HIS A 463 9.98 38.56 -4.94
CA HIS A 463 10.03 38.11 -3.55
C HIS A 463 10.85 39.09 -2.71
N SER A 464 12.03 39.45 -3.23
CA SER A 464 12.92 40.31 -2.49
C SER A 464 12.25 41.65 -2.20
N PHE A 465 11.76 42.29 -3.25
CA PHE A 465 11.06 43.56 -3.13
C PHE A 465 10.01 43.46 -2.02
N MET A 466 9.20 42.41 -2.06
CA MET A 466 8.09 42.27 -1.10
C MET A 466 8.56 41.92 0.33
N LEU A 467 9.70 41.25 0.45
CA LEU A 467 10.28 41.02 1.77
C LEU A 467 10.54 42.36 2.43
N GLY A 468 10.96 43.33 1.61
CA GLY A 468 11.19 44.67 2.08
C GLY A 468 9.90 45.40 2.41
N VAL A 469 8.94 45.34 1.49
CA VAL A 469 7.63 45.94 1.70
C VAL A 469 7.00 45.39 2.99
N GLU A 470 6.99 44.06 3.11
CA GLU A 470 6.34 43.38 4.23
C GLU A 470 7.05 43.61 5.57
N ALA A 471 8.36 43.75 5.54
CA ALA A 471 9.10 44.10 6.74
C ALA A 471 8.58 45.44 7.28
N VAL A 472 8.45 46.44 6.40
CA VAL A 472 7.94 47.74 6.79
C VAL A 472 6.48 47.63 7.29
N ASP A 473 5.70 46.83 6.60
CA ASP A 473 4.30 46.68 6.94
C ASP A 473 4.13 46.01 8.31
N ASN A 474 5.10 45.17 8.66
CA ASN A 474 5.10 44.54 9.97
C ASN A 474 5.51 45.57 11.03
N ILE A 475 6.50 46.39 10.69
CA ILE A 475 7.01 47.40 11.62
C ILE A 475 5.97 48.48 11.93
N VAL A 476 5.28 48.93 10.88
CA VAL A 476 4.27 49.97 11.02
C VAL A 476 2.84 49.48 11.32
N ASN A 477 2.38 48.46 10.61
CA ASN A 477 0.96 48.09 10.60
C ASN A 477 0.66 46.71 11.20
N GLY A 478 1.66 46.09 11.83
CA GLY A 478 1.49 44.78 12.40
C GLY A 478 1.09 43.67 11.43
N ALA A 479 1.50 43.79 10.16
CA ALA A 479 1.18 42.78 9.15
C ALA A 479 1.99 41.50 9.37
N VAL A 480 1.45 40.39 8.86
CA VAL A 480 2.18 39.13 8.87
C VAL A 480 3.29 39.18 7.80
N GLU A 481 4.47 38.69 8.14
CA GLU A 481 5.52 38.59 7.13
C GLU A 481 5.37 37.28 6.34
N LEU A 482 4.49 37.30 5.35
CA LEU A 482 4.05 36.08 4.69
C LEU A 482 5.07 35.48 3.75
N THR A 483 5.73 36.34 2.95
CA THR A 483 6.75 35.88 2.02
C THR A 483 7.89 35.27 2.80
N LEU A 484 8.29 35.92 3.89
CA LEU A 484 9.37 35.41 4.71
C LEU A 484 9.08 34.01 5.30
N ASN A 485 7.91 33.83 5.92
CA ASN A 485 7.66 32.62 6.68
C ASN A 485 6.85 31.54 5.97
N TYR A 486 6.15 31.93 4.90
CA TYR A 486 5.30 30.98 4.19
C TYR A 486 5.45 31.04 2.67
N PRO A 487 6.61 30.63 2.15
CA PRO A 487 6.89 30.75 0.72
C PRO A 487 5.81 30.07 -0.13
N ASP A 488 5.35 28.91 0.30
CA ASP A 488 4.37 28.14 -0.48
C ASP A 488 3.03 28.87 -0.56
N PHE A 489 2.75 29.64 0.48
CA PHE A 489 1.52 30.39 0.57
C PHE A 489 1.51 31.50 -0.48
N VAL A 490 2.56 32.32 -0.49
CA VAL A 490 2.62 33.43 -1.44
C VAL A 490 2.84 32.99 -2.89
N ASN A 491 3.62 31.93 -3.11
CA ASN A 491 3.85 31.43 -4.47
C ASN A 491 2.64 30.72 -5.07
N GLY A 492 1.71 30.30 -4.22
CA GLY A 492 0.56 29.55 -4.70
C GLY A 492 -0.70 30.38 -4.97
N ARG A 493 -0.59 31.70 -4.88
CA ARG A 493 -1.75 32.55 -5.03
C ARG A 493 -1.34 33.81 -5.74
N GLN A 494 -2.32 34.54 -6.27
CA GLN A 494 -2.07 35.89 -6.75
C GLN A 494 -2.28 36.81 -5.57
N ASN A 495 -1.25 37.58 -5.25
CA ASN A 495 -1.34 38.51 -4.13
C ASN A 495 -1.78 39.87 -4.65
N THR A 496 -3.07 40.13 -4.55
CA THR A 496 -3.70 41.28 -5.18
C THR A 496 -4.02 42.39 -4.20
N GLU A 497 -3.99 42.10 -2.91
CA GLU A 497 -4.55 42.99 -1.90
C GLU A 497 -3.74 44.28 -1.70
N ARG A 498 -2.43 44.15 -1.51
CA ARG A 498 -1.59 45.31 -1.24
C ARG A 498 -1.25 46.06 -2.53
N ARG A 499 -1.56 47.35 -2.57
CA ARG A 499 -1.37 48.16 -3.77
C ARG A 499 -0.54 49.41 -3.49
N LEU A 500 0.01 50.01 -4.54
CA LEU A 500 0.80 51.24 -4.40
C LEU A 500 -0.10 52.38 -3.91
N VAL A 501 -1.38 52.34 -4.28
CA VAL A 501 -2.36 53.25 -3.69
C VAL A 501 -3.40 52.46 -2.88
N ASP A 502 -3.23 52.42 -1.56
CA ASP A 502 -4.18 51.75 -0.66
C ASP A 502 -5.29 52.72 -0.22
N GLY A 503 -6.31 52.20 0.47
CA GLY A 503 -7.37 53.04 0.98
C GLY A 503 -6.86 54.16 1.86
N ALA A 504 -5.85 53.86 2.67
CA ALA A 504 -5.21 54.88 3.51
C ALA A 504 -4.86 56.16 2.75
N GLN A 505 -4.37 56.02 1.51
CA GLN A 505 -4.02 57.21 0.74
C GLN A 505 -5.26 57.84 0.07
N VAL A 506 -6.16 57.01 -0.47
CA VAL A 506 -7.41 57.53 -1.02
C VAL A 506 -8.18 58.37 0.01
N PHE A 507 -8.33 57.84 1.23
CA PHE A 507 -9.08 58.53 2.27
C PHE A 507 -8.36 59.77 2.79
N ALA A 508 -7.03 59.70 2.88
CA ALA A 508 -6.25 60.84 3.35
C ALA A 508 -6.34 62.04 2.41
N LYS A 509 -6.45 61.77 1.10
CA LYS A 509 -6.43 62.84 0.10
C LYS A 509 -7.78 63.60 0.00
N SER A 510 -8.53 63.61 1.09
CA SER A 510 -9.81 64.29 1.14
C SER A 510 -10.09 64.92 2.51
N HIS B 6 31.60 -61.56 -7.02
CA HIS B 6 30.23 -61.75 -6.53
C HIS B 6 30.16 -61.58 -4.99
N PRO B 7 29.19 -60.78 -4.51
CA PRO B 7 29.07 -60.52 -3.07
C PRO B 7 28.36 -61.65 -2.32
N ASP B 8 28.41 -61.62 -1.00
CA ASP B 8 27.78 -62.65 -0.17
C ASP B 8 26.26 -62.67 -0.33
N ILE B 9 25.67 -61.49 -0.47
CA ILE B 9 24.22 -61.37 -0.55
C ILE B 9 23.81 -60.43 -1.68
N SER B 10 22.70 -60.76 -2.34
CA SER B 10 22.21 -59.93 -3.44
C SER B 10 20.72 -59.69 -3.33
N VAL B 11 20.33 -58.42 -3.28
CA VAL B 11 18.92 -58.05 -3.22
C VAL B 11 18.66 -56.92 -4.23
N ASP B 12 17.41 -56.82 -4.70
CA ASP B 12 17.03 -55.71 -5.55
C ASP B 12 17.14 -54.40 -4.79
N VAL B 13 16.61 -54.39 -3.58
CA VAL B 13 16.56 -53.16 -2.79
C VAL B 13 17.11 -53.39 -1.39
N LEU B 14 18.16 -52.65 -1.06
CA LEU B 14 18.76 -52.68 0.27
C LEU B 14 18.34 -51.45 1.06
N VAL B 15 17.92 -51.67 2.30
CA VAL B 15 17.54 -50.57 3.18
C VAL B 15 18.53 -50.48 4.34
N ILE B 16 19.15 -49.32 4.48
CA ILE B 16 20.06 -49.10 5.60
C ILE B 16 19.40 -48.28 6.68
N GLY B 17 19.35 -48.85 7.88
CA GLY B 17 18.76 -48.17 9.02
C GLY B 17 17.35 -48.69 9.28
N ALA B 18 17.02 -48.86 10.55
CA ALA B 18 15.73 -49.36 10.94
C ALA B 18 15.10 -48.47 12.01
N GLY B 19 15.28 -47.16 11.87
CA GLY B 19 14.40 -46.21 12.53
C GLY B 19 13.10 -46.16 11.72
N PRO B 20 12.20 -45.24 12.06
CA PRO B 20 10.95 -45.11 11.32
C PRO B 20 11.14 -45.07 9.81
N THR B 21 12.11 -44.30 9.30
CA THR B 21 12.26 -44.24 7.84
C THR B 21 12.52 -45.61 7.20
N GLY B 22 13.57 -46.30 7.61
CA GLY B 22 13.86 -47.63 7.11
C GLY B 22 12.71 -48.61 7.26
N LEU B 23 12.09 -48.62 8.44
CA LEU B 23 10.97 -49.53 8.69
C LEU B 23 9.82 -49.24 7.72
N GLY B 24 9.66 -47.98 7.35
CA GLY B 24 8.68 -47.57 6.37
C GLY B 24 8.96 -48.18 5.00
N ALA B 25 10.20 -48.07 4.56
CA ALA B 25 10.61 -48.74 3.33
C ALA B 25 10.36 -50.25 3.42
N ALA B 26 10.79 -50.88 4.52
CA ALA B 26 10.63 -52.31 4.71
C ALA B 26 9.15 -52.71 4.67
N LYS B 27 8.28 -51.96 5.34
CA LYS B 27 6.87 -52.31 5.35
C LYS B 27 6.29 -52.25 3.93
N ARG B 28 6.67 -51.25 3.17
CA ARG B 28 6.14 -51.11 1.81
C ARG B 28 6.72 -52.21 0.89
N LEU B 29 8.00 -52.50 1.03
CA LEU B 29 8.59 -53.62 0.29
C LEU B 29 7.88 -54.94 0.62
N ASN B 30 7.60 -55.15 1.89
CA ASN B 30 6.95 -56.38 2.35
C ASN B 30 5.51 -56.50 1.87
N GLN B 31 4.80 -55.38 1.82
CA GLN B 31 3.45 -55.32 1.26
C GLN B 31 3.46 -55.62 -0.24
N ILE B 32 4.35 -54.94 -0.97
CA ILE B 32 4.39 -55.12 -2.41
C ILE B 32 4.78 -56.55 -2.76
N ASP B 33 5.81 -57.06 -2.09
CA ASP B 33 6.18 -58.46 -2.24
C ASP B 33 6.50 -58.75 -3.71
N GLY B 34 7.30 -57.87 -4.29
CA GLY B 34 7.80 -58.03 -5.64
C GLY B 34 9.30 -58.24 -5.57
N PRO B 35 10.06 -57.13 -5.73
CA PRO B 35 11.53 -57.13 -5.62
C PRO B 35 12.02 -57.71 -4.30
N SER B 36 13.11 -58.46 -4.35
CA SER B 36 13.78 -58.94 -3.16
C SER B 36 14.39 -57.74 -2.40
N TRP B 37 14.56 -57.90 -1.09
CA TRP B 37 15.03 -56.81 -0.26
C TRP B 37 15.52 -57.35 1.07
N MET B 38 16.24 -56.51 1.80
CA MET B 38 16.59 -56.74 3.18
C MET B 38 16.86 -55.41 3.87
N ILE B 39 16.82 -55.41 5.20
CA ILE B 39 17.05 -54.19 5.96
C ILE B 39 18.10 -54.44 7.03
N VAL B 40 19.05 -53.53 7.16
CA VAL B 40 20.11 -53.66 8.15
C VAL B 40 20.13 -52.47 9.12
N ASP B 41 20.62 -52.70 10.33
CA ASP B 41 20.81 -51.63 11.32
C ASP B 41 21.95 -52.03 12.25
N SER B 42 22.68 -51.04 12.74
CA SER B 42 23.80 -51.30 13.64
C SER B 42 23.34 -51.59 15.06
N ASN B 43 22.05 -51.41 15.29
CA ASN B 43 21.49 -51.63 16.61
C ASN B 43 20.57 -52.86 16.61
N GLU B 44 20.63 -53.66 17.67
CA GLU B 44 19.79 -54.86 17.82
C GLU B 44 18.31 -54.48 17.95
N THR B 45 18.05 -53.35 18.58
CA THR B 45 16.70 -52.84 18.76
C THR B 45 16.44 -51.73 17.73
N PRO B 46 15.47 -51.94 16.83
CA PRO B 46 15.14 -50.88 15.87
C PRO B 46 14.41 -49.73 16.55
N GLY B 47 14.34 -48.58 15.88
CA GLY B 47 13.63 -47.44 16.44
C GLY B 47 14.36 -46.11 16.31
N GLY B 48 15.69 -46.17 16.25
CA GLY B 48 16.51 -44.98 16.05
C GLY B 48 16.26 -43.89 17.09
N LEU B 49 16.08 -42.66 16.65
CA LEU B 49 15.72 -41.60 17.59
C LEU B 49 14.29 -41.74 18.13
N ALA B 50 13.55 -42.73 17.65
CA ALA B 50 12.22 -42.98 18.21
C ALA B 50 12.25 -44.19 19.16
N SER B 51 13.40 -44.38 19.82
CA SER B 51 13.61 -45.45 20.79
C SER B 51 13.37 -44.98 22.21
N THR B 52 13.46 -45.91 23.16
CA THR B 52 13.22 -45.60 24.57
C THR B 52 14.22 -46.31 25.50
N ASP B 53 14.80 -45.54 26.42
CA ASP B 53 15.70 -46.07 27.44
C ASP B 53 14.95 -46.24 28.78
N VAL B 54 15.53 -47.01 29.68
CA VAL B 54 14.98 -47.18 31.02
C VAL B 54 16.14 -47.11 32.01
N THR B 55 15.98 -46.33 33.09
CA THR B 55 16.99 -46.29 34.14
C THR B 55 16.99 -47.60 34.96
N PRO B 56 18.03 -47.81 35.80
CA PRO B 56 18.02 -49.00 36.67
C PRO B 56 16.87 -48.97 37.68
N GLU B 57 16.30 -47.80 37.96
CA GLU B 57 15.20 -47.71 38.92
C GLU B 57 13.85 -47.91 38.24
N GLY B 58 13.86 -48.11 36.93
CA GLY B 58 12.63 -48.42 36.20
C GLY B 58 11.90 -47.23 35.60
N PHE B 59 12.60 -46.11 35.44
CA PHE B 59 11.99 -44.97 34.75
C PHE B 59 12.35 -44.97 33.25
N LEU B 60 11.33 -44.93 32.39
CA LEU B 60 11.54 -44.89 30.95
C LEU B 60 11.76 -43.44 30.51
N TYR B 61 12.64 -43.24 29.52
CA TYR B 61 12.72 -41.95 28.79
C TYR B 61 12.83 -42.14 27.28
N ASP B 62 11.96 -41.44 26.55
CA ASP B 62 12.10 -41.34 25.10
C ASP B 62 13.29 -40.42 24.83
N VAL B 63 13.62 -40.24 23.55
CA VAL B 63 14.63 -39.26 23.16
C VAL B 63 14.01 -37.87 23.13
N GLY B 64 13.65 -37.35 24.30
CA GLY B 64 12.92 -36.09 24.39
C GLY B 64 11.44 -36.32 24.08
N GLY B 65 10.65 -35.27 24.17
CA GLY B 65 9.22 -35.38 23.98
C GLY B 65 8.85 -35.88 22.61
N HIS B 66 8.24 -37.07 22.57
CA HIS B 66 7.75 -37.67 21.33
C HIS B 66 6.26 -37.90 21.48
N VAL B 67 5.49 -37.30 20.59
CA VAL B 67 4.05 -37.41 20.63
C VAL B 67 3.57 -37.75 19.22
N ILE B 68 2.67 -38.72 19.11
CA ILE B 68 2.25 -39.18 17.79
C ILE B 68 1.04 -38.46 17.22
N PHE B 69 1.26 -37.75 16.11
CA PHE B 69 0.18 -37.16 15.32
C PHE B 69 0.43 -37.39 13.84
N SER B 70 -0.55 -37.99 13.16
CA SER B 70 -0.33 -38.53 11.82
C SER B 70 -1.05 -37.76 10.73
N HIS B 71 -0.35 -37.53 9.62
CA HIS B 71 -0.93 -36.91 8.44
C HIS B 71 -1.33 -37.96 7.41
N TYR B 72 -1.17 -39.23 7.74
CA TYR B 72 -1.25 -40.31 6.74
C TYR B 72 -1.96 -41.55 7.25
N LYS B 73 -2.96 -42.02 6.51
CA LYS B 73 -3.61 -43.28 6.87
C LYS B 73 -2.67 -44.48 6.78
N TYR B 74 -1.68 -44.44 5.90
CA TYR B 74 -0.78 -45.58 5.77
C TYR B 74 -0.02 -45.84 7.07
N PHE B 75 0.43 -44.76 7.69
CA PHE B 75 1.14 -44.79 8.96
C PHE B 75 0.21 -45.34 10.06
N ASP B 76 -1.05 -44.92 10.03
CA ASP B 76 -2.03 -45.41 11.00
C ASP B 76 -2.24 -46.92 10.83
N ASP B 77 -2.32 -47.37 9.58
CA ASP B 77 -2.55 -48.79 9.32
C ASP B 77 -1.43 -49.61 9.97
N CYS B 78 -0.20 -49.12 9.85
CA CYS B 78 0.92 -49.90 10.35
C CYS B 78 1.00 -49.87 11.87
N LEU B 79 0.70 -48.73 12.45
CA LEU B 79 0.72 -48.65 13.90
C LEU B 79 -0.38 -49.55 14.50
N ASP B 80 -1.55 -49.57 13.85
CA ASP B 80 -2.69 -50.36 14.35
C ASP B 80 -2.48 -51.86 14.20
N GLU B 81 -1.82 -52.25 13.10
CA GLU B 81 -1.42 -53.64 12.91
C GLU B 81 -0.43 -54.08 13.97
N ALA B 82 0.49 -53.17 14.32
CA ALA B 82 1.60 -53.51 15.21
C ALA B 82 1.11 -53.58 16.66
N LEU B 83 0.15 -52.73 17.00
CA LEU B 83 -0.39 -52.62 18.35
C LEU B 83 -1.92 -52.52 18.28
N PRO B 84 -2.61 -53.64 18.01
CA PRO B 84 -4.02 -53.66 17.60
C PRO B 84 -5.05 -53.51 18.71
N LYS B 85 -4.67 -53.76 19.97
CA LYS B 85 -5.63 -53.73 21.07
C LYS B 85 -5.89 -52.29 21.55
N GLU B 86 -7.11 -52.02 22.01
CA GLU B 86 -7.45 -50.70 22.54
C GLU B 86 -6.60 -50.33 23.75
N ASP B 87 -6.37 -51.28 24.64
CA ASP B 87 -5.54 -50.99 25.80
C ASP B 87 -4.03 -50.92 25.48
N ASP B 88 -3.67 -50.94 24.20
CA ASP B 88 -2.29 -50.76 23.78
C ASP B 88 -1.91 -49.26 23.72
N TRP B 89 -2.91 -48.40 23.87
CA TRP B 89 -2.71 -46.98 23.61
C TRP B 89 -3.41 -46.11 24.65
N TYR B 90 -2.87 -44.93 24.90
CA TYR B 90 -3.61 -43.90 25.62
C TYR B 90 -3.84 -42.66 24.75
N THR B 91 -4.98 -42.03 24.91
CA THR B 91 -5.29 -40.81 24.16
C THR B 91 -5.25 -39.62 25.10
N HIS B 92 -4.72 -38.50 24.62
CA HIS B 92 -4.54 -37.31 25.45
C HIS B 92 -4.85 -36.06 24.66
N GLN B 93 -5.43 -35.06 25.32
CA GLN B 93 -5.47 -33.72 24.76
C GLN B 93 -4.09 -33.12 24.98
N ARG B 94 -3.63 -32.25 24.08
CA ARG B 94 -2.43 -31.50 24.37
C ARG B 94 -2.68 -30.43 25.43
N ILE B 95 -1.99 -30.54 26.56
CA ILE B 95 -2.02 -29.48 27.55
C ILE B 95 -0.61 -28.88 27.54
N SER B 96 -0.39 -27.83 26.75
CA SER B 96 0.92 -27.21 26.66
C SER B 96 0.95 -25.74 27.07
N TYR B 97 2.04 -25.33 27.73
CA TYR B 97 2.18 -23.96 28.23
C TYR B 97 3.61 -23.45 28.03
N VAL B 98 3.76 -22.14 28.11
CA VAL B 98 5.04 -21.48 28.02
C VAL B 98 5.30 -20.78 29.34
N ARG B 99 6.42 -21.11 29.98
CA ARG B 99 6.81 -20.42 31.22
C ARG B 99 7.30 -19.00 30.96
N CYS B 100 6.62 -18.01 31.55
CA CYS B 100 7.00 -16.62 31.32
C CYS B 100 6.67 -15.74 32.51
N GLN B 101 7.69 -15.08 33.04
CA GLN B 101 7.53 -14.17 34.16
C GLN B 101 6.66 -14.72 35.29
N GLY B 102 6.93 -15.97 35.67
CA GLY B 102 6.32 -16.55 36.85
C GLY B 102 5.00 -17.21 36.54
N GLN B 103 4.60 -17.15 35.28
CA GLN B 103 3.28 -17.57 34.86
C GLN B 103 3.34 -18.69 33.83
N TRP B 104 2.26 -19.47 33.74
CA TRP B 104 2.14 -20.44 32.65
C TRP B 104 1.25 -19.86 31.56
N VAL B 105 1.84 -19.53 30.41
CA VAL B 105 1.10 -18.95 29.32
C VAL B 105 0.72 -20.02 28.29
N PRO B 106 -0.59 -20.19 28.05
CA PRO B 106 -1.06 -21.25 27.15
C PRO B 106 -0.44 -21.14 25.77
N TYR B 107 -0.12 -22.30 25.21
CA TYR B 107 0.46 -22.35 23.88
C TYR B 107 -0.67 -22.22 22.85
N PRO B 108 -0.39 -21.55 21.73
CA PRO B 108 0.88 -20.87 21.45
C PRO B 108 0.96 -19.50 22.12
N PHE B 109 2.15 -19.11 22.53
CA PHE B 109 2.36 -17.90 23.32
C PHE B 109 1.70 -16.72 22.62
N GLN B 110 2.07 -16.59 21.34
CA GLN B 110 1.71 -15.46 20.50
C GLN B 110 0.22 -15.31 20.26
N ASN B 111 -0.57 -16.28 20.70
CA ASN B 111 -2.02 -16.22 20.56
C ASN B 111 -2.72 -16.10 21.92
N ASN B 112 -1.92 -15.95 22.97
CA ASN B 112 -2.41 -15.86 24.36
C ASN B 112 -1.77 -14.72 25.14
N ILE B 113 -1.34 -13.69 24.41
CA ILE B 113 -0.88 -12.42 24.96
C ILE B 113 -1.74 -12.03 26.16
N SER B 114 -2.99 -12.47 26.12
CA SER B 114 -3.98 -12.14 27.13
C SER B 114 -3.59 -12.58 28.54
N MET B 115 -2.64 -13.51 28.66
CA MET B 115 -2.21 -14.02 29.97
C MET B 115 -1.18 -13.17 30.68
N LEU B 116 -0.41 -12.40 29.91
CA LEU B 116 0.69 -11.59 30.45
C LEU B 116 0.16 -10.42 31.26
N PRO B 117 1.03 -9.78 32.04
CA PRO B 117 0.74 -8.49 32.72
C PRO B 117 0.42 -7.38 31.72
N LYS B 118 -0.37 -6.39 32.13
CA LYS B 118 -0.93 -5.41 31.23
C LYS B 118 0.17 -4.67 30.47
N GLU B 119 1.23 -4.32 31.18
CA GLU B 119 2.34 -3.57 30.60
C GLU B 119 3.04 -4.34 29.47
N GLU B 120 3.14 -5.67 29.61
CA GLU B 120 3.71 -6.46 28.54
C GLU B 120 2.70 -6.64 27.41
N GLN B 121 1.41 -6.56 27.76
CA GLN B 121 0.37 -6.65 26.74
C GLN B 121 0.49 -5.47 25.79
N VAL B 122 0.61 -4.27 26.35
CA VAL B 122 0.80 -3.06 25.54
C VAL B 122 1.98 -3.21 24.58
N LYS B 123 3.15 -3.60 25.09
CA LYS B 123 4.33 -3.74 24.24
C LYS B 123 4.07 -4.78 23.15
N CYS B 124 3.45 -5.88 23.51
CA CYS B 124 3.17 -6.93 22.54
C CYS B 124 2.19 -6.48 21.45
N ILE B 125 1.12 -5.79 21.84
CA ILE B 125 0.09 -5.39 20.87
C ILE B 125 0.60 -4.26 19.96
N ASP B 126 1.27 -3.26 20.54
CA ASP B 126 1.90 -2.22 19.73
C ASP B 126 2.77 -2.83 18.67
N GLY B 127 3.59 -3.81 19.05
CA GLY B 127 4.47 -4.46 18.10
C GLY B 127 3.65 -5.13 17.00
N MET B 128 2.57 -5.77 17.39
CA MET B 128 1.71 -6.44 16.43
C MET B 128 0.96 -5.47 15.52
N ILE B 129 0.57 -4.32 16.04
CA ILE B 129 -0.06 -3.30 15.22
C ILE B 129 0.93 -2.83 14.14
N ASP B 130 2.17 -2.57 14.55
CA ASP B 130 3.22 -2.20 13.60
C ASP B 130 3.36 -3.26 12.51
N ALA B 131 3.44 -4.53 12.90
CA ALA B 131 3.55 -5.58 11.89
C ALA B 131 2.31 -5.63 10.99
N ALA B 132 1.12 -5.38 11.56
CA ALA B 132 -0.10 -5.45 10.76
C ALA B 132 -0.11 -4.38 9.66
N LEU B 133 0.31 -3.18 10.02
CA LEU B 133 0.32 -2.07 9.08
C LEU B 133 1.34 -2.29 7.97
N GLU B 134 2.53 -2.77 8.32
CA GLU B 134 3.57 -3.05 7.32
C GLU B 134 3.18 -4.20 6.40
N ALA B 135 2.49 -5.21 6.95
CA ALA B 135 2.08 -6.35 6.14
C ALA B 135 1.01 -5.96 5.12
N ARG B 136 0.32 -4.85 5.36
CA ARG B 136 -0.75 -4.44 4.47
C ARG B 136 -0.20 -4.01 3.11
N VAL B 137 1.07 -3.59 3.09
CA VAL B 137 1.71 -3.08 1.88
C VAL B 137 2.98 -3.85 1.44
N ALA B 138 3.24 -4.97 2.08
CA ALA B 138 4.42 -5.79 1.78
C ALA B 138 4.25 -6.52 0.45
N ASN B 139 5.26 -6.45 -0.42
CA ASN B 139 5.24 -7.19 -1.67
C ASN B 139 6.45 -8.12 -1.86
N THR B 140 7.10 -8.47 -0.75
CA THR B 140 8.22 -9.43 -0.77
C THR B 140 8.05 -10.43 0.36
N LYS B 141 8.59 -11.64 0.20
CA LYS B 141 8.57 -12.62 1.29
C LYS B 141 9.77 -12.42 2.21
N PRO B 142 9.59 -12.68 3.51
CA PRO B 142 10.77 -12.62 4.39
C PRO B 142 11.81 -13.65 3.96
N LYS B 143 13.08 -13.34 4.13
CA LYS B 143 14.13 -14.28 3.74
C LYS B 143 14.64 -15.12 4.91
N THR B 144 14.65 -14.55 6.11
CA THR B 144 15.11 -15.30 7.29
C THR B 144 14.00 -15.57 8.32
N PHE B 145 14.22 -16.59 9.14
CA PHE B 145 13.31 -16.93 10.23
C PHE B 145 13.06 -15.68 11.06
N ASP B 146 14.11 -14.89 11.28
CA ASP B 146 13.97 -13.72 12.13
C ASP B 146 13.10 -12.64 11.50
N GLU B 147 13.24 -12.47 10.19
CA GLU B 147 12.44 -11.48 9.50
C GLU B 147 10.99 -11.93 9.50
N TRP B 148 10.80 -13.22 9.32
CA TRP B 148 9.47 -13.79 9.36
C TRP B 148 8.85 -13.45 10.73
N ILE B 149 9.59 -13.75 11.79
CA ILE B 149 9.12 -13.48 13.16
C ILE B 149 8.67 -12.03 13.35
N VAL B 150 9.56 -11.09 13.06
CA VAL B 150 9.19 -9.67 13.18
C VAL B 150 7.99 -9.29 12.31
N ARG B 151 7.97 -9.75 11.05
CA ARG B 151 6.91 -9.39 10.09
C ARG B 151 5.54 -9.92 10.47
N MET B 152 5.50 -11.05 11.16
CA MET B 152 4.25 -11.73 11.46
C MET B 152 3.82 -11.53 12.92
N MET B 153 4.72 -11.12 13.80
CA MET B 153 4.36 -10.96 15.20
C MET B 153 4.77 -9.64 15.80
N GLY B 154 5.70 -8.95 15.13
CA GLY B 154 6.22 -7.70 15.66
C GLY B 154 7.26 -7.90 16.76
N THR B 155 7.95 -6.81 17.07
CA THR B 155 9.11 -6.83 17.95
C THR B 155 8.85 -7.26 19.38
N GLY B 156 7.72 -6.82 19.94
CA GLY B 156 7.39 -7.11 21.33
C GLY B 156 7.39 -8.60 21.60
N ILE B 157 6.71 -9.35 20.73
CA ILE B 157 6.66 -10.80 20.87
C ILE B 157 7.95 -11.48 20.41
N ALA B 158 8.66 -10.90 19.44
CA ALA B 158 9.95 -11.45 19.05
C ALA B 158 10.93 -11.42 20.22
N ASP B 159 10.99 -10.28 20.93
CA ASP B 159 11.95 -10.10 22.01
C ASP B 159 11.57 -10.90 23.25
N LEU B 160 10.28 -10.99 23.52
CA LEU B 160 9.78 -11.61 24.74
C LEU B 160 9.82 -13.12 24.67
N PHE B 161 9.67 -13.67 23.47
CA PHE B 161 9.53 -15.12 23.37
C PHE B 161 10.24 -15.80 22.18
N MET B 162 10.03 -15.28 20.96
CA MET B 162 10.45 -15.99 19.75
C MET B 162 11.95 -16.08 19.56
N ARG B 163 12.65 -14.97 19.74
CA ARG B 163 14.09 -14.95 19.62
C ARG B 163 14.82 -15.78 20.69
N PRO B 164 14.59 -15.51 22.00
CA PRO B 164 15.27 -16.34 23.02
C PRO B 164 14.89 -17.82 22.94
N TYR B 165 13.61 -18.11 22.78
CA TYR B 165 13.21 -19.50 22.75
C TYR B 165 13.91 -20.24 21.60
N ASN B 166 13.90 -19.64 20.42
CA ASN B 166 14.45 -20.32 19.25
C ASN B 166 15.95 -20.55 19.30
N PHE B 167 16.70 -19.61 19.86
CA PHE B 167 18.11 -19.90 20.06
C PHE B 167 18.26 -21.09 21.00
N LYS B 168 17.47 -21.08 22.08
CA LYS B 168 17.52 -22.16 23.07
C LYS B 168 17.22 -23.55 22.50
N VAL B 169 16.39 -23.63 21.46
CA VAL B 169 16.11 -24.93 20.84
C VAL B 169 17.03 -25.25 19.68
N TRP B 170 17.11 -24.32 18.73
CA TRP B 170 17.89 -24.57 17.51
C TRP B 170 19.41 -24.50 17.72
N ALA B 171 19.84 -23.88 18.83
CA ALA B 171 21.25 -23.64 19.11
C ALA B 171 21.94 -22.85 17.99
N VAL B 172 21.17 -22.04 17.27
CA VAL B 172 21.68 -21.01 16.35
C VAL B 172 20.67 -19.85 16.38
N PRO B 173 21.13 -18.63 16.05
CA PRO B 173 20.21 -17.49 16.15
C PRO B 173 19.19 -17.51 15.02
N THR B 174 18.05 -16.84 15.24
CA THR B 174 16.97 -16.85 14.27
C THR B 174 17.43 -16.23 12.94
N THR B 175 18.41 -15.35 13.00
CA THR B 175 18.94 -14.69 11.79
C THR B 175 19.63 -15.66 10.85
N LYS B 176 19.97 -16.86 11.33
CA LYS B 176 20.73 -17.83 10.52
C LYS B 176 19.87 -18.89 9.84
N MET B 177 18.57 -18.84 10.10
CA MET B 177 17.65 -19.85 9.55
C MET B 177 16.76 -19.30 8.45
N GLN B 178 16.39 -20.16 7.51
CA GLN B 178 15.40 -19.81 6.50
C GLN B 178 14.02 -19.86 7.17
N CYS B 179 12.96 -19.64 6.40
CA CYS B 179 11.61 -19.57 6.97
C CYS B 179 10.53 -20.28 6.13
N ALA B 180 10.94 -21.11 5.18
CA ALA B 180 10.03 -21.87 4.36
C ALA B 180 9.49 -23.13 5.05
N TRP B 181 10.04 -23.43 6.22
CA TRP B 181 9.82 -24.70 6.90
C TRP B 181 8.67 -24.66 7.92
N LEU B 182 8.15 -23.48 8.22
CA LEU B 182 7.38 -23.32 9.46
C LEU B 182 5.83 -23.31 9.35
N GLY B 183 5.27 -23.52 8.15
CA GLY B 183 3.84 -23.49 8.00
C GLY B 183 3.04 -24.16 9.14
N GLU B 184 3.55 -25.29 9.61
CA GLU B 184 2.85 -26.14 10.57
C GLU B 184 3.48 -26.11 11.97
N ARG B 185 4.50 -25.28 12.13
CA ARG B 185 5.26 -25.23 13.38
C ARG B 185 5.07 -23.93 14.17
N VAL B 186 4.98 -22.81 13.47
CA VAL B 186 4.89 -21.52 14.14
C VAL B 186 3.60 -20.81 13.76
N ALA B 187 2.72 -20.64 14.72
CA ALA B 187 1.44 -19.98 14.49
C ALA B 187 1.68 -18.51 14.15
N ALA B 188 0.98 -18.02 13.14
CA ALA B 188 1.02 -16.58 12.86
C ALA B 188 -0.19 -15.95 13.54
N PRO B 189 0.04 -14.96 14.41
CA PRO B 189 -1.06 -14.33 15.16
C PRO B 189 -1.89 -13.35 14.32
N ASN B 190 -3.22 -13.49 14.44
CA ASN B 190 -4.18 -12.58 13.82
C ASN B 190 -4.39 -11.38 14.74
N LEU B 191 -4.19 -10.16 14.25
CA LEU B 191 -4.30 -8.98 15.14
C LEU B 191 -5.64 -8.89 15.87
N LYS B 192 -6.73 -9.09 15.13
CA LYS B 192 -8.06 -8.97 15.73
C LYS B 192 -8.28 -10.04 16.78
N ALA B 193 -7.98 -11.29 16.42
CA ALA B 193 -8.16 -12.43 17.31
C ALA B 193 -7.40 -12.20 18.61
N VAL B 194 -6.13 -11.83 18.50
CA VAL B 194 -5.28 -11.63 19.67
C VAL B 194 -5.76 -10.48 20.56
N THR B 195 -6.07 -9.32 19.99
CA THR B 195 -6.49 -8.19 20.82
C THR B 195 -7.87 -8.48 21.41
N THR B 196 -8.70 -9.17 20.65
CA THR B 196 -10.01 -9.54 21.17
C THR B 196 -9.86 -10.37 22.47
N ASN B 197 -8.96 -11.35 22.48
CA ASN B 197 -8.78 -12.15 23.70
C ASN B 197 -8.12 -11.37 24.82
N VAL B 198 -7.28 -10.39 24.48
CA VAL B 198 -6.74 -9.50 25.49
C VAL B 198 -7.88 -8.76 26.20
N ILE B 199 -8.78 -8.18 25.40
CA ILE B 199 -9.90 -7.41 25.95
C ILE B 199 -10.86 -8.27 26.78
N LEU B 200 -11.12 -9.48 26.32
CA LEU B 200 -12.05 -10.37 27.01
C LEU B 200 -11.38 -11.24 28.08
N GLY B 201 -10.05 -11.29 28.09
CA GLY B 201 -9.34 -12.17 29.02
C GLY B 201 -9.56 -13.64 28.72
N LYS B 202 -9.59 -14.01 27.43
CA LYS B 202 -9.79 -15.40 27.00
C LYS B 202 -8.48 -16.05 26.52
N THR B 203 -8.45 -17.38 26.48
CA THR B 203 -7.31 -18.12 25.94
C THR B 203 -7.62 -18.83 24.63
N ALA B 204 -6.59 -19.10 23.81
CA ALA B 204 -6.77 -19.87 22.58
C ALA B 204 -5.75 -21.00 22.51
N GLY B 205 -6.06 -22.14 23.13
CA GLY B 205 -5.13 -23.26 23.25
C GLY B 205 -5.14 -24.38 22.20
N ASN B 206 -5.89 -24.22 21.11
CA ASN B 206 -6.07 -25.35 20.20
C ASN B 206 -5.28 -25.39 18.88
N TRP B 207 -4.43 -24.40 18.64
CA TRP B 207 -3.68 -24.36 17.36
C TRP B 207 -2.82 -25.60 17.18
N GLY B 208 -2.74 -26.08 15.93
CA GLY B 208 -1.73 -27.07 15.54
C GLY B 208 -2.16 -28.52 15.41
N PRO B 209 -1.31 -29.33 14.75
CA PRO B 209 -1.64 -30.74 14.44
C PRO B 209 -1.46 -31.72 15.62
N ASN B 210 -0.87 -31.30 16.74
CA ASN B 210 -0.76 -32.19 17.91
C ASN B 210 -1.61 -31.77 19.09
N ALA B 211 -2.72 -31.09 18.82
CA ALA B 211 -3.68 -30.72 19.86
C ALA B 211 -4.36 -31.97 20.49
N THR B 212 -4.33 -33.11 19.80
CA THR B 212 -4.73 -34.40 20.37
C THR B 212 -3.72 -35.46 19.91
N PHE B 213 -3.40 -36.41 20.77
CA PHE B 213 -2.36 -37.40 20.46
C PHE B 213 -2.57 -38.72 21.18
N ARG B 214 -1.97 -39.77 20.66
CA ARG B 214 -1.95 -41.03 21.38
C ARG B 214 -0.53 -41.43 21.75
N PHE B 215 -0.41 -42.22 22.81
CA PHE B 215 0.89 -42.65 23.29
C PHE B 215 0.81 -44.12 23.68
N PRO B 216 1.85 -44.89 23.33
CA PRO B 216 1.73 -46.33 23.58
C PRO B 216 1.76 -46.65 25.08
N ALA B 217 0.97 -47.64 25.47
CA ALA B 217 0.81 -47.97 26.87
C ALA B 217 2.12 -48.48 27.48
N ARG B 218 2.85 -49.28 26.72
CA ARG B 218 4.05 -49.91 27.25
C ARG B 218 5.29 -49.72 26.39
N GLY B 219 6.45 -49.63 27.03
CA GLY B 219 7.71 -49.59 26.30
C GLY B 219 8.02 -48.23 25.71
N GLY B 220 7.22 -47.22 26.04
CA GLY B 220 7.43 -45.89 25.49
C GLY B 220 7.35 -45.89 23.98
N THR B 221 7.77 -44.79 23.35
CA THR B 221 7.70 -44.67 21.89
C THR B 221 8.45 -45.81 21.20
N GLY B 222 9.53 -46.28 21.83
CA GLY B 222 10.29 -47.39 21.28
C GLY B 222 9.46 -48.65 21.12
N GLY B 223 8.43 -48.79 21.94
CA GLY B 223 7.56 -49.95 21.86
C GLY B 223 6.88 -50.07 20.51
N ILE B 224 6.59 -48.94 19.89
CA ILE B 224 5.89 -48.95 18.59
C ILE B 224 6.75 -49.59 17.52
N TRP B 225 8.00 -49.14 17.42
CA TRP B 225 8.90 -49.57 16.35
C TRP B 225 9.42 -51.00 16.51
N ILE B 226 9.57 -51.44 17.76
CA ILE B 226 9.85 -52.83 18.03
C ILE B 226 8.72 -53.69 17.48
N ALA B 227 7.49 -53.28 17.76
CA ALA B 227 6.32 -54.04 17.32
C ALA B 227 6.17 -54.03 15.79
N VAL B 228 6.40 -52.87 15.17
CA VAL B 228 6.32 -52.77 13.71
C VAL B 228 7.38 -53.66 13.06
N ALA B 229 8.61 -53.57 13.55
CA ALA B 229 9.68 -54.43 13.04
C ALA B 229 9.31 -55.91 13.21
N ASN B 230 8.59 -56.22 14.28
CA ASN B 230 8.17 -57.59 14.53
C ASN B 230 7.24 -58.18 13.47
N THR B 231 6.56 -57.34 12.70
CA THR B 231 5.70 -57.84 11.62
C THR B 231 6.47 -58.19 10.35
N LEU B 232 7.77 -57.90 10.30
CA LEU B 232 8.57 -58.21 9.12
C LEU B 232 9.09 -59.65 9.18
N PRO B 233 9.39 -60.22 8.00
CA PRO B 233 10.05 -61.54 7.93
C PRO B 233 11.48 -61.44 8.49
N LYS B 234 11.73 -62.11 9.61
CA LYS B 234 13.01 -62.01 10.33
C LYS B 234 14.22 -62.27 9.44
N GLU B 235 14.10 -63.22 8.52
CA GLU B 235 15.24 -63.58 7.69
C GLU B 235 15.65 -62.44 6.75
N LYS B 236 14.81 -61.41 6.62
CA LYS B 236 15.15 -60.27 5.78
C LYS B 236 15.72 -59.11 6.60
N THR B 237 15.87 -59.32 7.90
CA THR B 237 16.45 -58.30 8.77
C THR B 237 17.82 -58.71 9.28
N ARG B 238 18.63 -57.72 9.59
CA ARG B 238 19.95 -57.97 10.14
C ARG B 238 20.36 -56.83 11.08
N PHE B 239 20.00 -56.98 12.35
CA PHE B 239 20.08 -55.90 13.32
C PHE B 239 21.14 -56.21 14.39
N GLY B 240 22.10 -55.31 14.57
CA GLY B 240 23.15 -55.51 15.56
C GLY B 240 24.50 -55.24 14.92
N GLU B 241 25.57 -55.62 15.60
CA GLU B 241 26.91 -55.45 15.03
C GLU B 241 26.98 -56.11 13.66
N LYS B 242 26.23 -57.20 13.49
CA LYS B 242 26.24 -57.92 12.22
C LYS B 242 25.59 -57.13 11.09
N GLY B 243 24.90 -56.04 11.43
CA GLY B 243 24.21 -55.22 10.43
C GLY B 243 24.72 -53.80 10.36
N LYS B 244 25.90 -53.57 10.93
CA LYS B 244 26.51 -52.25 10.89
C LYS B 244 27.20 -52.02 9.54
N VAL B 245 26.79 -50.97 8.83
CA VAL B 245 27.39 -50.65 7.55
C VAL B 245 28.66 -49.82 7.76
N THR B 246 29.75 -50.21 7.11
CA THR B 246 31.03 -49.50 7.25
C THR B 246 31.52 -48.88 5.93
N LYS B 247 31.18 -49.53 4.83
CA LYS B 247 31.58 -49.01 3.54
C LYS B 247 30.40 -49.09 2.56
N VAL B 248 30.27 -48.08 1.71
CA VAL B 248 29.35 -48.13 0.59
C VAL B 248 30.10 -47.80 -0.71
N ASN B 249 30.06 -48.73 -1.66
CA ASN B 249 30.72 -48.54 -2.94
C ASN B 249 29.67 -48.29 -4.01
N ALA B 250 29.39 -47.01 -4.26
CA ALA B 250 28.27 -46.64 -5.09
C ALA B 250 28.44 -47.06 -6.54
N ASN B 251 29.70 -47.18 -6.98
CA ASN B 251 29.95 -47.57 -8.36
C ASN B 251 29.70 -49.05 -8.62
N ASN B 252 30.16 -49.90 -7.71
CA ASN B 252 29.94 -51.33 -7.79
C ASN B 252 28.56 -51.71 -7.26
N LYS B 253 27.87 -50.74 -6.69
CA LYS B 253 26.62 -51.01 -5.98
C LYS B 253 26.80 -52.13 -4.96
N THR B 254 27.76 -51.92 -4.08
CA THR B 254 28.09 -52.90 -3.06
C THR B 254 28.19 -52.20 -1.72
N VAL B 255 27.70 -52.86 -0.68
CA VAL B 255 27.83 -52.36 0.67
C VAL B 255 28.60 -53.38 1.50
N THR B 256 29.48 -52.91 2.40
CA THR B 256 30.23 -53.81 3.26
C THR B 256 29.90 -53.59 4.72
N LEU B 257 29.59 -54.69 5.41
CA LEU B 257 29.26 -54.62 6.82
C LEU B 257 30.51 -54.71 7.71
N GLN B 258 30.31 -54.44 9.00
CA GLN B 258 31.39 -54.48 9.99
C GLN B 258 32.06 -55.85 10.05
N ASP B 259 31.28 -56.91 9.91
CA ASP B 259 31.81 -58.27 9.98
C ASP B 259 32.36 -58.79 8.64
N GLY B 260 32.44 -57.91 7.65
CA GLY B 260 33.01 -58.29 6.36
C GLY B 260 32.00 -58.78 5.34
N THR B 261 30.74 -58.96 5.77
CA THR B 261 29.68 -59.33 4.84
C THR B 261 29.49 -58.26 3.74
N THR B 262 29.39 -58.71 2.51
CA THR B 262 29.10 -57.80 1.40
C THR B 262 27.69 -58.02 0.86
N ILE B 263 27.02 -56.93 0.54
CA ILE B 263 25.69 -56.99 -0.07
C ILE B 263 25.64 -56.18 -1.37
N GLY B 264 25.28 -56.83 -2.47
CA GLY B 264 25.06 -56.13 -3.72
C GLY B 264 23.61 -55.70 -3.79
N TYR B 265 23.36 -54.53 -4.38
CA TYR B 265 22.00 -54.03 -4.52
C TYR B 265 21.79 -53.46 -5.91
N LYS B 266 20.54 -53.35 -6.34
CA LYS B 266 20.22 -52.58 -7.53
C LYS B 266 19.82 -51.18 -7.13
N LYS B 267 19.09 -51.05 -6.01
CA LYS B 267 18.68 -49.76 -5.49
C LYS B 267 18.95 -49.69 -3.99
N LEU B 268 19.46 -48.55 -3.53
CA LEU B 268 19.78 -48.36 -2.13
C LEU B 268 18.88 -47.29 -1.51
N VAL B 269 18.19 -47.66 -0.44
CA VAL B 269 17.49 -46.69 0.38
C VAL B 269 18.28 -46.50 1.66
N SER B 270 18.94 -45.35 1.78
CA SER B 270 19.81 -45.08 2.92
C SER B 270 19.13 -44.08 3.85
N THR B 271 19.09 -44.42 5.13
CA THR B 271 18.40 -43.61 6.14
C THR B 271 19.35 -43.20 7.26
N MET B 272 20.60 -43.58 7.17
CA MET B 272 21.58 -43.10 8.14
C MET B 272 21.80 -41.63 7.80
N ALA B 273 22.32 -40.84 8.74
CA ALA B 273 22.59 -39.43 8.44
C ALA B 273 23.43 -39.30 7.16
N VAL B 274 23.08 -38.33 6.33
CA VAL B 274 23.71 -38.25 5.01
C VAL B 274 25.20 -37.91 5.07
N ASP B 275 25.63 -37.21 6.13
CA ASP B 275 27.07 -36.98 6.31
C ASP B 275 27.85 -38.27 6.64
N PHE B 276 27.23 -39.19 7.39
CA PHE B 276 27.82 -40.52 7.62
C PHE B 276 27.91 -41.30 6.31
N LEU B 277 26.87 -41.20 5.50
CA LEU B 277 26.84 -41.91 4.23
C LEU B 277 27.98 -41.44 3.33
N ALA B 278 28.21 -40.13 3.27
CA ALA B 278 29.29 -39.61 2.44
C ALA B 278 30.65 -40.16 2.86
N GLU B 279 30.86 -40.27 4.18
CA GLU B 279 32.13 -40.77 4.72
C GLU B 279 32.28 -42.24 4.38
N ALA B 280 31.19 -42.98 4.50
CA ALA B 280 31.17 -44.40 4.18
C ALA B 280 31.41 -44.66 2.68
N MET B 281 31.01 -43.69 1.85
CA MET B 281 31.25 -43.78 0.42
C MET B 281 32.69 -43.43 0.03
N ASN B 282 33.47 -42.95 0.99
CA ASN B 282 34.80 -42.40 0.67
C ASN B 282 34.73 -41.43 -0.51
N ASP B 283 33.73 -40.56 -0.49
CA ASP B 283 33.49 -39.62 -1.58
C ASP B 283 33.76 -38.21 -1.07
N GLN B 284 34.97 -37.71 -1.33
CA GLN B 284 35.43 -36.46 -0.73
C GLN B 284 34.62 -35.25 -1.11
N GLU B 285 34.08 -35.25 -2.33
CA GLU B 285 33.28 -34.11 -2.75
C GLU B 285 31.94 -34.09 -2.00
N LEU B 286 31.34 -35.26 -1.82
CA LEU B 286 30.12 -35.37 -1.03
C LEU B 286 30.37 -35.07 0.45
N VAL B 287 31.51 -35.51 0.98
CA VAL B 287 31.85 -35.18 2.36
C VAL B 287 31.90 -33.66 2.51
N GLY B 288 32.56 -33.01 1.56
CA GLY B 288 32.65 -31.56 1.54
C GLY B 288 31.29 -30.89 1.56
N LEU B 289 30.39 -31.33 0.68
CA LEU B 289 29.04 -30.78 0.64
C LEU B 289 28.28 -31.07 1.95
N THR B 290 28.33 -32.29 2.46
CA THR B 290 27.59 -32.57 3.69
C THR B 290 28.08 -31.71 4.86
N LYS B 291 29.36 -31.32 4.85
CA LYS B 291 29.89 -30.44 5.90
C LYS B 291 29.33 -29.02 5.85
N GLN B 292 28.64 -28.70 4.76
CA GLN B 292 27.94 -27.43 4.66
C GLN B 292 26.59 -27.44 5.36
N LEU B 293 26.10 -28.62 5.74
CA LEU B 293 24.83 -28.70 6.46
C LEU B 293 25.11 -28.42 7.93
N PHE B 294 24.07 -28.14 8.70
CA PHE B 294 24.25 -27.86 10.11
C PHE B 294 23.23 -28.68 10.89
N TYR B 295 23.62 -29.10 12.09
CA TYR B 295 22.69 -29.79 13.00
C TYR B 295 23.04 -29.48 14.44
N SER B 296 22.08 -29.68 15.35
CA SER B 296 22.33 -29.51 16.78
C SER B 296 22.23 -30.86 17.43
N SER B 297 22.97 -31.04 18.53
CA SER B 297 22.91 -32.23 19.36
C SER B 297 21.85 -32.03 20.45
N THR B 298 21.32 -33.14 20.97
CA THR B 298 20.25 -33.10 21.97
C THR B 298 20.67 -33.83 23.25
N HIS B 299 20.65 -33.12 24.37
CA HIS B 299 20.84 -33.80 25.65
C HIS B 299 19.49 -34.09 26.25
N VAL B 300 19.21 -35.36 26.53
CA VAL B 300 18.01 -35.73 27.24
C VAL B 300 18.32 -35.97 28.72
N ILE B 301 17.62 -35.27 29.61
CA ILE B 301 17.77 -35.49 31.04
C ILE B 301 16.45 -35.97 31.62
N GLY B 302 16.51 -37.03 32.40
CA GLY B 302 15.32 -37.55 33.05
C GLY B 302 15.44 -37.51 34.55
N VAL B 303 14.34 -37.18 35.22
CA VAL B 303 14.29 -37.07 36.67
C VAL B 303 13.05 -37.79 37.19
N GLY B 304 13.27 -38.81 38.01
CA GLY B 304 12.18 -39.56 38.67
C GLY B 304 11.91 -38.96 40.03
N VAL B 305 10.65 -38.68 40.35
CA VAL B 305 10.35 -37.97 41.59
C VAL B 305 9.36 -38.74 42.45
N ARG B 306 9.54 -38.74 43.77
CA ARG B 306 8.63 -39.44 44.67
C ARG B 306 7.41 -38.58 44.99
N GLY B 307 6.24 -39.19 44.93
CA GLY B 307 5.04 -38.51 45.40
C GLY B 307 3.89 -38.65 44.44
N SER B 308 2.69 -38.37 44.92
CA SER B 308 1.53 -38.32 44.05
C SER B 308 1.72 -37.08 43.18
N ARG B 309 1.17 -37.08 41.98
CA ARG B 309 1.33 -35.97 41.06
C ARG B 309 0.94 -34.62 41.71
N PRO B 310 1.89 -33.70 41.81
CA PRO B 310 1.58 -32.40 42.42
C PRO B 310 0.48 -31.64 41.68
N GLU B 311 -0.28 -30.85 42.44
CA GLU B 311 -1.38 -30.11 41.89
C GLU B 311 -0.92 -29.04 40.90
N ARG B 312 0.24 -28.43 41.18
CA ARG B 312 0.82 -27.41 40.29
C ARG B 312 1.22 -28.00 38.94
N ILE B 313 1.38 -29.32 38.91
CA ILE B 313 1.72 -30.04 37.69
C ILE B 313 0.47 -30.42 36.91
N GLY B 314 -0.45 -31.13 37.56
CA GLY B 314 -1.73 -31.45 36.96
C GLY B 314 -1.60 -32.22 35.66
N ASP B 315 -2.45 -31.90 34.70
CA ASP B 315 -2.50 -32.64 33.43
C ASP B 315 -1.58 -32.07 32.35
N LYS B 316 -0.70 -31.16 32.72
CA LYS B 316 0.32 -30.65 31.79
C LYS B 316 1.01 -31.77 31.00
N CYS B 317 1.17 -31.58 29.70
CA CYS B 317 1.90 -32.54 28.85
C CYS B 317 3.32 -32.10 28.57
N TRP B 318 3.49 -31.04 27.79
CA TRP B 318 4.83 -30.47 27.61
C TRP B 318 4.85 -28.96 27.75
N LEU B 319 6.02 -28.45 28.13
CA LEU B 319 6.18 -27.06 28.57
C LEU B 319 7.39 -26.41 27.90
N TYR B 320 7.28 -25.13 27.55
CA TYR B 320 8.37 -24.40 26.89
C TYR B 320 9.03 -23.39 27.82
N PHE B 321 10.35 -23.23 27.67
CA PHE B 321 11.08 -22.35 28.58
C PHE B 321 12.03 -21.41 27.82
N PRO B 322 11.51 -20.24 27.40
CA PRO B 322 12.28 -19.22 26.71
C PRO B 322 13.32 -18.52 27.58
N GLU B 323 13.11 -18.55 28.90
CA GLU B 323 13.87 -17.71 29.84
C GLU B 323 15.19 -18.36 30.24
N ASP B 324 16.14 -17.53 30.70
CA ASP B 324 17.50 -18.02 30.97
C ASP B 324 17.74 -18.47 32.41
N ASN B 325 16.67 -18.82 33.12
CA ASN B 325 16.82 -19.35 34.47
C ASN B 325 16.83 -20.88 34.51
N CYS B 326 17.00 -21.50 33.36
CA CYS B 326 17.12 -22.96 33.27
C CYS B 326 17.73 -23.27 31.93
N PRO B 327 18.44 -24.41 31.80
CA PRO B 327 19.11 -24.75 30.53
C PRO B 327 18.22 -25.41 29.52
N PHE B 328 17.17 -26.08 29.97
CA PHE B 328 16.32 -26.83 29.04
C PHE B 328 15.34 -25.92 28.28
N TYR B 329 15.03 -26.28 27.03
CA TYR B 329 14.03 -25.53 26.25
C TYR B 329 12.66 -26.13 26.42
N ARG B 330 12.61 -27.42 26.74
CA ARG B 330 11.35 -28.10 26.96
C ARG B 330 11.38 -29.18 28.05
N ALA B 331 10.31 -29.25 28.84
CA ALA B 331 10.07 -30.31 29.81
C ALA B 331 8.80 -31.06 29.44
N THR B 332 8.82 -32.38 29.63
CA THR B 332 7.66 -33.22 29.40
C THR B 332 7.29 -33.95 30.70
N ILE B 333 6.01 -33.93 31.07
CA ILE B 333 5.54 -34.71 32.24
C ILE B 333 5.29 -36.13 31.76
N PHE B 334 6.37 -36.90 31.65
CA PHE B 334 6.35 -38.14 30.90
C PHE B 334 5.49 -39.15 31.62
N SER B 335 5.32 -38.95 32.92
CA SER B 335 4.49 -39.85 33.72
C SER B 335 3.00 -39.66 33.40
N ASN B 336 2.65 -38.50 32.83
CA ASN B 336 1.27 -38.30 32.34
C ASN B 336 0.90 -39.08 31.08
N TYR B 337 1.91 -39.58 30.37
CA TYR B 337 1.64 -40.24 29.08
C TYR B 337 1.21 -41.69 29.25
N SER B 338 1.82 -42.37 30.21
CA SER B 338 1.44 -43.75 30.54
C SER B 338 1.81 -44.09 31.97
N PRO B 339 0.93 -44.84 32.67
CA PRO B 339 1.27 -45.27 34.02
C PRO B 339 2.45 -46.22 33.99
N TYR B 340 2.80 -46.76 32.82
CA TYR B 340 3.90 -47.71 32.76
C TYR B 340 5.21 -47.08 32.32
N ASN B 341 5.29 -45.75 32.35
CA ASN B 341 6.55 -45.07 32.05
C ASN B 341 7.42 -44.97 33.29
N GLN B 342 6.88 -45.37 34.43
CA GLN B 342 7.60 -45.36 35.71
C GLN B 342 7.08 -46.47 36.64
N PRO B 343 7.80 -46.74 37.75
CA PRO B 343 7.42 -47.87 38.62
C PRO B 343 6.06 -47.71 39.28
N GLU B 344 5.45 -48.83 39.67
CA GLU B 344 4.23 -48.84 40.49
C GLU B 344 4.47 -48.16 41.83
N ALA B 345 3.39 -47.72 42.46
CA ALA B 345 3.46 -47.05 43.76
C ALA B 345 4.06 -47.92 44.88
N SER B 346 3.91 -49.23 44.77
CA SER B 346 4.44 -50.15 45.77
C SER B 346 5.93 -50.49 45.59
N ALA B 347 6.54 -50.05 44.49
CA ALA B 347 7.97 -50.28 44.32
C ALA B 347 8.71 -49.46 45.35
N ALA B 348 9.68 -50.07 46.04
CA ALA B 348 10.45 -49.33 47.04
C ALA B 348 11.77 -48.85 46.47
N LEU B 349 12.09 -47.58 46.70
CA LEU B 349 13.26 -46.95 46.12
C LEU B 349 13.77 -45.95 47.13
N PRO B 350 15.10 -45.87 47.29
CA PRO B 350 15.65 -44.88 48.22
C PRO B 350 15.75 -43.54 47.49
N THR B 351 15.78 -42.47 48.27
CA THR B 351 15.97 -41.14 47.74
C THR B 351 17.45 -40.90 47.40
N MET B 352 17.72 -40.55 46.15
CA MET B 352 19.10 -40.31 45.72
C MET B 352 19.57 -38.94 46.11
N GLN B 353 18.69 -37.95 45.97
CA GLN B 353 18.99 -36.59 46.37
C GLN B 353 17.70 -35.83 46.49
N LEU B 354 17.75 -34.67 47.14
CA LEU B 354 16.64 -33.74 47.13
C LEU B 354 16.87 -32.77 45.97
N ALA B 355 15.80 -32.11 45.55
CA ALA B 355 15.89 -31.21 44.42
C ALA B 355 16.84 -30.04 44.70
N ASP B 356 16.99 -29.66 45.96
CA ASP B 356 17.92 -28.56 46.28
C ASP B 356 19.39 -28.97 46.17
N GLY B 357 19.64 -30.21 45.82
CA GLY B 357 21.01 -30.68 45.60
C GLY B 357 21.59 -31.49 46.75
N SER B 358 20.98 -31.40 47.93
CA SER B 358 21.51 -32.09 49.10
C SER B 358 21.21 -33.59 49.07
N ARG B 359 22.07 -34.36 49.71
CA ARG B 359 21.82 -35.78 49.90
C ARG B 359 20.94 -35.97 51.11
N PRO B 360 20.09 -37.00 51.08
CA PRO B 360 19.47 -37.40 52.35
C PRO B 360 20.49 -38.25 53.09
N GLN B 361 20.45 -38.26 54.42
CA GLN B 361 21.37 -39.10 55.18
C GLN B 361 20.93 -40.57 55.12
N SER B 362 19.62 -40.78 55.23
CA SER B 362 19.01 -42.10 55.23
C SER B 362 18.94 -42.77 53.85
N THR B 363 19.35 -44.03 53.83
CA THR B 363 19.33 -44.84 52.63
C THR B 363 18.08 -45.71 52.61
N GLU B 364 17.06 -45.33 53.36
CA GLU B 364 15.84 -46.13 53.44
C GLU B 364 15.06 -46.16 52.11
N ALA B 365 14.72 -47.36 51.66
CA ALA B 365 13.90 -47.50 50.48
C ALA B 365 12.43 -47.27 50.88
N LYS B 366 11.82 -46.24 50.29
CA LYS B 366 10.41 -45.96 50.56
C LYS B 366 9.58 -46.20 49.30
N GLU B 367 8.27 -46.31 49.49
CA GLU B 367 7.37 -46.57 48.37
C GLU B 367 7.01 -45.28 47.61
N GLY B 368 6.25 -45.42 46.54
CA GLY B 368 5.80 -44.27 45.76
C GLY B 368 4.50 -43.69 46.29
N PRO B 369 3.61 -43.24 45.38
CA PRO B 369 3.76 -43.36 43.93
C PRO B 369 4.85 -42.45 43.38
N TYR B 370 5.07 -42.52 42.07
CA TYR B 370 6.15 -41.77 41.41
C TYR B 370 5.65 -40.98 40.22
N TRP B 371 6.29 -39.85 39.94
CA TRP B 371 6.05 -39.15 38.69
C TRP B 371 7.40 -38.81 38.04
N SER B 372 7.37 -38.29 36.83
CA SER B 372 8.60 -38.24 36.03
C SER B 372 8.70 -37.04 35.08
N ILE B 373 9.87 -36.41 35.06
CA ILE B 373 10.10 -35.28 34.18
C ILE B 373 11.22 -35.56 33.17
N MET B 374 10.93 -35.29 31.90
CA MET B 374 11.93 -35.50 30.84
C MET B 374 12.29 -34.15 30.23
N LEU B 375 13.58 -33.80 30.27
CA LEU B 375 14.07 -32.50 29.82
C LEU B 375 14.93 -32.60 28.56
N GLU B 376 14.99 -31.50 27.80
CA GLU B 376 15.83 -31.43 26.60
C GLU B 376 16.67 -30.14 26.60
N VAL B 377 17.97 -30.29 26.35
CA VAL B 377 18.91 -29.18 26.24
C VAL B 377 19.61 -29.36 24.92
N SER B 378 19.70 -28.29 24.13
CA SER B 378 20.38 -28.40 22.83
C SER B 378 21.86 -28.00 22.90
N GLU B 379 22.63 -28.45 21.92
CA GLU B 379 24.05 -28.12 21.88
C GLU B 379 24.50 -28.00 20.44
N SER B 380 25.38 -27.05 20.16
CA SER B 380 26.06 -26.97 18.88
C SER B 380 27.33 -26.16 19.02
N SER B 381 28.06 -25.97 17.92
CA SER B 381 29.29 -25.19 17.94
C SER B 381 29.04 -23.71 18.27
N MET B 382 27.78 -23.27 18.24
CA MET B 382 27.45 -21.90 18.66
C MET B 382 26.84 -21.88 20.08
N LYS B 383 26.79 -23.06 20.71
CA LYS B 383 26.10 -23.21 21.99
C LYS B 383 26.65 -24.43 22.71
N PRO B 384 27.82 -24.29 23.34
CA PRO B 384 28.42 -25.42 24.06
C PRO B 384 27.63 -25.81 25.30
N VAL B 385 27.73 -27.08 25.68
CA VAL B 385 27.10 -27.54 26.90
C VAL B 385 28.13 -28.25 27.79
N ASN B 386 28.14 -27.90 29.06
CA ASN B 386 29.02 -28.58 30.02
C ASN B 386 28.36 -29.89 30.43
N GLN B 387 28.82 -30.99 29.84
CA GLN B 387 28.24 -32.31 30.05
C GLN B 387 28.40 -32.82 31.49
N GLU B 388 29.39 -32.30 32.21
CA GLU B 388 29.66 -32.78 33.56
C GLU B 388 28.69 -32.18 34.56
N THR B 389 28.15 -30.99 34.28
CA THR B 389 27.22 -30.36 35.24
C THR B 389 25.77 -30.28 34.76
N ILE B 390 25.51 -30.69 33.52
CA ILE B 390 24.21 -30.43 32.91
C ILE B 390 23.05 -31.04 33.71
N LEU B 391 23.26 -32.23 34.27
CA LEU B 391 22.21 -32.85 35.09
C LEU B 391 21.86 -31.97 36.31
N ALA B 392 22.89 -31.55 37.06
CA ALA B 392 22.65 -30.68 38.20
C ALA B 392 22.08 -29.33 37.78
N ASP B 393 22.53 -28.79 36.65
CA ASP B 393 22.00 -27.50 36.18
C ASP B 393 20.52 -27.62 35.84
N CYS B 394 20.15 -28.75 35.21
CA CYS B 394 18.75 -29.02 34.91
C CYS B 394 17.89 -29.07 36.15
N ILE B 395 18.38 -29.80 37.15
CA ILE B 395 17.63 -29.96 38.41
C ILE B 395 17.45 -28.63 39.12
N GLN B 396 18.52 -27.82 39.22
CA GLN B 396 18.36 -26.46 39.72
C GLN B 396 17.36 -25.66 38.86
N GLY B 397 17.36 -25.89 37.54
CA GLY B 397 16.41 -25.22 36.66
C GLY B 397 14.97 -25.55 37.04
N LEU B 398 14.76 -26.81 37.43
CA LEU B 398 13.45 -27.27 37.87
C LEU B 398 12.98 -26.56 39.14
N VAL B 399 13.93 -26.20 39.98
CA VAL B 399 13.63 -25.50 41.22
C VAL B 399 13.33 -24.03 40.90
N ASN B 400 14.16 -23.41 40.07
CA ASN B 400 13.94 -22.02 39.63
C ASN B 400 12.58 -21.80 38.97
N THR B 401 12.10 -22.80 38.24
CA THR B 401 10.83 -22.67 37.52
C THR B 401 9.62 -23.21 38.32
N GLU B 402 9.90 -23.65 39.54
CA GLU B 402 8.87 -24.13 40.47
C GLU B 402 8.23 -25.46 40.01
N MET B 403 8.88 -26.14 39.08
CA MET B 403 8.51 -27.51 38.76
C MET B 403 8.71 -28.43 39.97
N LEU B 404 9.85 -28.26 40.64
CA LEU B 404 10.17 -29.02 41.85
C LEU B 404 10.34 -28.06 43.00
N LYS B 405 9.83 -28.46 44.15
CA LYS B 405 10.15 -27.82 45.42
C LYS B 405 11.56 -28.23 45.83
N PRO B 406 12.25 -27.38 46.59
CA PRO B 406 13.57 -27.68 47.15
C PRO B 406 13.59 -29.03 47.90
N THR B 407 12.47 -29.40 48.48
CA THR B 407 12.39 -30.60 49.31
C THR B 407 11.92 -31.86 48.56
N ASP B 408 11.66 -31.73 47.26
CA ASP B 408 11.23 -32.90 46.50
C ASP B 408 12.31 -33.98 46.46
N GLU B 409 11.87 -35.24 46.51
CA GLU B 409 12.78 -36.39 46.58
C GLU B 409 12.96 -37.04 45.22
N ILE B 410 14.17 -36.95 44.69
CA ILE B 410 14.50 -37.51 43.40
C ILE B 410 15.02 -38.94 43.57
N VAL B 411 14.41 -39.90 42.87
CA VAL B 411 14.73 -41.32 43.06
C VAL B 411 15.39 -41.98 41.84
N SER B 412 15.57 -41.22 40.77
CA SER B 412 16.20 -41.75 39.57
C SER B 412 16.64 -40.59 38.70
N THR B 413 17.79 -40.74 38.06
CA THR B 413 18.28 -39.71 37.13
C THR B 413 18.77 -40.39 35.87
N TYR B 414 18.75 -39.64 34.77
CA TYR B 414 19.10 -40.12 33.45
C TYR B 414 19.69 -38.98 32.64
N HIS B 415 20.75 -39.28 31.89
CA HIS B 415 21.34 -38.31 30.98
C HIS B 415 22.01 -39.01 29.82
N ARG B 416 21.62 -38.61 28.62
CA ARG B 416 22.21 -39.14 27.40
C ARG B 416 22.26 -38.04 26.34
N ARG B 417 23.37 -37.97 25.63
CA ARG B 417 23.59 -37.00 24.56
C ARG B 417 23.44 -37.70 23.22
N PHE B 418 22.63 -37.13 22.34
CA PHE B 418 22.48 -37.65 20.98
C PHE B 418 23.10 -36.66 19.99
N ASP B 419 24.18 -37.09 19.34
CA ASP B 419 24.96 -36.19 18.50
C ASP B 419 24.12 -35.50 17.41
N HIS B 420 23.49 -36.26 16.52
CA HIS B 420 22.51 -35.72 15.59
C HIS B 420 21.11 -35.69 16.20
N GLY B 421 20.69 -34.51 16.62
CA GLY B 421 19.36 -34.34 17.20
C GLY B 421 18.37 -33.65 16.27
N TYR B 422 18.70 -32.44 15.84
CA TYR B 422 17.85 -31.70 14.90
C TYR B 422 18.67 -31.33 13.66
N PRO B 423 18.11 -31.56 12.46
CA PRO B 423 18.70 -31.01 11.23
C PRO B 423 18.22 -29.56 11.09
N THR B 424 19.12 -28.61 11.24
CA THR B 424 18.80 -27.19 11.31
C THR B 424 18.39 -26.66 9.92
N PRO B 425 17.24 -25.97 9.81
CA PRO B 425 16.89 -25.30 8.56
C PRO B 425 17.68 -23.99 8.38
N THR B 426 18.95 -24.10 8.02
CA THR B 426 19.77 -22.91 7.81
C THR B 426 19.45 -22.26 6.47
N LEU B 427 19.91 -21.01 6.29
CA LEU B 427 19.79 -20.33 5.00
C LEU B 427 20.41 -21.17 3.89
N GLU B 428 21.49 -21.88 4.20
CA GLU B 428 22.27 -22.57 3.16
C GLU B 428 21.72 -23.94 2.83
N ARG B 429 20.78 -24.43 3.63
CA ARG B 429 20.38 -25.83 3.57
C ARG B 429 19.92 -26.30 2.19
N GLU B 430 18.99 -25.57 1.58
CA GLU B 430 18.43 -25.98 0.28
C GLU B 430 19.46 -25.96 -0.83
N GLY B 431 20.25 -24.89 -0.90
CA GLY B 431 21.33 -24.83 -1.88
C GLY B 431 22.27 -26.03 -1.75
N THR B 432 22.46 -26.50 -0.53
CA THR B 432 23.36 -27.62 -0.33
C THR B 432 22.69 -28.95 -0.67
N LEU B 433 21.45 -29.12 -0.24
CA LEU B 433 20.72 -30.37 -0.49
C LEU B 433 20.48 -30.57 -2.00
N THR B 434 20.28 -29.48 -2.73
CA THR B 434 20.08 -29.61 -4.18
C THR B 434 21.35 -30.02 -4.90
N GLN B 435 22.51 -29.81 -4.29
CA GLN B 435 23.75 -30.40 -4.83
C GLN B 435 23.89 -31.87 -4.41
N ILE B 436 23.43 -32.21 -3.20
CA ILE B 436 23.68 -33.54 -2.64
C ILE B 436 22.69 -34.63 -3.08
N LEU B 437 21.40 -34.38 -2.91
CA LEU B 437 20.39 -35.43 -3.11
C LEU B 437 20.30 -35.95 -4.55
N PRO B 438 20.29 -35.04 -5.55
CA PRO B 438 20.27 -35.48 -6.96
C PRO B 438 21.53 -36.26 -7.36
N LYS B 439 22.68 -35.91 -6.80
CA LYS B 439 23.91 -36.64 -7.07
C LYS B 439 23.81 -38.07 -6.57
N LEU B 440 23.23 -38.25 -5.37
CA LEU B 440 23.05 -39.60 -4.84
C LEU B 440 21.99 -40.32 -5.68
N GLN B 441 20.95 -39.57 -6.07
CA GLN B 441 19.89 -40.12 -6.91
C GLN B 441 20.45 -40.73 -8.20
N ASP B 442 21.36 -40.02 -8.86
CA ASP B 442 21.93 -40.50 -10.11
C ASP B 442 22.80 -41.75 -9.93
N LYS B 443 23.14 -42.07 -8.68
CA LYS B 443 23.85 -43.32 -8.43
C LYS B 443 22.91 -44.37 -7.87
N ASP B 444 21.61 -44.15 -8.04
CA ASP B 444 20.60 -45.06 -7.52
C ASP B 444 20.63 -45.18 -5.99
N ILE B 445 20.91 -44.05 -5.34
CA ILE B 445 20.80 -43.99 -3.90
C ILE B 445 19.72 -43.02 -3.49
N TRP B 446 18.71 -43.55 -2.80
CA TRP B 446 17.65 -42.75 -2.20
C TRP B 446 18.01 -42.47 -0.74
N SER B 447 18.56 -41.29 -0.46
CA SER B 447 18.90 -40.92 0.91
C SER B 447 17.70 -40.19 1.51
N ARG B 448 17.12 -40.75 2.57
CA ARG B 448 15.86 -40.24 3.10
C ARG B 448 15.80 -40.34 4.61
N GLY B 449 15.09 -39.40 5.24
CA GLY B 449 14.88 -39.48 6.66
C GLY B 449 15.22 -38.19 7.37
N ARG B 450 15.13 -38.19 8.70
CA ARG B 450 15.37 -36.97 9.44
C ARG B 450 16.79 -36.46 9.14
N PHE B 451 17.76 -37.36 9.10
CA PHE B 451 19.10 -36.98 8.66
C PHE B 451 19.48 -37.58 7.30
N GLY B 452 18.67 -38.50 6.80
CA GLY B 452 18.89 -39.02 5.46
C GLY B 452 18.67 -37.92 4.42
N SER B 453 17.63 -37.11 4.62
CA SER B 453 17.35 -35.99 3.72
C SER B 453 17.25 -34.63 4.43
N TRP B 454 17.40 -34.63 5.75
CA TRP B 454 17.76 -33.39 6.47
C TRP B 454 16.72 -32.27 6.46
N ARG B 455 15.45 -32.62 6.30
CA ARG B 455 14.40 -31.62 6.29
C ARG B 455 13.45 -31.74 7.48
N TYR B 456 13.66 -30.87 8.45
CA TYR B 456 12.88 -30.86 9.69
C TYR B 456 11.35 -30.77 9.48
N GLU B 457 10.90 -29.98 8.51
CA GLU B 457 9.45 -29.79 8.31
C GLU B 457 8.76 -31.12 7.97
N VAL B 458 9.53 -32.06 7.44
CA VAL B 458 9.03 -33.42 7.26
C VAL B 458 9.91 -34.37 8.08
N GLY B 459 10.15 -33.99 9.33
CA GLY B 459 11.09 -34.74 10.16
C GLY B 459 10.49 -35.52 11.32
N ASN B 460 9.16 -35.62 11.38
CA ASN B 460 8.49 -36.39 12.44
C ASN B 460 8.43 -37.89 12.14
N GLN B 461 7.92 -38.66 13.10
CA GLN B 461 7.84 -40.12 12.94
C GLN B 461 7.01 -40.52 11.73
N ASP B 462 5.85 -39.90 11.56
CA ASP B 462 5.01 -40.23 10.41
C ASP B 462 5.64 -39.78 9.08
N HIS B 463 6.17 -38.55 9.04
CA HIS B 463 6.91 -38.07 7.85
C HIS B 463 8.03 -39.01 7.46
N SER B 464 8.85 -39.37 8.45
CA SER B 464 10.01 -40.25 8.26
C SER B 464 9.58 -41.61 7.71
N PHE B 465 8.65 -42.26 8.41
CA PHE B 465 8.07 -43.51 7.95
C PHE B 465 7.64 -43.38 6.49
N MET B 466 6.91 -42.30 6.18
CA MET B 466 6.39 -42.11 4.81
C MET B 466 7.47 -41.75 3.78
N LEU B 467 8.62 -41.25 4.23
CA LEU B 467 9.69 -41.00 3.28
C LEU B 467 10.26 -42.32 2.78
N GLY B 468 10.34 -43.30 3.67
CA GLY B 468 10.80 -44.62 3.32
C GLY B 468 9.76 -45.31 2.43
N VAL B 469 8.50 -45.21 2.82
CA VAL B 469 7.41 -45.77 2.05
C VAL B 469 7.39 -45.20 0.62
N GLU B 470 7.43 -43.88 0.50
CA GLU B 470 7.39 -43.24 -0.83
C GLU B 470 8.64 -43.50 -1.67
N ALA B 471 9.80 -43.66 -1.02
CA ALA B 471 11.02 -44.00 -1.77
C ALA B 471 10.86 -45.36 -2.47
N VAL B 472 10.36 -46.34 -1.73
CA VAL B 472 10.07 -47.64 -2.30
C VAL B 472 9.03 -47.53 -3.43
N ASP B 473 8.04 -46.69 -3.23
CA ASP B 473 6.96 -46.50 -4.19
C ASP B 473 7.45 -45.85 -5.48
N ASN B 474 8.44 -44.97 -5.34
CA ASN B 474 9.03 -44.32 -6.50
C ASN B 474 9.91 -45.31 -7.23
N ILE B 475 10.65 -46.11 -6.46
CA ILE B 475 11.52 -47.15 -7.01
C ILE B 475 10.75 -48.22 -7.78
N VAL B 476 9.64 -48.68 -7.21
CA VAL B 476 8.88 -49.78 -7.80
C VAL B 476 7.76 -49.32 -8.74
N ASN B 477 7.01 -48.30 -8.33
CA ASN B 477 5.75 -47.94 -8.99
C ASN B 477 5.76 -46.58 -9.65
N GLY B 478 6.92 -45.95 -9.68
CA GLY B 478 7.05 -44.60 -10.23
C GLY B 478 6.22 -43.55 -9.53
N ALA B 479 5.96 -43.72 -8.24
CA ALA B 479 5.20 -42.74 -7.46
C ALA B 479 5.99 -41.44 -7.31
N VAL B 480 5.28 -40.33 -7.18
CA VAL B 480 5.92 -39.06 -6.86
C VAL B 480 6.36 -39.05 -5.40
N GLU B 481 7.57 -38.57 -5.11
CA GLU B 481 7.99 -38.47 -3.71
C GLU B 481 7.50 -37.15 -3.12
N LEU B 482 6.26 -37.16 -2.66
CA LEU B 482 5.56 -35.93 -2.27
C LEU B 482 6.03 -35.36 -0.94
N THR B 483 6.21 -36.25 0.05
CA THR B 483 6.68 -35.81 1.36
C THR B 483 8.07 -35.17 1.27
N LEU B 484 8.96 -35.77 0.48
CA LEU B 484 10.30 -35.26 0.33
C LEU B 484 10.35 -33.84 -0.27
N ASN B 485 9.65 -33.64 -1.38
CA ASN B 485 9.78 -32.41 -2.15
C ASN B 485 8.70 -31.36 -1.88
N TYR B 486 7.55 -31.77 -1.33
CA TYR B 486 6.44 -30.84 -1.10
C TYR B 486 5.84 -30.92 0.31
N PRO B 487 6.60 -30.50 1.34
CA PRO B 487 6.15 -30.58 2.74
C PRO B 487 4.78 -29.92 2.98
N ASP B 488 4.58 -28.72 2.44
CA ASP B 488 3.32 -28.01 2.65
C ASP B 488 2.15 -28.73 2.01
N PHE B 489 2.41 -29.44 0.91
CA PHE B 489 1.37 -30.21 0.26
C PHE B 489 0.94 -31.39 1.14
N VAL B 490 1.90 -32.19 1.61
CA VAL B 490 1.49 -33.33 2.44
C VAL B 490 1.00 -32.90 3.82
N ASN B 491 1.54 -31.81 4.37
CA ASN B 491 1.08 -31.34 5.69
C ASN B 491 -0.29 -30.67 5.70
N GLY B 492 -0.73 -30.19 4.53
CA GLY B 492 -1.99 -29.48 4.44
C GLY B 492 -3.21 -30.29 4.03
N ARG B 493 -3.04 -31.60 3.89
CA ARG B 493 -4.14 -32.43 3.40
C ARG B 493 -4.24 -33.68 4.25
N GLN B 494 -5.33 -34.43 4.08
CA GLN B 494 -5.43 -35.75 4.66
C GLN B 494 -4.95 -36.75 3.63
N ASN B 495 -3.85 -37.45 3.94
CA ASN B 495 -3.29 -38.42 3.01
C ASN B 495 -3.89 -39.80 3.19
N THR B 496 -4.97 -40.05 2.47
CA THR B 496 -5.80 -41.25 2.68
C THR B 496 -5.62 -42.32 1.61
N GLU B 497 -4.97 -41.99 0.49
CA GLU B 497 -5.01 -42.87 -0.67
C GLU B 497 -4.24 -44.18 -0.47
N ARG B 498 -3.01 -44.08 0.03
CA ARG B 498 -2.16 -45.24 0.17
C ARG B 498 -2.50 -45.98 1.48
N ARG B 499 -2.71 -47.29 1.38
CA ARG B 499 -3.10 -48.08 2.54
C ARG B 499 -2.25 -49.34 2.63
N LEU B 500 -2.26 -49.97 3.81
CA LEU B 500 -1.50 -51.20 4.03
C LEU B 500 -2.04 -52.35 3.18
N VAL B 501 -3.34 -52.30 2.87
CA VAL B 501 -3.93 -53.19 1.88
C VAL B 501 -4.50 -52.37 0.73
N ASP B 502 -3.79 -52.35 -0.40
CA ASP B 502 -4.18 -51.62 -1.61
C ASP B 502 -4.90 -52.58 -2.60
N GLY B 503 -5.63 -52.02 -3.56
CA GLY B 503 -6.26 -52.84 -4.58
C GLY B 503 -5.39 -53.99 -5.07
N ALA B 504 -4.11 -53.72 -5.31
CA ALA B 504 -3.18 -54.75 -5.77
C ALA B 504 -3.22 -56.02 -4.90
N GLN B 505 -3.25 -55.87 -3.59
CA GLN B 505 -3.30 -57.06 -2.74
C GLN B 505 -4.69 -57.71 -2.75
N VAL B 506 -5.75 -56.90 -2.80
CA VAL B 506 -7.11 -57.45 -2.86
C VAL B 506 -7.30 -58.29 -4.11
N PHE B 507 -6.84 -57.79 -5.25
CA PHE B 507 -7.05 -58.49 -6.52
C PHE B 507 -6.20 -59.75 -6.61
N ALA B 508 -4.95 -59.65 -6.17
CA ALA B 508 -4.03 -60.78 -6.26
C ALA B 508 -4.47 -61.95 -5.35
N LYS B 509 -5.19 -61.63 -4.28
CA LYS B 509 -5.65 -62.63 -3.33
C LYS B 509 -6.81 -63.46 -3.90
N SER B 510 -7.19 -63.15 -5.14
CA SER B 510 -8.30 -63.84 -5.81
C SER B 510 -7.82 -64.71 -6.98
N HIS C 6 -28.43 64.79 -0.84
CA HIS C 6 -27.35 64.24 -0.01
C HIS C 6 -27.88 63.68 1.31
N PRO C 7 -27.28 62.57 1.78
CA PRO C 7 -27.71 61.83 2.98
C PRO C 7 -27.59 62.66 4.26
N ASP C 8 -28.21 62.20 5.34
CA ASP C 8 -28.12 62.86 6.64
C ASP C 8 -26.72 62.76 7.26
N ILE C 9 -26.04 61.63 7.01
CA ILE C 9 -24.68 61.43 7.51
C ILE C 9 -23.80 60.83 6.43
N SER C 10 -22.53 61.24 6.40
CA SER C 10 -21.56 60.63 5.49
C SER C 10 -20.30 60.19 6.25
N VAL C 11 -19.86 58.96 5.98
CA VAL C 11 -18.62 58.45 6.54
C VAL C 11 -17.86 57.67 5.48
N ASP C 12 -16.56 57.50 5.71
CA ASP C 12 -15.77 56.70 4.79
C ASP C 12 -16.16 55.23 4.89
N VAL C 13 -16.23 54.73 6.12
CA VAL C 13 -16.51 53.32 6.36
C VAL C 13 -17.65 53.18 7.35
N LEU C 14 -18.77 52.63 6.88
CA LEU C 14 -19.91 52.32 7.74
C LEU C 14 -19.88 50.84 8.13
N VAL C 15 -20.15 50.56 9.40
CA VAL C 15 -20.17 49.20 9.92
C VAL C 15 -21.55 48.84 10.43
N ILE C 16 -22.18 47.85 9.79
CA ILE C 16 -23.48 47.39 10.25
C ILE C 16 -23.35 46.20 11.21
N GLY C 17 -23.82 46.39 12.44
CA GLY C 17 -23.79 45.33 13.44
C GLY C 17 -22.68 45.49 14.47
N ALA C 18 -23.05 45.31 15.74
CA ALA C 18 -22.11 45.44 16.85
C ALA C 18 -22.01 44.17 17.70
N GLY C 19 -22.04 43.02 17.05
CA GLY C 19 -21.55 41.80 17.67
C GLY C 19 -20.03 41.84 17.59
N PRO C 20 -19.37 40.72 17.94
CA PRO C 20 -17.90 40.65 17.90
C PRO C 20 -17.27 41.14 16.59
N THR C 21 -17.88 40.80 15.45
CA THR C 21 -17.32 41.17 14.16
C THR C 21 -17.32 42.68 13.94
N GLY C 22 -18.48 43.30 14.08
CA GLY C 22 -18.58 44.75 13.97
C GLY C 22 -17.70 45.48 14.97
N LEU C 23 -17.67 44.98 16.21
CA LEU C 23 -16.85 45.60 17.24
C LEU C 23 -15.38 45.45 16.92
N GLY C 24 -15.05 44.39 16.17
CA GLY C 24 -13.69 44.21 15.69
C GLY C 24 -13.33 45.27 14.65
N ALA C 25 -14.20 45.45 13.67
CA ALA C 25 -14.00 46.49 12.67
C ALA C 25 -13.89 47.85 13.36
N ALA C 26 -14.81 48.10 14.28
CA ALA C 26 -14.84 49.38 14.98
C ALA C 26 -13.59 49.61 15.83
N LYS C 27 -13.05 48.55 16.44
CA LYS C 27 -11.84 48.71 17.25
C LYS C 27 -10.64 49.07 16.38
N ARG C 28 -10.51 48.39 15.24
CA ARG C 28 -9.40 48.65 14.32
C ARG C 28 -9.52 50.03 13.68
N LEU C 29 -10.72 50.41 13.25
CA LEU C 29 -10.95 51.75 12.73
C LEU C 29 -10.57 52.80 13.76
N ASN C 30 -10.89 52.54 15.02
CA ASN C 30 -10.64 53.51 16.09
C ASN C 30 -9.15 53.64 16.36
N GLN C 31 -8.44 52.51 16.29
CA GLN C 31 -7.00 52.48 16.47
C GLN C 31 -6.27 53.22 15.36
N ILE C 32 -6.67 52.98 14.11
CA ILE C 32 -6.02 53.60 12.96
C ILE C 32 -6.25 55.10 12.97
N ASP C 33 -7.44 55.51 13.35
CA ASP C 33 -7.76 56.93 13.50
C ASP C 33 -7.39 57.69 12.24
N GLY C 34 -7.82 57.17 11.10
CA GLY C 34 -7.63 57.80 9.81
C GLY C 34 -8.98 58.11 9.22
N PRO C 35 -9.49 57.22 8.35
CA PRO C 35 -10.80 57.40 7.71
C PRO C 35 -11.93 57.53 8.72
N SER C 36 -12.95 58.30 8.36
CA SER C 36 -14.11 58.49 9.22
C SER C 36 -14.96 57.23 9.22
N TRP C 37 -15.71 57.01 10.28
CA TRP C 37 -16.53 55.80 10.37
C TRP C 37 -17.68 55.93 11.34
N MET C 38 -18.52 54.91 11.35
CA MET C 38 -19.69 54.88 12.21
C MET C 38 -20.17 53.43 12.32
N ILE C 39 -20.70 53.07 13.49
CA ILE C 39 -21.23 51.72 13.67
C ILE C 39 -22.67 51.74 14.19
N VAL C 40 -23.53 50.95 13.57
CA VAL C 40 -24.93 50.87 13.98
C VAL C 40 -25.31 49.45 14.37
N ASP C 41 -26.33 49.34 15.22
CA ASP C 41 -26.92 48.05 15.59
C ASP C 41 -28.38 48.26 15.94
N SER C 42 -29.24 47.30 15.59
CA SER C 42 -30.66 47.37 15.95
C SER C 42 -30.89 47.21 17.44
N ASN C 43 -29.89 46.66 18.14
CA ASN C 43 -30.01 46.38 19.57
C ASN C 43 -29.32 47.44 20.41
N GLU C 44 -29.94 47.82 21.51
CA GLU C 44 -29.39 48.82 22.41
C GLU C 44 -28.09 48.33 23.08
N THR C 45 -27.98 47.02 23.23
CA THR C 45 -26.84 46.40 23.90
C THR C 45 -26.01 45.66 22.88
N PRO C 46 -24.73 46.01 22.76
CA PRO C 46 -23.92 45.29 21.75
C PRO C 46 -23.65 43.85 22.19
N GLY C 47 -23.31 42.97 21.26
CA GLY C 47 -22.96 41.60 21.59
C GLY C 47 -23.48 40.51 20.67
N GLY C 48 -24.58 40.76 19.97
CA GLY C 48 -25.17 39.77 19.09
C GLY C 48 -25.33 38.42 19.76
N LEU C 49 -24.92 37.36 19.06
CA LEU C 49 -25.02 35.99 19.59
C LEU C 49 -24.06 35.72 20.75
N ALA C 50 -23.22 36.69 21.06
CA ALA C 50 -22.31 36.57 22.19
C ALA C 50 -22.82 37.41 23.35
N SER C 51 -24.11 37.71 23.34
CA SER C 51 -24.79 38.40 24.45
C SER C 51 -25.21 37.43 25.54
N THR C 52 -25.69 38.00 26.64
CA THR C 52 -26.16 37.22 27.79
C THR C 52 -27.55 37.72 28.26
N ASP C 53 -28.46 36.80 28.53
CA ASP C 53 -29.77 37.11 29.12
C ASP C 53 -29.80 36.79 30.63
N VAL C 54 -30.80 37.31 31.33
CA VAL C 54 -31.03 36.94 32.73
C VAL C 54 -32.52 36.72 33.03
N THR C 55 -32.84 35.69 33.80
CA THR C 55 -34.20 35.41 34.19
C THR C 55 -34.65 36.36 35.31
N PRO C 56 -35.97 36.47 35.52
CA PRO C 56 -36.48 37.34 36.60
C PRO C 56 -36.00 36.83 37.94
N GLU C 57 -35.53 35.60 37.99
CA GLU C 57 -35.04 35.04 39.24
C GLU C 57 -33.55 35.30 39.47
N GLY C 58 -32.89 35.88 38.47
CA GLY C 58 -31.47 36.24 38.59
C GLY C 58 -30.49 35.19 38.08
N PHE C 59 -30.94 34.30 37.21
CA PHE C 59 -30.07 33.33 36.54
C PHE C 59 -29.69 33.82 35.13
N LEU C 60 -28.38 33.96 34.89
CA LEU C 60 -27.85 34.36 33.58
C LEU C 60 -27.71 33.18 32.62
N TYR C 61 -27.95 33.42 31.34
CA TYR C 61 -27.70 32.42 30.30
C TYR C 61 -27.10 33.04 29.04
N ASP C 62 -25.91 32.60 28.67
CA ASP C 62 -25.35 32.94 27.36
C ASP C 62 -26.25 32.32 26.31
N VAL C 63 -25.95 32.58 25.04
CA VAL C 63 -26.64 31.89 23.96
C VAL C 63 -25.99 30.53 23.72
N GLY C 64 -26.22 29.62 24.66
CA GLY C 64 -25.58 28.32 24.62
C GLY C 64 -24.16 28.42 25.13
N GLY C 65 -23.48 27.27 25.20
CA GLY C 65 -22.12 27.22 25.73
C GLY C 65 -21.19 28.14 24.95
N HIS C 66 -20.58 29.10 25.64
CA HIS C 66 -19.60 29.99 25.03
C HIS C 66 -18.27 29.92 25.77
N VAL C 67 -17.29 29.25 25.16
CA VAL C 67 -15.98 29.10 25.75
C VAL C 67 -14.93 29.71 24.81
N ILE C 68 -14.16 30.67 25.31
CA ILE C 68 -13.16 31.35 24.48
C ILE C 68 -11.85 30.59 24.33
N PHE C 69 -11.47 30.31 23.09
CA PHE C 69 -10.09 29.94 22.81
C PHE C 69 -9.57 30.90 21.74
N SER C 70 -8.59 31.73 22.12
CA SER C 70 -8.12 32.79 21.22
C SER C 70 -6.91 32.37 20.38
N HIS C 71 -6.98 32.65 19.09
CA HIS C 71 -5.86 32.38 18.20
C HIS C 71 -5.04 33.66 17.91
N TYR C 72 -5.43 34.78 18.52
CA TYR C 72 -4.86 36.07 18.14
C TYR C 72 -4.46 36.95 19.33
N LYS C 73 -3.25 37.51 19.28
CA LYS C 73 -2.84 38.49 20.28
C LYS C 73 -3.76 39.71 20.27
N TYR C 74 -4.19 40.11 19.06
CA TYR C 74 -4.97 41.32 18.91
C TYR C 74 -6.28 41.22 19.70
N PHE C 75 -6.98 40.11 19.52
CA PHE C 75 -8.17 39.78 20.31
C PHE C 75 -7.87 39.83 21.80
N ASP C 76 -6.72 39.29 22.22
CA ASP C 76 -6.36 39.29 23.65
C ASP C 76 -6.16 40.73 24.15
N ASP C 77 -5.46 41.55 23.38
CA ASP C 77 -5.23 42.96 23.73
C ASP C 77 -6.55 43.68 24.02
N CYS C 78 -7.54 43.50 23.15
CA CYS C 78 -8.82 44.18 23.31
C CYS C 78 -9.61 43.68 24.53
N LEU C 79 -9.59 42.38 24.78
CA LEU C 79 -10.21 41.84 25.99
C LEU C 79 -9.49 42.35 27.23
N ASP C 80 -8.16 42.43 27.19
CA ASP C 80 -7.41 42.91 28.35
C ASP C 80 -7.69 44.38 28.64
N GLU C 81 -7.89 45.16 27.59
CA GLU C 81 -8.21 46.58 27.74
C GLU C 81 -9.61 46.73 28.33
N ALA C 82 -10.55 45.93 27.84
CA ALA C 82 -11.94 46.01 28.25
C ALA C 82 -12.15 45.60 29.71
N LEU C 83 -11.48 44.52 30.11
CA LEU C 83 -11.62 43.99 31.46
C LEU C 83 -10.22 43.75 32.01
N PRO C 84 -9.55 44.83 32.43
CA PRO C 84 -8.12 44.79 32.79
C PRO C 84 -7.80 44.19 34.16
N LYS C 85 -8.76 44.08 35.07
CA LYS C 85 -8.45 43.60 36.43
C LYS C 85 -8.41 42.07 36.51
N GLU C 86 -7.50 41.55 37.33
CA GLU C 86 -7.39 40.10 37.49
C GLU C 86 -8.69 39.46 38.02
N ASP C 87 -9.46 40.21 38.81
CA ASP C 87 -10.71 39.64 39.32
C ASP C 87 -11.90 39.91 38.40
N ASP C 88 -11.62 40.36 37.17
CA ASP C 88 -12.64 40.48 36.14
C ASP C 88 -12.92 39.13 35.48
N TRP C 89 -12.08 38.13 35.78
CA TRP C 89 -12.15 36.83 35.11
C TRP C 89 -11.94 35.68 36.07
N TYR C 90 -12.44 34.52 35.69
CA TYR C 90 -12.14 33.26 36.39
C TYR C 90 -11.55 32.32 35.37
N THR C 91 -10.59 31.51 35.80
CA THR C 91 -9.93 30.57 34.90
C THR C 91 -10.39 29.16 35.25
N HIS C 92 -10.63 28.33 34.23
CA HIS C 92 -11.04 26.94 34.47
C HIS C 92 -10.36 25.99 33.50
N GLN C 93 -10.26 24.72 33.88
CA GLN C 93 -9.74 23.74 32.95
C GLN C 93 -10.85 23.37 31.97
N ARG C 94 -10.47 22.96 30.77
CA ARG C 94 -11.41 22.62 29.70
C ARG C 94 -11.94 21.19 29.88
N ILE C 95 -12.85 21.02 30.83
CA ILE C 95 -13.34 19.70 31.23
C ILE C 95 -14.65 19.32 30.53
N SER C 96 -14.62 18.27 29.71
CA SER C 96 -15.82 17.88 28.99
C SER C 96 -15.96 16.35 28.95
N TYR C 97 -17.20 15.89 28.85
CA TYR C 97 -17.52 14.46 28.89
C TYR C 97 -18.62 14.14 27.89
N VAL C 98 -18.64 12.89 27.45
CA VAL C 98 -19.69 12.40 26.57
C VAL C 98 -20.58 11.46 27.38
N ARG C 99 -21.88 11.73 27.42
CA ARG C 99 -22.83 10.83 28.06
C ARG C 99 -23.11 9.65 27.16
N CYS C 100 -22.80 8.45 27.63
CA CYS C 100 -23.02 7.26 26.82
C CYS C 100 -23.27 6.04 27.71
N GLN C 101 -24.41 5.39 27.49
CA GLN C 101 -24.75 4.15 28.19
C GLN C 101 -24.53 4.22 29.71
N GLY C 102 -25.09 5.25 30.33
CA GLY C 102 -25.08 5.34 31.77
C GLY C 102 -23.79 5.87 32.39
N GLN C 103 -22.85 6.30 31.54
CA GLN C 103 -21.52 6.73 31.99
C GLN C 103 -21.16 8.13 31.49
N TRP C 104 -20.32 8.85 32.25
CA TRP C 104 -19.72 10.08 31.74
C TRP C 104 -18.35 9.74 31.21
N VAL C 105 -18.21 9.70 29.89
CA VAL C 105 -16.95 9.33 29.24
C VAL C 105 -16.12 10.57 28.96
N PRO C 106 -14.91 10.66 29.54
CA PRO C 106 -14.06 11.82 29.26
C PRO C 106 -13.87 12.03 27.78
N TYR C 107 -13.87 13.28 27.34
CA TYR C 107 -13.53 13.62 25.97
C TYR C 107 -12.00 13.62 25.89
N PRO C 108 -11.42 13.13 24.78
CA PRO C 108 -12.04 12.58 23.57
C PRO C 108 -12.50 11.16 23.75
N PHE C 109 -13.66 10.87 23.16
CA PHE C 109 -14.36 9.62 23.37
C PHE C 109 -13.51 8.39 23.13
N GLN C 110 -12.77 8.36 22.01
CA GLN C 110 -12.10 7.13 21.62
C GLN C 110 -11.00 6.70 22.59
N ASN C 111 -10.46 7.66 23.35
CA ASN C 111 -9.37 7.31 24.28
C ASN C 111 -9.91 6.83 25.61
N ASN C 112 -11.24 6.63 25.67
CA ASN C 112 -11.85 6.36 26.95
C ASN C 112 -12.88 5.26 26.90
N ILE C 113 -12.88 4.47 25.83
CA ILE C 113 -13.89 3.43 25.69
C ILE C 113 -13.67 2.24 26.63
N SER C 114 -12.65 2.31 27.48
CA SER C 114 -12.49 1.27 28.50
C SER C 114 -13.67 1.28 29.49
N MET C 115 -14.44 2.36 29.51
CA MET C 115 -15.59 2.44 30.41
C MET C 115 -16.79 1.63 29.92
N LEU C 116 -16.80 1.28 28.64
CA LEU C 116 -17.90 0.56 28.03
C LEU C 116 -17.81 -0.93 28.29
N PRO C 117 -18.91 -1.65 28.07
CA PRO C 117 -18.83 -3.11 28.17
C PRO C 117 -17.79 -3.70 27.20
N LYS C 118 -17.20 -4.81 27.60
CA LYS C 118 -16.10 -5.43 26.86
C LYS C 118 -16.47 -5.81 25.43
N GLU C 119 -17.65 -6.39 25.26
CA GLU C 119 -18.09 -6.84 23.95
C GLU C 119 -18.15 -5.65 23.00
N GLU C 120 -18.44 -4.48 23.57
CA GLU C 120 -18.56 -3.27 22.79
C GLU C 120 -17.16 -2.70 22.47
N GLN C 121 -16.25 -2.85 23.44
CA GLN C 121 -14.86 -2.50 23.25
C GLN C 121 -14.28 -3.30 22.10
N VAL C 122 -14.68 -4.56 22.00
CA VAL C 122 -14.20 -5.44 20.95
C VAL C 122 -14.64 -4.95 19.57
N LYS C 123 -15.92 -4.59 19.45
CA LYS C 123 -16.44 -4.02 18.21
C LYS C 123 -15.75 -2.72 17.82
N CYS C 124 -15.58 -1.83 18.79
CA CYS C 124 -14.90 -0.56 18.55
C CYS C 124 -13.48 -0.75 18.05
N ILE C 125 -12.74 -1.65 18.70
CA ILE C 125 -11.35 -1.90 18.35
C ILE C 125 -11.25 -2.55 16.97
N ASP C 126 -12.13 -3.50 16.69
CA ASP C 126 -12.15 -4.14 15.37
C ASP C 126 -12.38 -3.11 14.25
N GLY C 127 -13.33 -2.21 14.46
CA GLY C 127 -13.64 -1.18 13.49
C GLY C 127 -12.47 -0.23 13.26
N MET C 128 -11.77 0.09 14.33
CA MET C 128 -10.64 0.99 14.24
C MET C 128 -9.43 0.30 13.59
N ILE C 129 -9.29 -1.00 13.82
CA ILE C 129 -8.27 -1.77 13.10
C ILE C 129 -8.53 -1.67 11.60
N ASP C 130 -9.78 -1.93 11.18
CA ASP C 130 -10.17 -1.79 9.76
C ASP C 130 -9.79 -0.41 9.24
N ALA C 131 -10.13 0.63 10.00
CA ALA C 131 -9.82 2.00 9.61
C ALA C 131 -8.31 2.27 9.50
N ALA C 132 -7.51 1.66 10.38
CA ALA C 132 -6.07 1.89 10.33
C ALA C 132 -5.47 1.24 9.09
N LEU C 133 -5.96 0.04 8.77
CA LEU C 133 -5.44 -0.71 7.65
C LEU C 133 -5.81 0.00 6.35
N GLU C 134 -7.03 0.52 6.28
CA GLU C 134 -7.45 1.30 5.11
C GLU C 134 -6.71 2.63 5.00
N ALA C 135 -6.42 3.25 6.14
CA ALA C 135 -5.71 4.53 6.10
C ALA C 135 -4.30 4.35 5.55
N ARG C 136 -3.73 3.17 5.77
CA ARG C 136 -2.37 2.89 5.35
C ARG C 136 -2.22 2.91 3.83
N VAL C 137 -3.27 2.54 3.10
CA VAL C 137 -3.24 2.55 1.63
C VAL C 137 -4.17 3.59 0.99
N ALA C 138 -4.67 4.53 1.77
CA ALA C 138 -5.56 5.55 1.22
C ALA C 138 -4.81 6.48 0.27
N ASN C 139 -5.46 6.84 -0.84
CA ASN C 139 -4.87 7.77 -1.80
C ASN C 139 -5.87 8.82 -2.25
N THR C 140 -6.94 8.99 -1.47
CA THR C 140 -7.94 10.02 -1.74
C THR C 140 -8.32 10.75 -0.45
N LYS C 141 -8.80 11.97 -0.58
CA LYS C 141 -9.32 12.68 0.58
C LYS C 141 -10.80 12.33 0.81
N PRO C 142 -11.23 12.32 2.08
CA PRO C 142 -12.66 12.15 2.34
C PRO C 142 -13.44 13.32 1.71
N LYS C 143 -14.65 13.04 1.22
CA LYS C 143 -15.48 14.04 0.56
C LYS C 143 -16.62 14.54 1.45
N THR C 144 -17.06 13.71 2.39
CA THR C 144 -18.09 14.15 3.33
C THR C 144 -17.63 14.06 4.78
N PHE C 145 -18.26 14.85 5.63
CA PHE C 145 -18.11 14.76 7.07
C PHE C 145 -18.25 13.31 7.51
N ASP C 146 -19.20 12.59 6.92
CA ASP C 146 -19.40 11.20 7.29
C ASP C 146 -18.20 10.32 6.97
N GLU C 147 -17.65 10.49 5.76
CA GLU C 147 -16.47 9.70 5.36
C GLU C 147 -15.31 10.02 6.29
N TRP C 148 -15.17 11.30 6.62
CA TRP C 148 -14.08 11.77 7.47
C TRP C 148 -14.23 11.08 8.84
N ILE C 149 -15.44 11.11 9.38
CA ILE C 149 -15.67 10.49 10.69
C ILE C 149 -15.27 9.03 10.73
N VAL C 150 -15.75 8.25 9.76
CA VAL C 150 -15.47 6.82 9.71
C VAL C 150 -14.00 6.47 9.50
N ARG C 151 -13.29 7.30 8.75
CA ARG C 151 -11.87 7.06 8.52
C ARG C 151 -11.04 7.38 9.75
N MET C 152 -11.48 8.36 10.53
CA MET C 152 -10.82 8.67 11.78
C MET C 152 -11.08 7.60 12.86
N MET C 153 -12.33 7.13 12.95
CA MET C 153 -12.79 6.39 14.14
C MET C 153 -13.08 4.91 13.91
N GLY C 154 -13.39 4.54 12.67
CA GLY C 154 -13.94 3.24 12.39
C GLY C 154 -15.43 3.20 12.69
N THR C 155 -16.12 2.20 12.15
CA THR C 155 -17.58 2.11 12.26
C THR C 155 -18.13 2.12 13.70
N GLY C 156 -17.63 1.22 14.53
CA GLY C 156 -18.14 1.06 15.89
C GLY C 156 -18.07 2.37 16.69
N ILE C 157 -16.91 3.01 16.67
CA ILE C 157 -16.78 4.24 17.43
C ILE C 157 -17.57 5.40 16.81
N ALA C 158 -17.63 5.47 15.48
CA ALA C 158 -18.40 6.52 14.82
C ALA C 158 -19.88 6.42 15.23
N ASP C 159 -20.42 5.21 15.18
CA ASP C 159 -21.84 4.97 15.49
C ASP C 159 -22.23 5.29 16.95
N LEU C 160 -21.26 5.26 17.85
CA LEU C 160 -21.54 5.51 19.26
C LEU C 160 -21.59 7.01 19.58
N PHE C 161 -20.77 7.81 18.91
CA PHE C 161 -20.64 9.21 19.30
C PHE C 161 -20.78 10.17 18.14
N MET C 162 -19.74 10.33 17.33
CA MET C 162 -19.73 11.38 16.31
C MET C 162 -20.89 11.37 15.31
N ARG C 163 -21.34 10.21 14.85
CA ARG C 163 -22.45 10.19 13.90
C ARG C 163 -23.75 10.69 14.54
N PRO C 164 -24.22 10.02 15.62
CA PRO C 164 -25.50 10.48 16.15
C PRO C 164 -25.37 11.87 16.79
N TYR C 165 -24.26 12.15 17.46
CA TYR C 165 -24.07 13.50 18.04
C TYR C 165 -24.15 14.63 17.00
N ASN C 166 -23.40 14.49 15.90
CA ASN C 166 -23.41 15.55 14.89
C ASN C 166 -24.76 15.79 14.20
N PHE C 167 -25.57 14.75 14.04
CA PHE C 167 -26.93 14.98 13.58
C PHE C 167 -27.72 15.84 14.58
N LYS C 168 -27.64 15.49 15.87
CA LYS C 168 -28.33 16.27 16.89
C LYS C 168 -27.83 17.72 16.93
N VAL C 169 -26.59 17.95 16.52
CA VAL C 169 -26.02 19.31 16.53
C VAL C 169 -26.42 20.12 15.28
N TRP C 170 -26.06 19.61 14.09
CA TRP C 170 -26.26 20.32 12.81
C TRP C 170 -27.67 20.24 12.25
N ALA C 171 -28.44 19.28 12.76
CA ALA C 171 -29.81 19.07 12.31
C ALA C 171 -29.82 18.73 10.82
N VAL C 172 -28.71 18.18 10.34
CA VAL C 172 -28.66 17.54 9.02
C VAL C 172 -27.73 16.34 9.13
N PRO C 173 -27.92 15.34 8.26
CA PRO C 173 -27.09 14.13 8.33
C PRO C 173 -25.63 14.41 7.96
N THR C 174 -24.70 13.66 8.57
CA THR C 174 -23.28 13.83 8.30
C THR C 174 -22.94 13.60 6.84
N THR C 175 -23.74 12.79 6.15
CA THR C 175 -23.52 12.47 4.74
C THR C 175 -23.72 13.68 3.83
N LYS C 176 -24.35 14.73 4.34
CA LYS C 176 -24.68 15.90 3.52
C LYS C 176 -23.76 17.08 3.81
N MET C 177 -22.74 16.88 4.63
CA MET C 177 -21.82 17.97 4.93
C MET C 177 -20.45 17.71 4.33
N GLN C 178 -19.75 18.79 3.99
CA GLN C 178 -18.35 18.67 3.57
C GLN C 178 -17.49 18.44 4.81
N CYS C 179 -16.20 18.21 4.60
CA CYS C 179 -15.27 17.98 5.70
C CYS C 179 -13.97 18.81 5.64
N ALA C 180 -13.85 19.68 4.64
CA ALA C 180 -12.67 20.56 4.54
C ALA C 180 -12.57 21.52 5.73
N TRP C 181 -13.71 21.95 6.25
CA TRP C 181 -13.78 22.85 7.38
C TRP C 181 -13.16 22.28 8.64
N LEU C 182 -12.84 20.99 8.64
CA LEU C 182 -12.22 20.38 9.82
C LEU C 182 -10.69 20.53 9.79
N GLY C 183 -10.15 20.96 8.67
CA GLY C 183 -8.72 21.22 8.58
C GLY C 183 -7.96 20.17 7.79
N GLU C 184 -6.64 20.27 7.77
CA GLU C 184 -5.86 19.50 6.81
C GLU C 184 -5.37 18.16 7.37
N ARG C 185 -5.53 17.95 8.68
CA ARG C 185 -5.11 16.70 9.32
C ARG C 185 -5.66 15.46 8.59
N VAL C 186 -4.79 14.48 8.38
CA VAL C 186 -5.17 13.24 7.71
C VAL C 186 -6.25 12.51 8.51
N ALA C 187 -7.29 12.07 7.82
CA ALA C 187 -8.34 11.29 8.47
C ALA C 187 -7.88 9.85 8.64
N ALA C 188 -7.41 9.53 9.84
CA ALA C 188 -6.84 8.22 10.15
C ALA C 188 -6.81 8.05 11.67
N PRO C 189 -6.90 6.80 12.15
CA PRO C 189 -6.95 6.51 13.59
C PRO C 189 -5.60 6.56 14.28
N ASN C 190 -5.58 6.90 15.56
CA ASN C 190 -4.41 6.60 16.38
C ASN C 190 -4.67 5.29 17.10
N LEU C 191 -4.49 4.20 16.36
CA LEU C 191 -4.89 2.89 16.84
C LEU C 191 -4.15 2.51 18.12
N LYS C 192 -2.86 2.84 18.19
CA LYS C 192 -2.03 2.48 19.34
C LYS C 192 -2.50 3.18 20.62
N ALA C 193 -2.81 4.47 20.52
CA ALA C 193 -3.29 5.23 21.66
C ALA C 193 -4.61 4.66 22.19
N VAL C 194 -5.52 4.36 21.27
CA VAL C 194 -6.81 3.82 21.65
C VAL C 194 -6.66 2.44 22.28
N THR C 195 -5.87 1.58 21.66
CA THR C 195 -5.73 0.20 22.14
C THR C 195 -5.00 0.16 23.49
N THR C 196 -4.03 1.06 23.67
CA THR C 196 -3.27 1.13 24.91
C THR C 196 -4.18 1.44 26.11
N ASN C 197 -5.06 2.44 25.97
CA ASN C 197 -6.00 2.77 27.03
C ASN C 197 -7.00 1.66 27.30
N VAL C 198 -7.42 0.94 26.26
CA VAL C 198 -8.26 -0.22 26.47
C VAL C 198 -7.52 -1.34 27.25
N ILE C 199 -6.29 -1.65 26.84
CA ILE C 199 -5.51 -2.69 27.53
C ILE C 199 -5.23 -2.32 28.98
N LEU C 200 -4.90 -1.06 29.24
CA LEU C 200 -4.56 -0.65 30.60
C LEU C 200 -5.82 -0.35 31.44
N GLY C 201 -7.00 -0.41 30.83
CA GLY C 201 -8.23 -0.06 31.52
C GLY C 201 -8.16 1.36 32.06
N LYS C 202 -7.70 2.27 31.22
CA LYS C 202 -7.35 3.63 31.62
C LYS C 202 -8.28 4.67 30.97
N THR C 203 -8.50 5.77 31.66
CA THR C 203 -9.24 6.92 31.11
C THR C 203 -8.36 8.16 31.19
N ALA C 204 -8.63 9.14 30.33
CA ALA C 204 -7.82 10.34 30.26
C ALA C 204 -8.48 11.39 29.37
N GLY C 205 -8.81 12.54 29.94
CA GLY C 205 -9.38 13.64 29.19
C GLY C 205 -8.29 14.49 28.59
N ASN C 206 -8.65 15.35 27.64
CA ASN C 206 -7.69 16.24 27.01
C ASN C 206 -7.61 17.57 27.72
N TRP C 207 -7.56 17.54 29.05
CA TRP C 207 -7.37 18.76 29.82
C TRP C 207 -6.32 18.59 30.91
N GLY C 208 -6.01 19.70 31.57
CA GLY C 208 -4.95 19.71 32.54
C GLY C 208 -4.64 21.16 32.85
N PRO C 209 -3.65 21.40 33.71
CA PRO C 209 -3.34 22.76 34.18
C PRO C 209 -3.05 23.76 33.05
N ASN C 210 -2.63 23.29 31.88
CA ASN C 210 -2.37 24.20 30.76
C ASN C 210 -3.47 24.29 29.68
N ALA C 211 -4.49 23.44 29.76
CA ALA C 211 -5.62 23.54 28.83
C ALA C 211 -6.79 24.19 29.54
N THR C 212 -6.80 25.53 29.52
CA THR C 212 -7.75 26.33 30.28
C THR C 212 -8.48 27.34 29.41
N PHE C 213 -9.57 27.88 29.94
CA PHE C 213 -10.22 29.03 29.32
C PHE C 213 -10.47 30.02 30.43
N ARG C 214 -10.77 31.26 30.08
CA ARG C 214 -11.15 32.25 31.08
C ARG C 214 -12.55 32.78 30.77
N PHE C 215 -13.33 32.98 31.83
CA PHE C 215 -14.71 33.44 31.68
C PHE C 215 -14.92 34.69 32.52
N PRO C 216 -15.77 35.61 32.04
CA PRO C 216 -15.96 36.89 32.72
C PRO C 216 -16.62 36.71 34.09
N ALA C 217 -16.09 37.42 35.08
CA ALA C 217 -16.62 37.35 36.43
C ALA C 217 -18.08 37.77 36.47
N ARG C 218 -18.43 38.79 35.71
CA ARG C 218 -19.77 39.36 35.76
C ARG C 218 -20.43 39.58 34.41
N GLY C 219 -21.74 39.33 34.35
CA GLY C 219 -22.53 39.65 33.17
C GLY C 219 -22.42 38.64 32.04
N GLY C 220 -21.88 37.46 32.33
CA GLY C 220 -21.73 36.43 31.31
C GLY C 220 -20.82 36.86 30.16
N THR C 221 -20.82 36.07 29.10
CA THR C 221 -20.06 36.40 27.90
C THR C 221 -20.42 37.81 27.41
N GLY C 222 -21.67 38.20 27.61
CA GLY C 222 -22.14 39.51 27.15
C GLY C 222 -21.41 40.67 27.79
N GLY C 223 -20.88 40.45 29.00
CA GLY C 223 -20.16 41.48 29.71
C GLY C 223 -18.89 41.93 28.97
N ILE C 224 -18.29 41.01 28.22
CA ILE C 224 -17.09 41.31 27.44
C ILE C 224 -17.36 42.37 26.39
N TRP C 225 -18.41 42.14 25.61
CA TRP C 225 -18.71 43.02 24.48
C TRP C 225 -19.33 44.38 24.87
N ILE C 226 -20.00 44.42 26.00
CA ILE C 226 -20.43 45.70 26.53
C ILE C 226 -19.20 46.52 26.90
N ALA C 227 -18.23 45.88 27.54
CA ALA C 227 -17.01 46.54 27.97
C ALA C 227 -16.15 46.99 26.79
N VAL C 228 -16.07 46.15 25.76
CA VAL C 228 -15.30 46.49 24.57
C VAL C 228 -15.95 47.67 23.85
N ALA C 229 -17.25 47.58 23.63
CA ALA C 229 -17.98 48.65 22.94
C ALA C 229 -17.84 49.97 23.70
N ASN C 230 -17.74 49.89 25.03
CA ASN C 230 -17.60 51.07 25.87
C ASN C 230 -16.30 51.83 25.68
N THR C 231 -15.30 51.18 25.09
CA THR C 231 -14.05 51.86 24.82
C THR C 231 -14.10 52.69 23.54
N LEU C 232 -15.17 52.57 22.77
CA LEU C 232 -15.32 53.34 21.53
C LEU C 232 -15.85 54.74 21.83
N PRO C 233 -15.58 55.71 20.93
CA PRO C 233 -16.19 57.04 21.08
C PRO C 233 -17.69 56.99 20.83
N LYS C 234 -18.47 57.26 21.87
CA LYS C 234 -19.92 57.08 21.84
C LYS C 234 -20.60 57.76 20.64
N GLU C 235 -20.11 58.93 20.26
CA GLU C 235 -20.73 59.69 19.17
C GLU C 235 -20.62 58.98 17.81
N LYS C 236 -19.75 57.97 17.74
CA LYS C 236 -19.58 57.22 16.49
C LYS C 236 -20.42 55.95 16.48
N THR C 237 -21.20 55.74 17.54
CA THR C 237 -22.07 54.58 17.62
C THR C 237 -23.53 54.97 17.59
N ARG C 238 -24.37 54.05 17.14
CA ARG C 238 -25.79 54.29 17.05
C ARG C 238 -26.48 52.96 17.25
N PHE C 239 -26.85 52.66 18.50
CA PHE C 239 -27.34 51.35 18.87
C PHE C 239 -28.78 51.42 19.36
N GLY C 240 -29.64 50.58 18.81
CA GLY C 240 -31.03 50.54 19.23
C GLY C 240 -31.98 50.66 18.07
N GLU C 241 -33.25 50.94 18.36
CA GLU C 241 -34.21 51.18 17.30
C GLU C 241 -33.65 52.23 16.33
N LYS C 242 -32.98 53.24 16.89
CA LYS C 242 -32.41 54.32 16.09
C LYS C 242 -31.29 53.86 15.17
N GLY C 243 -30.79 52.65 15.40
CA GLY C 243 -29.68 52.12 14.61
C GLY C 243 -30.01 50.91 13.74
N LYS C 244 -31.30 50.63 13.57
CA LYS C 244 -31.71 49.45 12.81
C LYS C 244 -31.66 49.73 11.32
N VAL C 245 -30.93 48.91 10.57
CA VAL C 245 -30.89 49.10 9.12
C VAL C 245 -32.10 48.44 8.46
N THR C 246 -32.77 49.16 7.55
CA THR C 246 -33.93 48.59 6.85
C THR C 246 -33.69 48.49 5.35
N LYS C 247 -32.88 49.40 4.81
CA LYS C 247 -32.63 49.39 3.38
C LYS C 247 -31.15 49.61 3.08
N VAL C 248 -30.65 48.89 2.08
CA VAL C 248 -29.30 49.13 1.57
C VAL C 248 -29.30 49.33 0.04
N ASN C 249 -29.02 50.56 -0.38
CA ASN C 249 -28.91 50.86 -1.79
C ASN C 249 -27.43 50.83 -2.14
N ALA C 250 -26.99 49.72 -2.72
CA ALA C 250 -25.57 49.51 -3.00
C ALA C 250 -25.04 50.37 -4.15
N ASN C 251 -25.94 50.86 -5.00
CA ASN C 251 -25.53 51.69 -6.13
C ASN C 251 -25.25 53.13 -5.75
N ASN C 252 -26.01 53.65 -4.80
CA ASN C 252 -25.82 55.00 -4.28
C ASN C 252 -24.87 55.01 -3.09
N LYS C 253 -24.54 53.82 -2.61
CA LYS C 253 -23.76 53.66 -1.38
C LYS C 253 -24.44 54.41 -0.26
N THR C 254 -25.73 54.13 -0.12
CA THR C 254 -26.56 54.73 0.91
C THR C 254 -27.28 53.63 1.68
N VAL C 255 -27.36 53.82 2.98
CA VAL C 255 -28.11 52.94 3.84
C VAL C 255 -29.25 53.74 4.45
N THR C 256 -30.39 53.09 4.68
CA THR C 256 -31.52 53.76 5.30
C THR C 256 -31.93 53.06 6.59
N LEU C 257 -32.02 53.84 7.66
CA LEU C 257 -32.39 53.32 8.96
C LEU C 257 -33.91 53.34 9.13
N GLN C 258 -34.38 52.65 10.17
CA GLN C 258 -35.82 52.48 10.38
C GLN C 258 -36.51 53.79 10.67
N ASP C 259 -35.80 54.71 11.31
CA ASP C 259 -36.37 56.00 11.71
C ASP C 259 -36.31 57.01 10.57
N GLY C 260 -35.76 56.60 9.42
CA GLY C 260 -35.73 57.43 8.23
C GLY C 260 -34.37 57.98 7.86
N THR C 261 -33.44 57.95 8.80
CA THR C 261 -32.09 58.49 8.62
C THR C 261 -31.31 57.79 7.51
N THR C 262 -30.63 58.56 6.67
CA THR C 262 -29.83 58.00 5.60
C THR C 262 -28.35 58.17 5.91
N ILE C 263 -27.55 57.16 5.58
CA ILE C 263 -26.12 57.23 5.77
C ILE C 263 -25.39 56.86 4.49
N GLY C 264 -24.53 57.76 4.03
CA GLY C 264 -23.68 57.48 2.89
C GLY C 264 -22.31 56.97 3.30
N TYR C 265 -21.79 56.04 2.52
CA TYR C 265 -20.50 55.44 2.82
C TYR C 265 -19.70 55.31 1.54
N LYS C 266 -18.40 55.09 1.68
CA LYS C 266 -17.57 54.69 0.56
C LYS C 266 -17.32 53.18 0.58
N LYS C 267 -17.18 52.62 1.79
CA LYS C 267 -16.98 51.19 1.98
C LYS C 267 -17.90 50.67 3.10
N LEU C 268 -18.57 49.56 2.86
CA LEU C 268 -19.52 49.01 3.82
C LEU C 268 -19.01 47.68 4.42
N VAL C 269 -18.92 47.62 5.75
CA VAL C 269 -18.61 46.36 6.43
C VAL C 269 -19.88 45.84 7.08
N SER C 270 -20.47 44.82 6.48
CA SER C 270 -21.77 44.34 6.96
C SER C 270 -21.61 43.04 7.73
N THR C 271 -22.17 42.98 8.93
CA THR C 271 -22.06 41.79 9.76
C THR C 271 -23.41 41.14 10.05
N MET C 272 -24.47 41.67 9.43
CA MET C 272 -25.76 40.99 9.54
C MET C 272 -25.74 39.72 8.71
N ALA C 273 -26.67 38.81 8.99
CA ALA C 273 -26.75 37.58 8.21
C ALA C 273 -26.82 37.97 6.73
N VAL C 274 -25.97 37.37 5.91
CA VAL C 274 -25.88 37.76 4.50
C VAL C 274 -27.22 37.58 3.76
N ASP C 275 -28.10 36.71 4.27
CA ASP C 275 -29.41 36.53 3.64
C ASP C 275 -30.38 37.68 3.95
N PHE C 276 -30.23 38.31 5.12
CA PHE C 276 -30.96 39.55 5.40
C PHE C 276 -30.35 40.70 4.59
N LEU C 277 -29.05 40.68 4.37
CA LEU C 277 -28.43 41.75 3.58
C LEU C 277 -29.01 41.77 2.18
N ALA C 278 -29.19 40.60 1.59
CA ALA C 278 -29.64 40.52 0.20
C ALA C 278 -31.08 41.02 0.10
N GLU C 279 -31.85 40.82 1.17
CA GLU C 279 -33.21 41.34 1.24
C GLU C 279 -33.22 42.86 1.40
N ALA C 280 -32.38 43.36 2.30
CA ALA C 280 -32.26 44.80 2.50
C ALA C 280 -31.73 45.51 1.25
N MET C 281 -31.09 44.76 0.36
CA MET C 281 -30.56 45.34 -0.88
C MET C 281 -31.57 45.27 -2.03
N ASN C 282 -32.67 44.55 -1.82
CA ASN C 282 -33.67 44.30 -2.87
C ASN C 282 -33.02 43.80 -4.15
N ASP C 283 -31.99 42.98 -3.99
CA ASP C 283 -31.25 42.40 -5.09
C ASP C 283 -31.73 40.96 -5.29
N GLN C 284 -32.57 40.75 -6.29
CA GLN C 284 -33.20 39.46 -6.48
C GLN C 284 -32.18 38.34 -6.73
N GLU C 285 -31.12 38.63 -7.47
CA GLU C 285 -30.11 37.63 -7.74
C GLU C 285 -29.46 37.14 -6.45
N LEU C 286 -29.09 38.08 -5.59
CA LEU C 286 -28.50 37.75 -4.29
C LEU C 286 -29.46 37.04 -3.35
N VAL C 287 -30.73 37.43 -3.36
CA VAL C 287 -31.74 36.71 -2.60
C VAL C 287 -31.75 35.24 -3.00
N GLY C 288 -31.81 35.00 -4.31
CA GLY C 288 -31.86 33.65 -4.83
C GLY C 288 -30.66 32.82 -4.38
N LEU C 289 -29.48 33.44 -4.45
CA LEU C 289 -28.25 32.77 -4.06
C LEU C 289 -28.18 32.52 -2.55
N THR C 290 -28.53 33.52 -1.74
CA THR C 290 -28.42 33.36 -0.30
C THR C 290 -29.44 32.34 0.24
N LYS C 291 -30.55 32.18 -0.48
CA LYS C 291 -31.56 31.19 -0.07
C LYS C 291 -31.07 29.76 -0.33
N GLN C 292 -29.94 29.62 -1.02
CA GLN C 292 -29.32 28.31 -1.25
C GLN C 292 -28.36 27.91 -0.11
N LEU C 293 -28.11 28.83 0.81
CA LEU C 293 -27.28 28.53 1.96
C LEU C 293 -28.16 27.83 2.98
N PHE C 294 -27.55 27.07 3.88
CA PHE C 294 -28.33 26.38 4.90
C PHE C 294 -27.88 26.79 6.29
N TYR C 295 -28.83 26.86 7.21
CA TYR C 295 -28.51 27.14 8.60
C TYR C 295 -29.49 26.44 9.51
N SER C 296 -29.11 26.28 10.77
CA SER C 296 -30.03 25.73 11.77
C SER C 296 -30.28 26.79 12.83
N SER C 297 -31.44 26.69 13.49
CA SER C 297 -31.79 27.55 14.62
C SER C 297 -31.35 26.85 15.91
N THR C 298 -31.15 27.65 16.96
CA THR C 298 -30.72 27.13 18.25
C THR C 298 -31.76 27.47 19.33
N HIS C 299 -32.22 26.47 20.08
CA HIS C 299 -33.03 26.77 21.27
C HIS C 299 -32.11 26.70 22.47
N VAL C 300 -32.08 27.75 23.27
CA VAL C 300 -31.34 27.70 24.52
C VAL C 300 -32.32 27.50 25.67
N ILE C 301 -32.13 26.44 26.44
CA ILE C 301 -32.93 26.23 27.66
C ILE C 301 -32.03 26.34 28.88
N GLY C 302 -32.47 27.11 29.87
CA GLY C 302 -31.72 27.28 31.11
C GLY C 302 -32.54 26.79 32.30
N VAL C 303 -31.91 26.10 33.24
CA VAL C 303 -32.60 25.55 34.40
C VAL C 303 -31.82 25.91 35.66
N GLY C 304 -32.46 26.64 36.56
CA GLY C 304 -31.88 26.97 37.85
C GLY C 304 -32.34 25.98 38.91
N VAL C 305 -31.41 25.47 39.69
CA VAL C 305 -31.69 24.37 40.62
C VAL C 305 -31.20 24.72 42.01
N ARG C 306 -31.95 24.31 43.03
CA ARG C 306 -31.56 24.61 44.40
C ARG C 306 -30.62 23.54 44.92
N GLY C 307 -29.67 23.95 45.75
CA GLY C 307 -28.76 23.03 46.40
C GLY C 307 -27.32 23.35 46.03
N SER C 308 -26.37 22.88 46.82
CA SER C 308 -24.97 22.98 46.41
C SER C 308 -24.71 22.04 45.24
N ARG C 309 -23.61 22.26 44.55
CA ARG C 309 -23.24 21.44 43.42
C ARG C 309 -23.15 19.95 43.78
N PRO C 310 -23.96 19.11 43.12
CA PRO C 310 -23.92 17.66 43.42
C PRO C 310 -22.56 17.06 43.05
N GLU C 311 -22.11 16.09 43.84
CA GLU C 311 -20.83 15.43 43.56
C GLU C 311 -20.81 14.80 42.18
N ARG C 312 -21.94 14.27 41.74
CA ARG C 312 -22.01 13.65 40.40
C ARG C 312 -21.70 14.66 39.28
N ILE C 313 -22.01 15.94 39.51
CA ILE C 313 -21.71 16.98 38.53
C ILE C 313 -20.25 17.43 38.62
N GLY C 314 -19.82 17.78 39.84
CA GLY C 314 -18.44 18.17 40.09
C GLY C 314 -17.93 19.34 39.24
N ASP C 315 -16.74 19.17 38.70
CA ASP C 315 -16.06 20.25 37.98
C ASP C 315 -16.34 20.24 36.47
N LYS C 316 -17.31 19.43 36.06
CA LYS C 316 -17.71 19.36 34.66
C LYS C 316 -18.07 20.75 34.10
N CYS C 317 -17.61 21.05 32.89
CA CYS C 317 -17.93 22.31 32.25
C CYS C 317 -18.95 22.12 31.15
N TRP C 318 -18.59 21.34 30.13
CA TRP C 318 -19.58 21.02 29.09
C TRP C 318 -19.65 19.53 28.77
N LEU C 319 -20.79 19.13 28.21
CA LEU C 319 -21.12 17.72 28.07
C LEU C 319 -21.82 17.47 26.75
N TYR C 320 -21.56 16.31 26.14
CA TYR C 320 -22.12 15.97 24.84
C TYR C 320 -23.13 14.85 24.96
N PHE C 321 -24.18 14.90 24.15
CA PHE C 321 -25.25 13.91 24.22
C PHE C 321 -25.62 13.31 22.87
N PRO C 322 -24.91 12.25 22.48
CA PRO C 322 -25.21 11.53 21.24
C PRO C 322 -26.51 10.72 21.27
N GLU C 323 -27.01 10.38 22.45
CA GLU C 323 -28.12 9.44 22.56
C GLU C 323 -29.50 10.10 22.46
N ASP C 324 -30.51 9.29 22.18
CA ASP C 324 -31.85 9.84 21.94
C ASP C 324 -32.77 9.90 23.16
N ASN C 325 -32.21 9.82 24.37
CA ASN C 325 -33.05 9.91 25.57
C ASN C 325 -33.15 11.36 26.09
N CYS C 326 -32.66 12.30 25.30
CA CYS C 326 -32.73 13.71 25.64
C CYS C 326 -32.61 14.48 24.33
N PRO C 327 -33.26 15.65 24.24
CA PRO C 327 -33.31 16.40 22.98
C PRO C 327 -32.10 17.32 22.75
N PHE C 328 -31.43 17.70 23.82
CA PHE C 328 -30.29 18.61 23.68
C PHE C 328 -29.05 17.86 23.20
N TYR C 329 -28.18 18.57 22.47
CA TYR C 329 -26.90 17.98 22.06
C TYR C 329 -25.78 18.33 23.06
N ARG C 330 -25.90 19.48 23.71
CA ARG C 330 -24.87 19.93 24.63
C ARG C 330 -25.51 20.53 25.88
N ALA C 331 -24.85 20.32 27.03
CA ALA C 331 -25.24 20.94 28.30
C ALA C 331 -24.02 21.61 28.92
N THR C 332 -24.23 22.73 29.60
CA THR C 332 -23.14 23.44 30.25
C THR C 332 -23.49 23.68 31.71
N ILE C 333 -22.58 23.32 32.61
CA ILE C 333 -22.76 23.65 34.02
C ILE C 333 -22.35 25.11 34.22
N PHE C 334 -23.24 26.02 33.87
CA PHE C 334 -22.91 27.43 33.74
C PHE C 334 -22.57 28.04 35.09
N SER C 335 -23.13 27.45 36.15
CA SER C 335 -22.81 27.87 37.51
C SER C 335 -21.35 27.57 37.88
N ASN C 336 -20.74 26.62 37.19
CA ASN C 336 -19.29 26.44 37.30
C ASN C 336 -18.46 27.54 36.63
N TYR C 337 -19.04 28.34 35.74
CA TYR C 337 -18.22 29.32 35.01
C TYR C 337 -17.95 30.59 35.83
N SER C 338 -18.93 31.03 36.63
CA SER C 338 -18.74 32.13 37.57
C SER C 338 -19.76 32.08 38.71
N PRO C 339 -19.33 32.51 39.91
CA PRO C 339 -20.27 32.55 41.04
C PRO C 339 -21.40 33.55 40.77
N TYR C 340 -21.17 34.49 39.86
CA TYR C 340 -22.17 35.53 39.59
C TYR C 340 -23.13 35.23 38.42
N ASN C 341 -23.11 34.00 37.93
CA ASN C 341 -24.05 33.59 36.87
C ASN C 341 -25.41 33.19 37.43
N GLN C 342 -25.52 33.20 38.76
CA GLN C 342 -26.74 32.82 39.46
C GLN C 342 -26.76 33.53 40.82
N PRO C 343 -27.92 33.57 41.50
CA PRO C 343 -27.98 34.35 42.74
C PRO C 343 -27.10 33.79 43.84
N GLU C 344 -26.70 34.61 44.82
CA GLU C 344 -25.92 34.14 45.95
C GLU C 344 -26.78 33.29 46.89
N ALA C 345 -26.13 32.54 47.77
CA ALA C 345 -26.81 31.56 48.63
C ALA C 345 -27.93 32.13 49.50
N SER C 346 -27.83 33.42 49.81
CA SER C 346 -28.76 34.06 50.75
C SER C 346 -30.02 34.57 50.05
N ALA C 347 -30.01 34.59 48.72
CA ALA C 347 -31.20 34.99 47.98
C ALA C 347 -32.30 33.93 48.16
N ALA C 348 -33.52 34.39 48.42
CA ALA C 348 -34.64 33.47 48.67
C ALA C 348 -35.54 33.35 47.45
N LEU C 349 -35.80 32.12 47.03
CA LEU C 349 -36.59 31.86 45.83
C LEU C 349 -37.45 30.66 46.09
N PRO C 350 -38.71 30.71 45.64
CA PRO C 350 -39.62 29.57 45.81
C PRO C 350 -39.34 28.51 44.75
N THR C 351 -39.65 27.26 45.06
CA THR C 351 -39.53 26.19 44.10
C THR C 351 -40.68 26.26 43.09
N MET C 352 -40.36 26.20 41.80
CA MET C 352 -41.38 26.22 40.76
C MET C 352 -41.93 24.81 40.50
N GLN C 353 -41.05 23.81 40.51
CA GLN C 353 -41.46 22.44 40.25
C GLN C 353 -40.28 21.55 40.57
N LEU C 354 -40.52 20.25 40.71
CA LEU C 354 -39.43 19.31 40.92
C LEU C 354 -39.07 18.79 39.55
N ALA C 355 -37.88 18.21 39.42
CA ALA C 355 -37.38 17.74 38.12
C ALA C 355 -38.33 16.75 37.47
N ASP C 356 -39.12 16.00 38.27
CA ASP C 356 -40.02 15.02 37.67
C ASP C 356 -41.32 15.67 37.23
N GLY C 357 -41.39 16.99 37.37
CA GLY C 357 -42.56 17.74 36.98
C GLY C 357 -43.62 17.90 38.07
N SER C 358 -43.41 17.34 39.26
CA SER C 358 -44.45 17.49 40.27
C SER C 358 -44.36 18.84 40.99
N ARG C 359 -45.43 19.22 41.68
CA ARG C 359 -45.46 20.49 42.40
C ARG C 359 -44.68 20.33 43.71
N PRO C 360 -44.09 21.42 44.21
CA PRO C 360 -43.34 21.44 45.47
C PRO C 360 -44.27 21.28 46.67
N GLN C 361 -43.77 20.79 47.80
CA GLN C 361 -44.59 20.65 49.02
C GLN C 361 -45.06 22.02 49.50
N SER C 362 -44.17 23.01 49.40
CA SER C 362 -44.46 24.35 49.86
C SER C 362 -44.18 25.39 48.78
N THR C 363 -44.99 26.44 48.75
CA THR C 363 -44.84 27.52 47.81
C THR C 363 -43.94 28.63 48.39
N GLU C 364 -43.41 28.41 49.59
CA GLU C 364 -42.64 29.44 50.29
C GLU C 364 -41.27 29.66 49.67
N ALA C 365 -40.75 30.88 49.80
CA ALA C 365 -39.40 31.17 49.31
C ALA C 365 -38.37 30.64 50.29
N LYS C 366 -37.39 29.92 49.77
CA LYS C 366 -36.30 29.40 50.58
C LYS C 366 -34.96 29.85 50.00
N GLU C 367 -33.90 29.69 50.78
CA GLU C 367 -32.57 30.12 50.38
C GLU C 367 -31.87 29.08 49.51
N GLY C 368 -30.74 29.46 48.92
CA GLY C 368 -29.95 28.54 48.12
C GLY C 368 -29.03 27.73 49.02
N PRO C 369 -27.79 27.48 48.58
CA PRO C 369 -27.22 28.01 47.32
C PRO C 369 -27.85 27.41 46.06
N TYR C 370 -27.42 27.90 44.91
CA TYR C 370 -28.02 27.47 43.65
C TYR C 370 -26.96 27.00 42.65
N TRP C 371 -27.38 26.15 41.72
CA TRP C 371 -26.54 25.85 40.57
C TRP C 371 -27.38 25.88 39.29
N SER C 372 -26.74 25.80 38.13
CA SER C 372 -27.43 26.17 36.88
C SER C 372 -26.96 25.35 35.68
N ILE C 373 -27.91 24.89 34.87
CA ILE C 373 -27.61 24.08 33.70
C ILE C 373 -28.12 24.80 32.45
N MET C 374 -27.28 24.91 31.43
CA MET C 374 -27.67 25.56 30.17
C MET C 374 -27.62 24.53 29.04
N LEU C 375 -28.70 24.43 28.27
CA LEU C 375 -28.88 23.37 27.29
C LEU C 375 -29.10 23.93 25.90
N GLU C 376 -28.67 23.18 24.89
CA GLU C 376 -28.87 23.58 23.50
C GLU C 376 -29.60 22.50 22.73
N VAL C 377 -30.62 22.91 21.99
CA VAL C 377 -31.35 22.04 21.08
C VAL C 377 -31.39 22.69 19.70
N SER C 378 -31.04 21.93 18.67
CA SER C 378 -31.01 22.48 17.32
C SER C 378 -32.34 22.25 16.59
N GLU C 379 -32.62 23.10 15.61
CA GLU C 379 -33.80 22.95 14.77
C GLU C 379 -33.46 23.25 13.30
N SER C 380 -33.98 22.44 12.38
CA SER C 380 -33.95 22.78 10.96
C SER C 380 -35.19 22.21 10.30
N SER C 381 -35.33 22.42 8.99
CA SER C 381 -36.41 21.81 8.22
C SER C 381 -36.33 20.28 8.27
N MET C 382 -35.15 19.75 8.55
CA MET C 382 -34.96 18.29 8.63
C MET C 382 -35.14 17.75 10.05
N LYS C 383 -35.40 18.65 11.00
CA LYS C 383 -35.43 18.28 12.42
C LYS C 383 -36.25 19.28 13.21
N PRO C 384 -37.58 19.16 13.13
CA PRO C 384 -38.50 20.11 13.76
C PRO C 384 -38.42 20.08 15.29
N VAL C 385 -38.69 21.23 15.90
CA VAL C 385 -38.77 21.32 17.35
C VAL C 385 -40.12 21.88 17.74
N ASN C 386 -40.80 21.18 18.63
CA ASN C 386 -42.08 21.64 19.15
C ASN C 386 -41.81 22.63 20.26
N GLN C 387 -41.99 23.91 19.98
CA GLN C 387 -41.66 24.97 20.90
C GLN C 387 -42.46 24.92 22.21
N GLU C 388 -43.64 24.31 22.17
CA GLU C 388 -44.53 24.31 23.34
C GLU C 388 -44.15 23.24 24.37
N THR C 389 -43.47 22.20 23.94
CA THR C 389 -43.10 21.14 24.87
C THR C 389 -41.60 21.01 25.10
N ILE C 390 -40.80 21.88 24.48
CA ILE C 390 -39.33 21.67 24.48
C ILE C 390 -38.70 21.82 25.87
N LEU C 391 -39.17 22.81 26.64
CA LEU C 391 -38.66 23.00 27.98
C LEU C 391 -38.92 21.75 28.84
N ALA C 392 -40.18 21.30 28.87
CA ALA C 392 -40.53 20.11 29.62
C ALA C 392 -39.76 18.88 29.13
N ASP C 393 -39.52 18.80 27.82
CA ASP C 393 -38.80 17.68 27.25
C ASP C 393 -37.31 17.73 27.64
N CYS C 394 -36.76 18.93 27.76
CA CYS C 394 -35.39 19.11 28.25
C CYS C 394 -35.29 18.71 29.71
N ILE C 395 -36.26 19.13 30.52
CA ILE C 395 -36.18 18.78 31.93
C ILE C 395 -36.26 17.26 32.14
N GLN C 396 -37.13 16.60 31.39
CA GLN C 396 -37.18 15.13 31.45
C GLN C 396 -35.82 14.55 31.01
N GLY C 397 -35.24 15.13 29.96
CA GLY C 397 -33.93 14.71 29.50
C GLY C 397 -32.87 14.79 30.59
N LEU C 398 -32.95 15.82 31.42
CA LEU C 398 -32.05 15.97 32.56
C LEU C 398 -32.21 14.82 33.57
N VAL C 399 -33.43 14.35 33.76
CA VAL C 399 -33.64 13.19 34.61
C VAL C 399 -33.13 11.92 33.96
N ASN C 400 -33.40 11.76 32.66
CA ASN C 400 -33.00 10.54 31.93
C ASN C 400 -31.49 10.36 31.90
N THR C 401 -30.76 11.46 31.86
CA THR C 401 -29.30 11.43 31.73
C THR C 401 -28.62 11.47 33.09
N GLU C 402 -29.44 11.44 34.15
CA GLU C 402 -28.95 11.50 35.54
C GLU C 402 -28.23 12.80 35.94
N MET C 403 -28.53 13.89 35.26
CA MET C 403 -28.02 15.19 35.68
C MET C 403 -28.85 15.72 36.84
N LEU C 404 -30.16 15.53 36.76
CA LEU C 404 -31.05 15.85 37.89
C LEU C 404 -31.67 14.59 38.49
N LYS C 405 -31.88 14.59 39.79
CA LYS C 405 -32.72 13.59 40.42
C LYS C 405 -34.18 14.01 40.31
N PRO C 406 -35.09 13.03 40.26
CA PRO C 406 -36.52 13.35 40.24
C PRO C 406 -36.90 14.37 41.31
N THR C 407 -36.17 14.38 42.43
CA THR C 407 -36.46 15.26 43.56
C THR C 407 -35.83 16.66 43.50
N ASP C 408 -34.93 16.89 42.54
CA ASP C 408 -34.25 18.18 42.49
C ASP C 408 -35.25 19.34 42.32
N GLU C 409 -34.97 20.44 43.00
CA GLU C 409 -35.90 21.58 43.01
C GLU C 409 -35.50 22.63 41.99
N ILE C 410 -36.37 22.83 41.00
CA ILE C 410 -36.12 23.83 39.97
C ILE C 410 -36.71 25.17 40.40
N VAL C 411 -35.86 26.21 40.42
CA VAL C 411 -36.28 27.54 40.87
C VAL C 411 -36.31 28.59 39.75
N SER C 412 -35.87 28.23 38.56
CA SER C 412 -35.90 29.18 37.44
C SER C 412 -35.85 28.46 36.10
N THR C 413 -36.58 28.95 35.12
CA THR C 413 -36.49 28.38 33.78
C THR C 413 -36.30 29.46 32.75
N TYR C 414 -35.68 29.09 31.64
CA TYR C 414 -35.40 30.01 30.55
C TYR C 414 -35.49 29.24 29.25
N HIS C 415 -36.13 29.86 28.26
CA HIS C 415 -36.19 29.30 26.93
C HIS C 415 -36.22 30.40 25.90
N ARG C 416 -35.27 30.38 24.98
CA ARG C 416 -35.31 31.32 23.87
C ARG C 416 -34.88 30.64 22.57
N ARG C 417 -35.58 30.95 21.48
CA ARG C 417 -35.20 30.45 20.16
C ARG C 417 -34.43 31.51 19.37
N PHE C 418 -33.29 31.11 18.80
CA PHE C 418 -32.46 31.98 17.96
C PHE C 418 -32.49 31.45 16.53
N ASP C 419 -33.10 32.24 15.64
CA ASP C 419 -33.37 31.80 14.27
C ASP C 419 -32.10 31.42 13.50
N HIS C 420 -31.13 32.34 13.45
CA HIS C 420 -29.82 32.00 12.89
C HIS C 420 -28.88 31.57 14.01
N GLY C 421 -28.70 30.26 14.16
CA GLY C 421 -27.83 29.71 15.19
C GLY C 421 -26.50 29.22 14.65
N TYR C 422 -26.54 28.20 13.79
CA TYR C 422 -25.32 27.69 13.16
C TYR C 422 -25.43 27.84 11.64
N PRO C 423 -24.38 28.37 11.01
CA PRO C 423 -24.27 28.32 9.54
C PRO C 423 -23.66 26.97 9.15
N THR C 424 -24.38 26.20 8.33
CA THR C 424 -24.04 24.78 8.11
C THR C 424 -22.99 24.51 7.00
N PRO C 425 -21.91 23.77 7.33
CA PRO C 425 -20.95 23.35 6.31
C PRO C 425 -21.51 22.26 5.38
N THR C 426 -22.54 22.60 4.60
CA THR C 426 -23.09 21.66 3.63
C THR C 426 -22.09 21.41 2.49
N LEU C 427 -22.32 20.36 1.72
CA LEU C 427 -21.54 20.11 0.50
C LEU C 427 -21.64 21.29 -0.46
N GLU C 428 -22.79 21.95 -0.51
CA GLU C 428 -23.02 23.03 -1.46
C GLU C 428 -22.50 24.41 -1.01
N ARG C 429 -22.20 24.56 0.28
CA ARG C 429 -21.84 25.86 0.84
C ARG C 429 -20.83 26.70 0.01
N GLU C 430 -19.69 26.11 -0.31
CA GLU C 430 -18.65 26.89 -0.98
C GLU C 430 -19.03 27.31 -2.41
N GLY C 431 -19.72 26.42 -3.13
CA GLY C 431 -20.19 26.75 -4.46
C GLY C 431 -21.08 27.97 -4.46
N THR C 432 -21.80 28.15 -3.37
CA THR C 432 -22.72 29.25 -3.23
C THR C 432 -22.00 30.52 -2.74
N LEU C 433 -21.11 30.37 -1.76
CA LEU C 433 -20.41 31.52 -1.20
C LEU C 433 -19.45 32.17 -2.17
N THR C 434 -18.88 31.38 -3.08
CA THR C 434 -17.92 31.93 -4.03
C THR C 434 -18.64 32.66 -5.16
N GLN C 435 -19.97 32.60 -5.17
CA GLN C 435 -20.78 33.42 -6.06
C GLN C 435 -21.26 34.67 -5.34
N ILE C 436 -21.56 34.53 -4.05
CA ILE C 436 -22.18 35.61 -3.28
C ILE C 436 -21.16 36.67 -2.87
N LEU C 437 -20.05 36.25 -2.30
CA LEU C 437 -19.07 37.18 -1.76
C LEU C 437 -18.36 38.06 -2.80
N PRO C 438 -17.97 37.49 -3.95
CA PRO C 438 -17.34 38.35 -4.95
C PRO C 438 -18.32 39.37 -5.54
N LYS C 439 -19.60 38.99 -5.61
CA LYS C 439 -20.60 39.92 -6.12
C LYS C 439 -20.79 41.11 -5.18
N LEU C 440 -20.71 40.86 -3.88
CA LEU C 440 -20.80 41.93 -2.90
C LEU C 440 -19.52 42.77 -2.90
N GLN C 441 -18.37 42.09 -2.98
CA GLN C 441 -17.08 42.77 -3.05
C GLN C 441 -17.01 43.79 -4.21
N ASP C 442 -17.59 43.45 -5.35
CA ASP C 442 -17.59 44.35 -6.51
C ASP C 442 -18.35 45.64 -6.23
N LYS C 443 -19.19 45.62 -5.20
CA LYS C 443 -19.95 46.81 -4.81
C LYS C 443 -19.37 47.47 -3.57
N ASP C 444 -18.12 47.13 -3.25
CA ASP C 444 -17.46 47.66 -2.06
C ASP C 444 -18.24 47.33 -0.78
N ILE C 445 -18.75 46.11 -0.72
CA ILE C 445 -19.39 45.64 0.49
C ILE C 445 -18.59 44.47 1.05
N TRP C 446 -18.06 44.64 2.25
CA TRP C 446 -17.37 43.55 2.94
C TRP C 446 -18.37 42.88 3.90
N SER C 447 -18.96 41.78 3.45
CA SER C 447 -19.90 41.03 4.27
C SER C 447 -19.13 39.98 5.05
N ARG C 448 -19.16 40.08 6.37
CA ARG C 448 -18.26 39.30 7.22
C ARG C 448 -18.91 38.90 8.54
N GLY C 449 -18.60 37.70 9.01
CA GLY C 449 -19.03 37.29 10.33
C GLY C 449 -19.64 35.90 10.32
N ARG C 450 -20.16 35.47 11.45
CA ARG C 450 -20.66 34.12 11.57
C ARG C 450 -21.71 33.87 10.50
N PHE C 451 -22.63 34.81 10.34
CA PHE C 451 -23.59 34.76 9.25
C PHE C 451 -23.32 35.82 8.18
N GLY C 452 -22.39 36.72 8.43
CA GLY C 452 -21.94 37.66 7.40
C GLY C 452 -21.19 36.94 6.27
N SER C 453 -20.31 36.02 6.65
CA SER C 453 -19.61 35.21 5.67
C SER C 453 -19.88 33.69 5.81
N TRP C 454 -20.64 33.29 6.83
CA TRP C 454 -21.23 31.94 6.86
C TRP C 454 -20.24 30.77 7.01
N ARG C 455 -19.08 31.00 7.58
CA ARG C 455 -18.08 29.92 7.66
C ARG C 455 -17.79 29.52 9.09
N TYR C 456 -18.38 28.39 9.49
CA TYR C 456 -18.35 27.96 10.88
C TYR C 456 -16.94 27.77 11.43
N GLU C 457 -16.02 27.26 10.61
CA GLU C 457 -14.67 26.99 11.07
C GLU C 457 -13.95 28.30 11.47
N VAL C 458 -14.48 29.42 11.02
CA VAL C 458 -13.99 30.69 11.53
C VAL C 458 -15.17 31.46 12.11
N GLY C 459 -15.98 30.74 12.89
CA GLY C 459 -17.21 31.31 13.41
C GLY C 459 -17.28 31.57 14.91
N ASN C 460 -16.18 31.39 15.64
CA ASN C 460 -16.14 31.74 17.07
C ASN C 460 -15.96 33.22 17.33
N GLN C 461 -15.95 33.60 18.60
CA GLN C 461 -15.81 35.01 18.98
C GLN C 461 -14.52 35.64 18.47
N ASP C 462 -13.41 34.92 18.61
CA ASP C 462 -12.13 35.48 18.20
C ASP C 462 -12.05 35.60 16.66
N HIS C 463 -12.41 34.55 15.93
CA HIS C 463 -12.50 34.62 14.47
C HIS C 463 -13.37 35.78 14.03
N SER C 464 -14.57 35.86 14.59
CA SER C 464 -15.52 36.90 14.22
C SER C 464 -14.91 38.29 14.41
N PHE C 465 -14.42 38.56 15.62
CA PHE C 465 -13.70 39.79 15.90
C PHE C 465 -12.66 40.09 14.81
N MET C 466 -11.76 39.13 14.57
CA MET C 466 -10.67 39.36 13.62
C MET C 466 -11.16 39.51 12.17
N LEU C 467 -12.30 38.91 11.85
CA LEU C 467 -12.87 39.11 10.53
C LEU C 467 -13.17 40.58 10.31
N GLY C 468 -13.68 41.23 11.35
CA GLY C 468 -13.97 42.66 11.30
C GLY C 468 -12.70 43.48 11.28
N VAL C 469 -11.72 43.08 12.10
CA VAL C 469 -10.43 43.76 12.11
C VAL C 469 -9.77 43.66 10.74
N GLU C 470 -9.67 42.45 10.21
CA GLU C 470 -8.99 42.21 8.94
C GLU C 470 -9.71 42.87 7.77
N ALA C 471 -11.03 42.97 7.84
CA ALA C 471 -11.78 43.62 6.78
C ALA C 471 -11.38 45.10 6.73
N VAL C 472 -11.33 45.74 7.89
CA VAL C 472 -10.87 47.12 7.98
C VAL C 472 -9.41 47.26 7.51
N ASP C 473 -8.57 46.30 7.88
CA ASP C 473 -7.16 46.37 7.51
C ASP C 473 -6.98 46.19 6.01
N ASN C 474 -7.84 45.38 5.41
CA ASN C 474 -7.88 45.26 3.96
C ASN C 474 -8.32 46.58 3.33
N ILE C 475 -9.43 47.12 3.80
CA ILE C 475 -9.96 48.39 3.29
C ILE C 475 -8.92 49.52 3.33
N VAL C 476 -8.23 49.63 4.46
CA VAL C 476 -7.28 50.72 4.69
C VAL C 476 -5.85 50.41 4.27
N ASN C 477 -5.29 49.30 4.72
CA ASN C 477 -3.86 49.04 4.53
C ASN C 477 -3.51 47.96 3.50
N GLY C 478 -4.51 47.47 2.77
CA GLY C 478 -4.28 46.44 1.78
C GLY C 478 -3.85 45.07 2.34
N ALA C 479 -4.28 44.77 3.56
CA ALA C 479 -3.94 43.49 4.19
C ALA C 479 -4.68 42.32 3.54
N VAL C 480 -4.08 41.14 3.61
CA VAL C 480 -4.78 39.93 3.17
C VAL C 480 -5.85 39.57 4.22
N GLU C 481 -7.05 39.23 3.77
CA GLU C 481 -8.06 38.72 4.71
C GLU C 481 -7.83 37.22 4.94
N LEU C 482 -6.91 36.91 5.86
CA LEU C 482 -6.46 35.55 6.11
C LEU C 482 -7.51 34.68 6.83
N THR C 483 -8.15 35.23 7.83
CA THR C 483 -9.17 34.47 8.57
C THR C 483 -10.30 34.07 7.62
N LEU C 484 -10.72 35.01 6.79
CA LEU C 484 -11.80 34.79 5.85
C LEU C 484 -11.52 33.68 4.84
N ASN C 485 -10.34 33.73 4.20
CA ASN C 485 -10.05 32.82 3.09
C ASN C 485 -9.19 31.63 3.46
N TYR C 486 -8.45 31.71 4.56
CA TYR C 486 -7.50 30.65 4.92
C TYR C 486 -7.65 30.19 6.38
N PRO C 487 -8.82 29.65 6.72
CA PRO C 487 -9.07 29.23 8.10
C PRO C 487 -7.97 28.32 8.66
N ASP C 488 -7.50 27.37 7.86
CA ASP C 488 -6.45 26.44 8.34
C ASP C 488 -5.22 27.22 8.69
N PHE C 489 -4.94 28.25 7.90
CA PHE C 489 -3.78 29.08 8.16
C PHE C 489 -3.86 29.73 9.51
N VAL C 490 -4.95 30.47 9.77
CA VAL C 490 -5.02 31.21 11.02
C VAL C 490 -5.20 30.31 12.24
N ASN C 491 -5.85 29.15 12.05
CA ASN C 491 -6.10 28.24 13.19
C ASN C 491 -4.89 27.43 13.57
N GLY C 492 -3.86 27.41 12.71
CA GLY C 492 -2.70 26.56 12.95
C GLY C 492 -1.47 27.28 13.48
N ARG C 493 -1.64 28.54 13.87
CA ARG C 493 -0.51 29.33 14.31
C ARG C 493 -1.01 30.25 15.38
N GLN C 494 -0.10 30.85 16.13
CA GLN C 494 -0.49 31.97 16.95
C GLN C 494 -0.25 33.22 16.10
N ASN C 495 -1.27 34.05 16.02
CA ASN C 495 -1.22 35.25 15.25
C ASN C 495 -0.81 36.38 16.18
N THR C 496 0.46 36.73 16.11
CA THR C 496 1.09 37.64 17.06
C THR C 496 1.39 39.04 16.48
N GLU C 497 1.41 39.16 15.15
CA GLU C 497 1.94 40.38 14.52
C GLU C 497 1.07 41.61 14.77
N ARG C 498 -0.24 41.45 14.68
CA ARG C 498 -1.12 42.61 14.78
C ARG C 498 -1.47 42.88 16.24
N ARG C 499 -1.29 44.13 16.67
CA ARG C 499 -1.49 44.49 18.08
C ARG C 499 -2.33 45.75 18.23
N LEU C 500 -2.92 45.93 19.40
CA LEU C 500 -3.76 47.09 19.68
C LEU C 500 -2.92 48.35 19.60
N VAL C 501 -1.63 48.20 19.87
CA VAL C 501 -0.66 49.27 19.63
C VAL C 501 0.41 48.80 18.63
N ASP C 502 0.31 49.30 17.40
CA ASP C 502 1.28 48.99 16.33
C ASP C 502 2.32 50.11 16.19
N GLY C 503 3.43 49.84 15.51
CA GLY C 503 4.39 50.88 15.17
C GLY C 503 3.74 52.19 14.76
N ALA C 504 2.74 52.12 13.88
CA ALA C 504 2.05 53.31 13.41
C ALA C 504 1.69 54.27 14.54
N GLN C 505 0.99 53.78 15.56
CA GLN C 505 0.59 54.65 16.66
C GLN C 505 1.75 55.07 17.56
N VAL C 506 2.79 54.25 17.64
CA VAL C 506 3.97 54.60 18.43
C VAL C 506 4.77 55.74 17.78
N PHE C 507 4.96 55.66 16.47
CA PHE C 507 5.71 56.69 15.75
C PHE C 507 4.97 58.02 15.70
N ALA C 508 3.64 57.98 15.77
CA ALA C 508 2.86 59.22 15.72
C ALA C 508 2.96 60.04 17.00
N LYS C 509 2.95 59.37 18.15
CA LYS C 509 2.98 60.07 19.44
C LYS C 509 4.41 60.36 19.90
N HIS D 6 -25.34 -64.45 -12.52
CA HIS D 6 -23.98 -64.11 -12.92
C HIS D 6 -23.92 -63.54 -14.34
N PRO D 7 -23.21 -62.41 -14.52
CA PRO D 7 -23.09 -61.69 -15.80
C PRO D 7 -22.31 -62.44 -16.87
N ASP D 8 -22.40 -61.98 -18.11
CA ASP D 8 -21.70 -62.60 -19.23
C ASP D 8 -20.17 -62.51 -19.12
N ILE D 9 -19.67 -61.34 -18.74
CA ILE D 9 -18.24 -61.16 -18.57
C ILE D 9 -17.95 -60.58 -17.18
N SER D 10 -16.88 -61.06 -16.55
CA SER D 10 -16.45 -60.52 -15.27
C SER D 10 -15.00 -60.07 -15.34
N VAL D 11 -14.75 -58.83 -14.89
CA VAL D 11 -13.39 -58.30 -14.81
C VAL D 11 -13.23 -57.50 -13.52
N ASP D 12 -12.00 -57.32 -13.08
CA ASP D 12 -11.75 -56.53 -11.88
C ASP D 12 -12.05 -55.07 -12.13
N VAL D 13 -11.53 -54.55 -13.25
CA VAL D 13 -11.67 -53.14 -13.58
C VAL D 13 -12.22 -52.97 -14.99
N LEU D 14 -13.39 -52.34 -15.10
CA LEU D 14 -14.01 -52.03 -16.39
C LEU D 14 -13.79 -50.55 -16.73
N VAL D 15 -13.36 -50.28 -17.96
CA VAL D 15 -13.16 -48.91 -18.44
C VAL D 15 -14.21 -48.60 -19.53
N ILE D 16 -15.05 -47.60 -19.31
CA ILE D 16 -16.01 -47.18 -20.34
C ILE D 16 -15.45 -45.99 -21.09
N GLY D 17 -15.17 -46.17 -22.38
CA GLY D 17 -14.73 -45.08 -23.21
C GLY D 17 -13.29 -45.27 -23.64
N ALA D 18 -13.02 -45.05 -24.91
CA ALA D 18 -11.68 -45.21 -25.48
C ALA D 18 -11.21 -43.94 -26.19
N GLY D 19 -11.58 -42.80 -25.63
CA GLY D 19 -10.89 -41.55 -25.92
C GLY D 19 -9.58 -41.57 -25.14
N PRO D 20 -8.87 -40.45 -25.11
CA PRO D 20 -7.60 -40.44 -24.38
C PRO D 20 -7.67 -40.92 -22.91
N THR D 21 -8.71 -40.56 -22.18
CA THR D 21 -8.78 -40.94 -20.77
C THR D 21 -8.87 -42.45 -20.58
N GLY D 22 -9.79 -43.07 -21.31
CA GLY D 22 -9.94 -44.52 -21.26
C GLY D 22 -8.71 -45.27 -21.73
N LEU D 23 -8.08 -44.78 -22.79
CA LEU D 23 -6.87 -45.39 -23.32
C LEU D 23 -5.73 -45.28 -22.32
N GLY D 24 -5.71 -44.20 -21.55
CA GLY D 24 -4.72 -44.03 -20.50
C GLY D 24 -4.91 -45.06 -19.40
N ALA D 25 -6.15 -45.23 -18.95
CA ALA D 25 -6.47 -46.23 -17.95
C ALA D 25 -6.06 -47.61 -18.46
N ALA D 26 -6.38 -47.90 -19.72
CA ALA D 26 -6.07 -49.19 -20.32
C ALA D 26 -4.56 -49.41 -20.45
N LYS D 27 -3.84 -48.36 -20.86
CA LYS D 27 -2.39 -48.51 -21.02
C LYS D 27 -1.74 -48.85 -19.67
N ARG D 28 -2.25 -48.26 -18.59
CA ARG D 28 -1.64 -48.49 -17.28
C ARG D 28 -2.04 -49.86 -16.73
N LEU D 29 -3.32 -50.23 -16.91
CA LEU D 29 -3.77 -51.59 -16.61
C LEU D 29 -2.93 -52.64 -17.34
N ASN D 30 -2.74 -52.45 -18.64
CA ASN D 30 -1.94 -53.37 -19.45
C ASN D 30 -0.49 -53.48 -18.98
N GLN D 31 0.08 -52.38 -18.52
CA GLN D 31 1.47 -52.33 -18.06
C GLN D 31 1.62 -53.02 -16.70
N ILE D 32 0.66 -52.77 -15.81
CA ILE D 32 0.67 -53.39 -14.50
C ILE D 32 0.47 -54.90 -14.61
N ASP D 33 -0.45 -55.31 -15.47
CA ASP D 33 -0.67 -56.73 -15.73
C ASP D 33 -0.97 -57.47 -14.42
N GLY D 34 -1.86 -56.91 -13.62
CA GLY D 34 -2.31 -57.55 -12.40
C GLY D 34 -3.79 -57.91 -12.52
N PRO D 35 -4.67 -57.03 -12.04
CA PRO D 35 -6.12 -57.22 -12.13
C PRO D 35 -6.62 -57.37 -13.57
N SER D 36 -7.64 -58.20 -13.77
CA SER D 36 -8.23 -58.36 -15.08
C SER D 36 -8.97 -57.08 -15.44
N TRP D 37 -9.13 -56.83 -16.73
CA TRP D 37 -9.80 -55.61 -17.18
C TRP D 37 -10.30 -55.72 -18.61
N MET D 38 -11.17 -54.79 -18.97
CA MET D 38 -11.54 -54.61 -20.36
C MET D 38 -12.00 -53.18 -20.62
N ILE D 39 -11.99 -52.77 -21.88
CA ILE D 39 -12.35 -51.41 -22.24
C ILE D 39 -13.37 -51.42 -23.38
N VAL D 40 -14.44 -50.66 -23.23
CA VAL D 40 -15.49 -50.62 -24.26
C VAL D 40 -15.67 -49.22 -24.83
N ASP D 41 -16.19 -49.16 -26.05
CA ASP D 41 -16.52 -47.88 -26.68
C ASP D 41 -17.62 -48.06 -27.72
N SER D 42 -18.52 -47.08 -27.79
CA SER D 42 -19.61 -47.10 -28.76
C SER D 42 -19.11 -46.91 -30.20
N ASN D 43 -17.87 -46.45 -30.33
CA ASN D 43 -17.30 -46.18 -31.64
C ASN D 43 -16.26 -47.23 -32.02
N GLU D 44 -16.22 -47.59 -33.30
CA GLU D 44 -15.29 -48.61 -33.78
C GLU D 44 -13.86 -48.09 -33.79
N THR D 45 -13.73 -46.77 -33.89
CA THR D 45 -12.44 -46.10 -33.90
C THR D 45 -12.21 -45.37 -32.58
N PRO D 46 -11.15 -45.71 -31.86
CA PRO D 46 -10.81 -45.03 -30.61
C PRO D 46 -10.42 -43.58 -30.91
N GLY D 47 -10.39 -42.72 -29.88
CA GLY D 47 -9.94 -41.35 -30.05
C GLY D 47 -10.86 -40.28 -29.48
N GLY D 48 -12.15 -40.56 -29.41
CA GLY D 48 -13.10 -39.59 -28.89
C GLY D 48 -13.04 -38.23 -29.59
N LEU D 49 -13.04 -37.15 -28.80
CA LEU D 49 -12.93 -35.80 -29.35
C LEU D 49 -11.52 -35.52 -29.87
N ALA D 50 -10.62 -36.48 -29.68
CA ALA D 50 -9.28 -36.37 -30.24
C ALA D 50 -9.17 -37.22 -31.50
N SER D 51 -10.30 -37.51 -32.12
CA SER D 51 -10.33 -38.19 -33.40
C SER D 51 -10.17 -37.23 -34.57
N THR D 52 -10.18 -37.79 -35.77
CA THR D 52 -10.03 -37.01 -36.99
C THR D 52 -10.99 -37.52 -38.07
N ASP D 53 -11.65 -36.58 -38.75
CA ASP D 53 -12.52 -36.87 -39.90
C ASP D 53 -11.86 -36.55 -41.24
N VAL D 54 -12.41 -37.09 -42.32
CA VAL D 54 -11.95 -36.77 -43.66
C VAL D 54 -13.14 -36.49 -44.58
N THR D 55 -13.03 -35.49 -45.45
CA THR D 55 -14.08 -35.19 -46.42
C THR D 55 -13.96 -36.09 -47.65
N PRO D 56 -15.03 -36.18 -48.47
CA PRO D 56 -14.93 -36.99 -49.69
C PRO D 56 -13.86 -36.48 -50.67
N GLU D 57 -13.45 -35.24 -50.50
CA GLU D 57 -12.44 -34.65 -51.37
C GLU D 57 -11.02 -34.91 -50.85
N GLY D 58 -10.93 -35.45 -49.63
CA GLY D 58 -9.65 -35.85 -49.08
C GLY D 58 -9.01 -34.88 -48.09
N PHE D 59 -9.80 -33.95 -47.55
CA PHE D 59 -9.29 -33.03 -46.54
C PHE D 59 -9.59 -33.54 -45.14
N LEU D 60 -8.55 -33.68 -44.31
CA LEU D 60 -8.70 -34.10 -42.91
C LEU D 60 -9.05 -32.94 -41.99
N TYR D 61 -9.85 -33.19 -40.97
CA TYR D 61 -10.10 -32.19 -39.92
C TYR D 61 -10.15 -32.80 -38.52
N ASP D 62 -9.35 -32.30 -37.59
CA ASP D 62 -9.46 -32.74 -36.20
C ASP D 62 -10.77 -32.13 -35.70
N VAL D 63 -11.15 -32.47 -34.46
CA VAL D 63 -12.29 -31.78 -33.84
C VAL D 63 -11.81 -30.39 -33.38
N GLY D 64 -11.58 -29.49 -34.33
CA GLY D 64 -11.01 -28.19 -34.02
C GLY D 64 -9.53 -28.29 -33.69
N GLY D 65 -8.90 -27.14 -33.46
CA GLY D 65 -7.46 -27.08 -33.29
C GLY D 65 -6.97 -27.95 -32.14
N HIS D 66 -6.10 -28.91 -32.47
CA HIS D 66 -5.53 -29.80 -31.47
C HIS D 66 -4.00 -29.71 -31.48
N VAL D 67 -3.46 -29.06 -30.48
CA VAL D 67 -2.02 -28.89 -30.34
C VAL D 67 -1.55 -29.48 -29.01
N ILE D 68 -0.63 -30.44 -29.07
CA ILE D 68 -0.22 -31.15 -27.87
C ILE D 68 0.85 -30.38 -27.10
N PHE D 69 0.55 -30.07 -25.84
CA PHE D 69 1.61 -29.71 -24.91
C PHE D 69 1.61 -30.68 -23.73
N SER D 70 2.68 -31.48 -23.63
CA SER D 70 2.70 -32.55 -22.63
C SER D 70 3.34 -32.14 -21.32
N HIS D 71 2.67 -32.45 -20.21
CA HIS D 71 3.22 -32.17 -18.88
C HIS D 71 3.81 -33.43 -18.23
N TYR D 72 3.86 -34.53 -18.99
CA TYR D 72 4.13 -35.83 -18.41
C TYR D 72 5.02 -36.73 -19.26
N LYS D 73 6.06 -37.28 -18.63
CA LYS D 73 6.90 -38.30 -19.26
C LYS D 73 6.11 -39.54 -19.69
N TYR D 74 5.16 -39.98 -18.85
CA TYR D 74 4.41 -41.20 -19.15
C TYR D 74 3.61 -41.08 -20.46
N PHE D 75 2.98 -39.93 -20.64
CA PHE D 75 2.28 -39.60 -21.87
C PHE D 75 3.28 -39.63 -23.05
N ASP D 76 4.42 -38.98 -22.90
CA ASP D 76 5.46 -39.04 -23.94
C ASP D 76 5.87 -40.49 -24.30
N ASP D 77 6.16 -41.30 -23.27
CA ASP D 77 6.49 -42.72 -23.45
C ASP D 77 5.46 -43.45 -24.32
N CYS D 78 4.18 -43.25 -24.02
CA CYS D 78 3.14 -43.96 -24.77
C CYS D 78 3.04 -43.45 -26.21
N LEU D 79 3.14 -42.13 -26.40
CA LEU D 79 3.12 -41.59 -27.75
C LEU D 79 4.31 -42.08 -28.56
N ASP D 80 5.48 -42.17 -27.92
CA ASP D 80 6.70 -42.58 -28.63
C ASP D 80 6.66 -44.08 -28.96
N GLU D 81 6.08 -44.89 -28.08
CA GLU D 81 5.89 -46.30 -28.39
C GLU D 81 4.94 -46.46 -29.57
N ALA D 82 3.89 -45.64 -29.61
CA ALA D 82 2.84 -45.78 -30.62
C ALA D 82 3.34 -45.38 -32.01
N LEU D 83 4.03 -44.26 -32.08
CA LEU D 83 4.61 -43.76 -33.31
C LEU D 83 6.11 -43.49 -33.10
N PRO D 84 6.94 -44.53 -33.20
CA PRO D 84 8.36 -44.49 -32.81
C PRO D 84 9.30 -43.86 -33.85
N LYS D 85 8.88 -43.79 -35.10
CA LYS D 85 9.75 -43.30 -36.16
C LYS D 85 9.77 -41.78 -36.22
N GLU D 86 10.94 -41.20 -36.51
CA GLU D 86 11.08 -39.75 -36.66
C GLU D 86 10.10 -39.16 -37.68
N ASP D 87 9.88 -39.85 -38.79
CA ASP D 87 8.98 -39.34 -39.80
C ASP D 87 7.51 -39.69 -39.54
N ASP D 88 7.21 -40.17 -38.32
CA ASP D 88 5.82 -40.29 -37.88
C ASP D 88 5.29 -38.95 -37.40
N TRP D 89 6.18 -37.97 -37.25
CA TRP D 89 5.82 -36.66 -36.69
C TRP D 89 6.41 -35.48 -37.48
N TYR D 90 5.72 -34.34 -37.43
CA TYR D 90 6.31 -33.08 -37.88
C TYR D 90 6.38 -32.12 -36.70
N THR D 91 7.40 -31.28 -36.68
CA THR D 91 7.63 -30.36 -35.59
C THR D 91 7.45 -28.92 -36.07
N HIS D 92 6.77 -28.12 -35.26
CA HIS D 92 6.49 -26.74 -35.66
C HIS D 92 6.65 -25.82 -34.47
N GLN D 93 6.99 -24.56 -34.73
CA GLN D 93 6.94 -23.57 -33.68
C GLN D 93 5.49 -23.20 -33.37
N ARG D 94 5.23 -22.85 -32.12
CA ARG D 94 3.89 -22.55 -31.64
C ARG D 94 3.50 -21.13 -32.03
N ILE D 95 3.15 -20.94 -33.30
CA ILE D 95 2.92 -19.61 -33.85
C ILE D 95 1.44 -19.23 -33.84
N SER D 96 1.09 -18.17 -33.10
CA SER D 96 -0.30 -17.72 -33.09
C SER D 96 -0.42 -16.19 -33.11
N TYR D 97 -1.55 -15.71 -33.63
CA TYR D 97 -1.79 -14.29 -33.78
C TYR D 97 -3.22 -13.95 -33.39
N VAL D 98 -3.44 -12.68 -33.05
CA VAL D 98 -4.77 -12.21 -32.76
C VAL D 98 -5.21 -11.28 -33.90
N ARG D 99 -6.36 -11.56 -34.51
CA ARG D 99 -6.89 -10.66 -35.51
C ARG D 99 -7.53 -9.46 -34.83
N CYS D 100 -7.03 -8.27 -35.13
CA CYS D 100 -7.54 -7.07 -34.48
C CYS D 100 -7.37 -5.86 -35.37
N GLN D 101 -8.48 -5.20 -35.70
CA GLN D 101 -8.45 -3.96 -36.49
C GLN D 101 -7.56 -4.01 -37.74
N GLY D 102 -7.77 -5.04 -38.57
CA GLY D 102 -7.05 -5.17 -39.82
C GLY D 102 -5.61 -5.68 -39.68
N GLN D 103 -5.22 -6.05 -38.47
CA GLN D 103 -3.85 -6.46 -38.19
C GLN D 103 -3.77 -7.88 -37.62
N TRP D 104 -2.73 -8.62 -38.02
CA TRP D 104 -2.37 -9.84 -37.31
C TRP D 104 -1.37 -9.51 -36.18
N VAL D 105 -1.87 -9.49 -34.95
CA VAL D 105 -1.05 -9.13 -33.79
C VAL D 105 -0.47 -10.38 -33.15
N PRO D 106 0.86 -10.46 -33.07
CA PRO D 106 1.42 -11.67 -32.45
C PRO D 106 0.91 -11.90 -31.02
N TYR D 107 0.76 -13.16 -30.63
CA TYR D 107 0.41 -13.49 -29.24
C TYR D 107 1.69 -13.49 -28.43
N PRO D 108 1.65 -13.00 -27.17
CA PRO D 108 0.46 -12.48 -26.47
C PRO D 108 0.13 -11.03 -26.83
N PHE D 109 -1.16 -10.76 -26.92
CA PHE D 109 -1.69 -9.50 -27.41
C PHE D 109 -1.01 -8.29 -26.78
N GLN D 110 -0.91 -8.29 -25.46
CA GLN D 110 -0.45 -7.07 -24.78
C GLN D 110 0.98 -6.65 -25.11
N ASN D 111 1.82 -7.60 -25.51
CA ASN D 111 3.22 -7.26 -25.84
C ASN D 111 3.38 -6.76 -27.26
N ASN D 112 2.26 -6.56 -27.95
CA ASN D 112 2.31 -6.27 -29.38
C ASN D 112 1.33 -5.19 -29.81
N ILE D 113 0.88 -4.39 -28.85
CA ILE D 113 -0.04 -3.30 -29.18
C ILE D 113 0.64 -2.15 -29.93
N SER D 114 1.95 -2.27 -30.17
CA SER D 114 2.62 -1.26 -30.97
C SER D 114 2.01 -1.22 -32.38
N MET D 115 1.34 -2.29 -32.77
CA MET D 115 0.69 -2.37 -34.09
C MET D 115 -0.59 -1.56 -34.18
N LEU D 116 -1.16 -1.20 -33.03
CA LEU D 116 -2.44 -0.47 -33.04
C LEU D 116 -2.20 1.02 -33.24
N PRO D 117 -3.27 1.76 -33.57
CA PRO D 117 -3.11 3.22 -33.65
C PRO D 117 -2.59 3.80 -32.33
N LYS D 118 -1.85 4.89 -32.43
CA LYS D 118 -1.22 5.51 -31.27
C LYS D 118 -2.20 5.92 -30.17
N GLU D 119 -3.30 6.57 -30.57
CA GLU D 119 -4.32 7.02 -29.62
C GLU D 119 -4.89 5.84 -28.85
N GLU D 120 -4.89 4.67 -29.48
CA GLU D 120 -5.37 3.46 -28.85
C GLU D 120 -4.32 2.89 -27.89
N GLN D 121 -3.05 3.02 -28.25
CA GLN D 121 -1.95 2.60 -27.39
C GLN D 121 -1.98 3.41 -26.10
N VAL D 122 -2.26 4.70 -26.23
CA VAL D 122 -2.39 5.58 -25.08
C VAL D 122 -3.44 5.05 -24.10
N LYS D 123 -4.64 4.75 -24.61
CA LYS D 123 -5.72 4.23 -23.78
C LYS D 123 -5.38 2.87 -23.17
N CYS D 124 -4.73 1.98 -23.91
CA CYS D 124 -4.29 0.70 -23.36
C CYS D 124 -3.28 0.85 -22.21
N ILE D 125 -2.27 1.71 -22.41
CA ILE D 125 -1.22 1.88 -21.42
C ILE D 125 -1.77 2.56 -20.18
N ASP D 126 -2.66 3.53 -20.37
CA ASP D 126 -3.31 4.18 -19.24
C ASP D 126 -4.11 3.18 -18.40
N GLY D 127 -4.80 2.25 -19.06
CA GLY D 127 -5.58 1.27 -18.35
C GLY D 127 -4.69 0.34 -17.55
N MET D 128 -3.55 -0.02 -18.14
CA MET D 128 -2.65 -0.96 -17.51
C MET D 128 -1.86 -0.31 -16.35
N ILE D 129 -1.55 0.98 -16.48
CA ILE D 129 -1.02 1.74 -15.35
C ILE D 129 -2.01 1.71 -14.18
N ASP D 130 -3.31 1.88 -14.45
CA ASP D 130 -4.30 1.80 -13.38
C ASP D 130 -4.24 0.42 -12.73
N ALA D 131 -4.23 -0.62 -13.56
CA ALA D 131 -4.18 -1.97 -13.05
C ALA D 131 -2.95 -2.26 -12.20
N ALA D 132 -1.78 -1.72 -12.60
CA ALA D 132 -0.54 -1.95 -11.83
C ALA D 132 -0.56 -1.26 -10.49
N LEU D 133 -1.17 -0.08 -10.45
CA LEU D 133 -1.26 0.68 -9.23
C LEU D 133 -2.22 -0.01 -8.27
N GLU D 134 -3.30 -0.58 -8.81
CA GLU D 134 -4.24 -1.32 -7.98
C GLU D 134 -3.62 -2.62 -7.48
N ALA D 135 -2.86 -3.28 -8.35
CA ALA D 135 -2.21 -4.55 -7.99
C ALA D 135 -1.22 -4.40 -6.83
N ARG D 136 -0.56 -3.24 -6.76
CA ARG D 136 0.40 -2.95 -5.71
C ARG D 136 -0.22 -2.97 -4.31
N VAL D 137 -1.50 -2.64 -4.20
CA VAL D 137 -2.17 -2.61 -2.90
C VAL D 137 -3.28 -3.65 -2.76
N ALA D 138 -3.33 -4.61 -3.67
CA ALA D 138 -4.38 -5.60 -3.66
C ALA D 138 -4.18 -6.62 -2.54
N ASN D 139 -5.24 -6.89 -1.79
CA ASN D 139 -5.17 -7.90 -0.73
C ASN D 139 -6.29 -8.96 -0.83
N THR D 140 -6.91 -9.08 -2.00
CA THR D 140 -7.93 -10.12 -2.21
C THR D 140 -7.65 -10.81 -3.52
N LYS D 141 -8.13 -12.03 -3.68
CA LYS D 141 -8.01 -12.72 -4.96
C LYS D 141 -9.21 -12.32 -5.83
N PRO D 142 -9.04 -12.31 -7.16
CA PRO D 142 -10.23 -12.05 -8.00
C PRO D 142 -11.23 -13.20 -7.87
N LYS D 143 -12.51 -12.92 -8.02
CA LYS D 143 -13.53 -13.95 -7.84
C LYS D 143 -14.09 -14.48 -9.16
N THR D 144 -14.13 -13.63 -10.19
CA THR D 144 -14.63 -14.04 -11.50
C THR D 144 -13.54 -13.98 -12.59
N PHE D 145 -13.73 -14.70 -13.68
CA PHE D 145 -12.84 -14.62 -14.84
C PHE D 145 -12.68 -13.16 -15.27
N ASP D 146 -13.79 -12.41 -15.23
CA ASP D 146 -13.76 -11.04 -15.69
C ASP D 146 -12.83 -10.17 -14.85
N GLU D 147 -12.87 -10.35 -13.53
CA GLU D 147 -12.04 -9.55 -12.62
C GLU D 147 -10.58 -9.91 -12.84
N TRP D 148 -10.32 -11.17 -13.09
CA TRP D 148 -8.98 -11.66 -13.32
C TRP D 148 -8.45 -10.99 -14.60
N ILE D 149 -9.27 -10.96 -15.64
CA ILE D 149 -8.84 -10.35 -16.89
C ILE D 149 -8.47 -8.89 -16.70
N VAL D 150 -9.39 -8.13 -16.12
CA VAL D 150 -9.15 -6.70 -15.88
C VAL D 150 -7.92 -6.41 -15.00
N ARG D 151 -7.69 -7.24 -13.98
CA ARG D 151 -6.55 -7.02 -13.09
C ARG D 151 -5.23 -7.30 -13.78
N MET D 152 -5.26 -8.25 -14.69
CA MET D 152 -4.08 -8.65 -15.44
C MET D 152 -3.79 -7.65 -16.58
N MET D 153 -4.82 -7.18 -17.27
CA MET D 153 -4.64 -6.37 -18.49
C MET D 153 -4.98 -4.89 -18.37
N GLY D 154 -5.82 -4.53 -17.40
CA GLY D 154 -6.44 -3.22 -17.39
C GLY D 154 -7.61 -3.16 -18.38
N THR D 155 -8.42 -2.11 -18.30
CA THR D 155 -9.68 -2.03 -19.04
C THR D 155 -9.54 -2.01 -20.57
N GLY D 156 -8.67 -1.14 -21.07
CA GLY D 156 -8.52 -0.96 -22.51
C GLY D 156 -8.06 -2.19 -23.23
N ILE D 157 -7.01 -2.82 -22.72
CA ILE D 157 -6.50 -4.03 -23.33
C ILE D 157 -7.49 -5.20 -23.16
N ALA D 158 -8.13 -5.29 -22.00
CA ALA D 158 -9.16 -6.33 -21.78
C ALA D 158 -10.30 -6.23 -22.81
N ASP D 159 -10.74 -5.02 -23.13
CA ASP D 159 -11.85 -4.78 -24.06
C ASP D 159 -11.51 -5.10 -25.52
N LEU D 160 -10.22 -5.10 -25.84
CA LEU D 160 -9.79 -5.36 -27.20
C LEU D 160 -9.72 -6.86 -27.51
N PHE D 161 -9.33 -7.65 -26.53
CA PHE D 161 -9.09 -9.05 -26.81
C PHE D 161 -9.76 -10.02 -25.84
N MET D 162 -9.25 -10.12 -24.61
CA MET D 162 -9.71 -11.21 -23.73
C MET D 162 -11.21 -11.22 -23.43
N ARG D 163 -11.80 -10.04 -23.22
CA ARG D 163 -13.22 -10.03 -22.92
C ARG D 163 -14.07 -10.50 -24.10
N PRO D 164 -13.96 -9.82 -25.27
CA PRO D 164 -14.82 -10.28 -26.37
C PRO D 164 -14.43 -11.66 -26.90
N TYR D 165 -13.13 -11.99 -26.94
CA TYR D 165 -12.71 -13.34 -27.33
C TYR D 165 -13.30 -14.44 -26.44
N ASN D 166 -13.19 -14.29 -25.13
CA ASN D 166 -13.71 -15.34 -24.25
C ASN D 166 -15.22 -15.52 -24.29
N PHE D 167 -15.96 -14.46 -24.57
CA PHE D 167 -17.38 -14.68 -24.80
C PHE D 167 -17.61 -15.57 -26.02
N LYS D 168 -16.87 -15.31 -27.10
CA LYS D 168 -17.03 -16.09 -28.33
C LYS D 168 -16.56 -17.53 -28.15
N VAL D 169 -15.60 -17.75 -27.26
CA VAL D 169 -15.13 -19.10 -26.95
C VAL D 169 -16.13 -19.84 -26.05
N TRP D 170 -16.42 -19.28 -24.88
CA TRP D 170 -17.19 -20.03 -23.86
C TRP D 170 -18.69 -19.94 -24.06
N ALA D 171 -19.13 -18.98 -24.87
CA ALA D 171 -20.55 -18.81 -25.11
C ALA D 171 -21.26 -18.52 -23.79
N VAL D 172 -20.51 -17.98 -22.83
CA VAL D 172 -21.08 -17.40 -21.62
C VAL D 172 -20.23 -16.17 -21.27
N PRO D 173 -20.83 -15.18 -20.59
CA PRO D 173 -20.07 -13.96 -20.26
C PRO D 173 -18.92 -14.23 -19.25
N THR D 174 -17.85 -13.46 -19.34
CA THR D 174 -16.71 -13.66 -18.45
C THR D 174 -17.08 -13.42 -16.98
N THR D 175 -18.15 -12.67 -16.73
CA THR D 175 -18.58 -12.36 -15.36
C THR D 175 -19.26 -13.55 -14.69
N LYS D 176 -19.54 -14.59 -15.47
CA LYS D 176 -20.24 -15.79 -14.95
C LYS D 176 -19.29 -16.97 -14.72
N MET D 177 -18.00 -16.77 -14.98
CA MET D 177 -17.04 -17.84 -14.76
C MET D 177 -16.13 -17.59 -13.56
N GLN D 178 -15.68 -18.67 -12.95
CA GLN D 178 -14.64 -18.57 -11.92
C GLN D 178 -13.29 -18.28 -12.61
N CYS D 179 -12.25 -18.13 -11.81
CA CYS D 179 -10.93 -17.88 -12.34
C CYS D 179 -9.84 -18.73 -11.66
N ALA D 180 -10.19 -19.53 -10.65
CA ALA D 180 -9.21 -20.45 -10.05
C ALA D 180 -8.59 -21.40 -11.07
N TRP D 181 -9.36 -21.77 -12.10
CA TRP D 181 -8.87 -22.69 -13.14
C TRP D 181 -7.71 -22.12 -13.94
N LEU D 182 -7.46 -20.83 -13.81
CA LEU D 182 -6.38 -20.18 -14.52
C LEU D 182 -5.02 -20.35 -13.82
N GLY D 183 -5.05 -20.86 -12.59
CA GLY D 183 -3.82 -21.13 -11.87
C GLY D 183 -3.57 -20.18 -10.72
N GLU D 184 -2.38 -20.28 -10.12
CA GLU D 184 -2.08 -19.56 -8.88
C GLU D 184 -1.34 -18.23 -9.07
N ARG D 185 -0.88 -17.95 -10.29
CA ARG D 185 -0.16 -16.70 -10.55
C ARG D 185 -1.04 -15.51 -10.16
N VAL D 186 -0.43 -14.49 -9.58
CA VAL D 186 -1.15 -13.30 -9.15
C VAL D 186 -1.66 -12.54 -10.37
N ALA D 187 -2.90 -12.07 -10.31
CA ALA D 187 -3.47 -11.30 -11.41
C ALA D 187 -2.94 -9.86 -11.36
N ALA D 188 -2.00 -9.54 -12.25
CA ALA D 188 -1.25 -8.29 -12.21
C ALA D 188 -0.52 -8.12 -13.54
N PRO D 189 -0.43 -6.87 -14.04
CA PRO D 189 0.28 -6.58 -15.29
C PRO D 189 1.79 -6.66 -15.18
N ASN D 190 2.45 -7.05 -16.27
CA ASN D 190 3.85 -6.72 -16.47
C ASN D 190 3.93 -5.42 -17.26
N LEU D 191 3.76 -4.31 -16.55
CA LEU D 191 3.67 -3.01 -17.18
C LEU D 191 4.95 -2.64 -17.95
N LYS D 192 6.12 -2.92 -17.36
CA LYS D 192 7.38 -2.56 -18.02
C LYS D 192 7.58 -3.30 -19.33
N ALA D 193 7.18 -4.57 -19.38
CA ALA D 193 7.37 -5.36 -20.58
C ALA D 193 6.49 -4.79 -21.68
N VAL D 194 5.27 -4.41 -21.31
CA VAL D 194 4.34 -3.83 -22.27
C VAL D 194 4.79 -2.44 -22.77
N THR D 195 5.17 -1.55 -21.85
CA THR D 195 5.58 -0.21 -22.28
C THR D 195 6.87 -0.29 -23.08
N THR D 196 7.80 -1.15 -22.68
CA THR D 196 9.06 -1.32 -23.39
C THR D 196 8.86 -1.65 -24.89
N ASN D 197 8.02 -2.64 -25.20
CA ASN D 197 7.72 -2.93 -26.60
C ASN D 197 7.05 -1.76 -27.33
N VAL D 198 6.14 -1.09 -26.64
CA VAL D 198 5.55 0.12 -27.22
C VAL D 198 6.63 1.19 -27.51
N ILE D 199 7.46 1.50 -26.52
CA ILE D 199 8.49 2.53 -26.72
C ILE D 199 9.42 2.17 -27.88
N LEU D 200 9.78 0.90 -28.00
CA LEU D 200 10.74 0.47 -29.02
C LEU D 200 10.05 0.22 -30.37
N GLY D 201 8.71 0.28 -30.35
CA GLY D 201 7.91 0.09 -31.56
C GLY D 201 7.99 -1.32 -32.10
N LYS D 202 8.17 -2.29 -31.21
CA LYS D 202 8.41 -3.65 -31.68
C LYS D 202 7.30 -4.66 -31.40
N THR D 203 7.37 -5.77 -32.11
CA THR D 203 6.52 -6.93 -31.88
C THR D 203 7.36 -8.16 -31.56
N ALA D 204 6.78 -9.12 -30.87
CA ALA D 204 7.44 -10.38 -30.56
C ALA D 204 6.42 -11.38 -30.04
N GLY D 205 6.34 -12.54 -30.70
CA GLY D 205 5.47 -13.60 -30.26
C GLY D 205 6.17 -14.48 -29.25
N ASN D 206 5.42 -15.31 -28.54
CA ASN D 206 5.99 -16.17 -27.50
C ASN D 206 6.39 -17.55 -28.05
N TRP D 207 7.00 -17.55 -29.23
CA TRP D 207 7.47 -18.80 -29.82
C TRP D 207 8.91 -18.66 -30.29
N GLY D 208 9.54 -19.79 -30.58
CA GLY D 208 10.91 -19.84 -31.06
C GLY D 208 11.34 -21.29 -31.16
N PRO D 209 12.64 -21.50 -31.43
CA PRO D 209 13.23 -22.84 -31.56
C PRO D 209 12.92 -23.74 -30.37
N ASN D 210 12.77 -23.15 -29.18
CA ASN D 210 12.44 -23.91 -27.98
C ASN D 210 10.94 -24.21 -27.80
N ALA D 211 10.08 -23.28 -28.23
CA ALA D 211 8.64 -23.40 -28.02
C ALA D 211 7.95 -24.05 -29.21
N THR D 212 7.91 -25.38 -29.20
CA THR D 212 7.47 -26.12 -30.37
C THR D 212 6.41 -27.14 -30.02
N PHE D 213 5.74 -27.66 -31.04
CA PHE D 213 4.88 -28.82 -30.85
C PHE D 213 5.15 -29.80 -31.98
N ARG D 214 4.75 -31.04 -31.78
CA ARG D 214 4.89 -32.03 -32.82
C ARG D 214 3.52 -32.57 -33.16
N PHE D 215 3.29 -32.81 -34.45
CA PHE D 215 2.00 -33.24 -34.93
C PHE D 215 2.18 -34.50 -35.79
N PRO D 216 1.24 -35.45 -35.67
CA PRO D 216 1.35 -36.71 -36.41
C PRO D 216 1.41 -36.49 -37.92
N ALA D 217 2.33 -37.20 -38.60
CA ALA D 217 2.50 -37.06 -40.03
C ALA D 217 1.28 -37.52 -40.82
N ARG D 218 0.59 -38.54 -40.33
CA ARG D 218 -0.58 -39.06 -41.05
C ARG D 218 -1.78 -39.31 -40.16
N GLY D 219 -2.97 -39.09 -40.71
CA GLY D 219 -4.21 -39.41 -40.02
C GLY D 219 -4.65 -38.39 -38.97
N GLY D 220 -3.97 -37.26 -38.90
CA GLY D 220 -4.37 -36.22 -37.97
C GLY D 220 -4.15 -36.64 -36.53
N THR D 221 -4.65 -35.85 -35.60
CA THR D 221 -4.51 -36.18 -34.19
C THR D 221 -5.06 -37.58 -33.93
N GLY D 222 -6.12 -37.94 -34.65
CA GLY D 222 -6.77 -39.22 -34.47
C GLY D 222 -5.84 -40.41 -34.69
N GLY D 223 -4.81 -40.19 -35.51
CA GLY D 223 -3.84 -41.23 -35.80
C GLY D 223 -3.04 -41.64 -34.58
N ILE D 224 -2.81 -40.71 -33.67
CA ILE D 224 -2.16 -41.02 -32.39
C ILE D 224 -2.94 -42.10 -31.64
N TRP D 225 -4.23 -41.85 -31.43
CA TRP D 225 -5.04 -42.71 -30.58
C TRP D 225 -5.34 -44.06 -31.21
N ILE D 226 -5.40 -44.09 -32.54
CA ILE D 226 -5.51 -45.36 -33.24
C ILE D 226 -4.28 -46.22 -32.96
N ALA D 227 -3.11 -45.60 -33.00
CA ALA D 227 -1.85 -46.32 -32.84
C ALA D 227 -1.57 -46.72 -31.38
N VAL D 228 -2.04 -45.91 -30.42
CA VAL D 228 -1.96 -46.26 -29.01
C VAL D 228 -2.87 -47.45 -28.71
N ALA D 229 -4.13 -47.35 -29.13
CA ALA D 229 -5.11 -48.43 -28.94
C ALA D 229 -4.57 -49.76 -29.48
N ASN D 230 -3.88 -49.69 -30.62
CA ASN D 230 -3.29 -50.86 -31.25
C ASN D 230 -2.19 -51.58 -30.45
N THR D 231 -1.67 -50.95 -29.40
CA THR D 231 -0.69 -51.64 -28.54
C THR D 231 -1.36 -52.48 -27.45
N LEU D 232 -2.70 -52.40 -27.39
CA LEU D 232 -3.45 -53.13 -26.40
C LEU D 232 -3.83 -54.51 -26.94
N PRO D 233 -3.97 -55.50 -26.03
CA PRO D 233 -4.43 -56.83 -26.45
C PRO D 233 -5.85 -56.77 -26.99
N LYS D 234 -6.01 -57.03 -28.28
CA LYS D 234 -7.30 -56.87 -28.96
C LYS D 234 -8.43 -57.55 -28.22
N GLU D 235 -8.16 -58.72 -27.65
CA GLU D 235 -9.21 -59.51 -27.01
C GLU D 235 -9.83 -58.82 -25.78
N LYS D 236 -9.16 -57.81 -25.24
CA LYS D 236 -9.64 -57.09 -24.07
C LYS D 236 -10.39 -55.79 -24.42
N THR D 237 -10.55 -55.53 -25.71
CA THR D 237 -11.28 -54.35 -26.20
C THR D 237 -12.61 -54.73 -26.84
N ARG D 238 -13.54 -53.80 -26.83
CA ARG D 238 -14.86 -54.01 -27.41
C ARG D 238 -15.36 -52.69 -27.97
N PHE D 239 -14.96 -52.39 -29.21
CA PHE D 239 -15.25 -51.09 -29.82
C PHE D 239 -16.28 -51.22 -30.94
N GLY D 240 -17.34 -50.42 -30.85
CA GLY D 240 -18.40 -50.44 -31.85
C GLY D 240 -19.76 -50.50 -31.20
N GLU D 241 -20.79 -50.80 -31.99
CA GLU D 241 -22.13 -51.00 -31.45
C GLU D 241 -22.10 -52.07 -30.36
N LYS D 242 -21.22 -53.05 -30.53
CA LYS D 242 -21.10 -54.13 -29.54
C LYS D 242 -20.57 -53.63 -28.21
N GLY D 243 -20.04 -52.40 -28.20
CA GLY D 243 -19.48 -51.83 -26.98
C GLY D 243 -20.21 -50.60 -26.45
N LYS D 244 -21.43 -50.36 -26.92
CA LYS D 244 -22.18 -49.20 -26.44
C LYS D 244 -22.86 -49.53 -25.11
N VAL D 245 -22.47 -48.81 -24.07
CA VAL D 245 -23.10 -48.99 -22.77
C VAL D 245 -24.43 -48.28 -22.76
N THR D 246 -25.48 -48.99 -22.34
CA THR D 246 -26.82 -48.41 -22.27
C THR D 246 -27.31 -48.32 -20.82
N LYS D 247 -26.77 -49.17 -19.96
CA LYS D 247 -27.19 -49.18 -18.57
C LYS D 247 -26.06 -49.48 -17.58
N VAL D 248 -26.03 -48.72 -16.50
CA VAL D 248 -25.11 -48.98 -15.41
C VAL D 248 -25.89 -49.22 -14.11
N ASN D 249 -25.79 -50.42 -13.57
CA ASN D 249 -26.45 -50.74 -12.31
C ASN D 249 -25.40 -50.69 -11.20
N ALA D 250 -25.33 -49.54 -10.54
CA ALA D 250 -24.25 -49.28 -9.59
C ALA D 250 -24.31 -50.18 -8.36
N ASN D 251 -25.52 -50.47 -7.89
CA ASN D 251 -25.68 -51.28 -6.68
C ASN D 251 -25.35 -52.75 -6.90
N ASN D 252 -25.40 -53.19 -8.15
CA ASN D 252 -25.06 -54.56 -8.49
C ASN D 252 -23.70 -54.68 -9.17
N LYS D 253 -23.08 -53.54 -9.46
CA LYS D 253 -21.81 -53.46 -10.18
C LYS D 253 -21.86 -54.20 -11.51
N THR D 254 -22.91 -53.93 -12.26
CA THR D 254 -23.13 -54.54 -13.55
C THR D 254 -23.39 -53.48 -14.59
N VAL D 255 -22.78 -53.65 -15.75
CA VAL D 255 -23.05 -52.76 -16.87
C VAL D 255 -23.70 -53.60 -17.96
N THR D 256 -24.64 -53.01 -18.69
CA THR D 256 -25.32 -53.69 -19.79
C THR D 256 -25.06 -52.96 -21.11
N LEU D 257 -24.62 -53.70 -22.12
CA LEU D 257 -24.36 -53.12 -23.43
C LEU D 257 -25.57 -53.18 -24.36
N GLN D 258 -25.44 -52.55 -25.53
CA GLN D 258 -26.53 -52.44 -26.49
C GLN D 258 -27.05 -53.79 -26.95
N ASP D 259 -26.12 -54.67 -27.30
CA ASP D 259 -26.46 -56.00 -27.77
C ASP D 259 -26.91 -56.94 -26.64
N GLY D 260 -27.14 -56.38 -25.46
CA GLY D 260 -27.67 -57.14 -24.33
C GLY D 260 -26.65 -57.77 -23.39
N THR D 261 -25.36 -57.67 -23.73
CA THR D 261 -24.30 -58.24 -22.92
C THR D 261 -24.18 -57.52 -21.59
N THR D 262 -23.93 -58.29 -20.53
CA THR D 262 -23.71 -57.72 -19.21
C THR D 262 -22.28 -57.94 -18.76
N ILE D 263 -21.70 -56.92 -18.14
CA ILE D 263 -20.35 -57.03 -17.62
C ILE D 263 -20.36 -56.70 -16.14
N GLY D 264 -19.77 -57.58 -15.35
CA GLY D 264 -19.59 -57.30 -13.93
C GLY D 264 -18.19 -56.77 -13.68
N TYR D 265 -18.06 -55.92 -12.67
CA TYR D 265 -16.78 -55.29 -12.34
C TYR D 265 -16.68 -55.13 -10.84
N LYS D 266 -15.46 -54.92 -10.35
CA LYS D 266 -15.26 -54.55 -8.96
C LYS D 266 -15.03 -53.05 -8.86
N LYS D 267 -14.43 -52.48 -9.90
CA LYS D 267 -14.19 -51.04 -9.95
C LYS D 267 -14.45 -50.53 -11.36
N LEU D 268 -15.12 -49.38 -11.47
CA LEU D 268 -15.50 -48.82 -12.75
C LEU D 268 -14.79 -47.50 -13.03
N VAL D 269 -14.16 -47.41 -14.19
CA VAL D 269 -13.56 -46.16 -14.64
C VAL D 269 -14.39 -45.68 -15.81
N SER D 270 -15.26 -44.69 -15.56
CA SER D 270 -16.13 -44.17 -16.60
C SER D 270 -15.58 -42.86 -17.19
N THR D 271 -15.41 -42.82 -18.50
CA THR D 271 -14.92 -41.62 -19.16
C THR D 271 -15.99 -40.96 -20.02
N MET D 272 -17.20 -41.51 -20.01
CA MET D 272 -18.28 -40.85 -20.74
C MET D 272 -18.71 -39.57 -20.03
N ALA D 273 -19.45 -38.71 -20.73
CA ALA D 273 -19.91 -37.47 -20.12
C ALA D 273 -20.70 -37.80 -18.84
N VAL D 274 -20.37 -37.15 -17.74
CA VAL D 274 -20.95 -37.56 -16.45
C VAL D 274 -22.49 -37.42 -16.40
N ASP D 275 -23.04 -36.49 -17.19
CA ASP D 275 -24.50 -36.37 -17.31
C ASP D 275 -25.15 -37.56 -18.02
N PHE D 276 -24.46 -38.18 -18.98
CA PHE D 276 -24.92 -39.42 -19.60
C PHE D 276 -24.75 -40.59 -18.61
N LEU D 277 -23.67 -40.57 -17.83
CA LEU D 277 -23.44 -41.61 -16.83
C LEU D 277 -24.63 -41.67 -15.88
N ALA D 278 -25.00 -40.52 -15.34
CA ALA D 278 -26.10 -40.40 -14.40
C ALA D 278 -27.39 -40.96 -14.99
N GLU D 279 -27.70 -40.58 -16.23
CA GLU D 279 -28.87 -41.09 -16.92
C GLU D 279 -28.81 -42.62 -17.03
N ALA D 280 -27.64 -43.14 -17.38
CA ALA D 280 -27.47 -44.58 -17.58
C ALA D 280 -27.58 -45.35 -16.27
N MET D 281 -27.33 -44.67 -15.15
CA MET D 281 -27.47 -45.27 -13.82
C MET D 281 -28.91 -45.15 -13.33
N ASN D 282 -29.77 -44.48 -14.10
CA ASN D 282 -31.12 -44.17 -13.65
C ASN D 282 -31.16 -43.70 -12.20
N ASP D 283 -30.19 -42.89 -11.83
CA ASP D 283 -30.10 -42.29 -10.50
C ASP D 283 -30.63 -40.86 -10.57
N GLN D 284 -31.87 -40.66 -10.15
CA GLN D 284 -32.53 -39.36 -10.32
C GLN D 284 -31.80 -38.23 -9.59
N GLU D 285 -31.19 -38.54 -8.45
CA GLU D 285 -30.50 -37.54 -7.67
C GLU D 285 -29.27 -37.00 -8.40
N LEU D 286 -28.51 -37.90 -9.02
CA LEU D 286 -27.34 -37.54 -9.80
C LEU D 286 -27.73 -36.84 -11.11
N VAL D 287 -28.84 -37.29 -11.70
CA VAL D 287 -29.35 -36.63 -12.90
C VAL D 287 -29.60 -35.15 -12.61
N GLY D 288 -30.21 -34.89 -11.46
CA GLY D 288 -30.46 -33.52 -11.03
C GLY D 288 -29.20 -32.71 -10.84
N LEU D 289 -28.20 -33.29 -10.17
CA LEU D 289 -26.93 -32.59 -9.96
C LEU D 289 -26.17 -32.35 -11.27
N THR D 290 -26.11 -33.35 -12.15
CA THR D 290 -25.34 -33.21 -13.38
C THR D 290 -25.97 -32.23 -14.37
N LYS D 291 -27.29 -32.02 -14.26
CA LYS D 291 -27.96 -31.01 -15.09
C LYS D 291 -27.64 -29.59 -14.61
N GLN D 292 -27.09 -29.47 -13.40
CA GLN D 292 -26.63 -28.18 -12.89
C GLN D 292 -25.27 -27.75 -13.47
N LEU D 293 -24.60 -28.67 -14.17
CA LEU D 293 -23.33 -28.32 -14.82
C LEU D 293 -23.65 -27.58 -16.11
N PHE D 294 -22.64 -26.92 -16.67
CA PHE D 294 -22.83 -26.18 -17.90
C PHE D 294 -21.75 -26.55 -18.90
N TYR D 295 -22.14 -26.64 -20.16
CA TYR D 295 -21.19 -26.96 -21.23
C TYR D 295 -21.61 -26.24 -22.49
N SER D 296 -20.65 -25.98 -23.38
CA SER D 296 -20.95 -25.46 -24.71
C SER D 296 -20.73 -26.54 -25.76
N SER D 297 -21.43 -26.41 -26.88
CA SER D 297 -21.23 -27.29 -28.05
C SER D 297 -20.25 -26.63 -29.01
N THR D 298 -19.57 -27.45 -29.81
CA THR D 298 -18.60 -26.94 -30.77
C THR D 298 -18.98 -27.27 -32.21
N HIS D 299 -19.02 -26.25 -33.06
CA HIS D 299 -19.14 -26.48 -34.50
C HIS D 299 -17.74 -26.38 -35.10
N VAL D 300 -17.33 -27.43 -35.81
CA VAL D 300 -16.09 -27.41 -36.56
C VAL D 300 -16.42 -27.20 -38.04
N ILE D 301 -15.85 -26.16 -38.65
CA ILE D 301 -16.00 -25.94 -40.09
C ILE D 301 -14.62 -26.08 -40.75
N GLY D 302 -14.57 -26.86 -41.83
CA GLY D 302 -13.35 -27.04 -42.60
C GLY D 302 -13.49 -26.51 -44.02
N VAL D 303 -12.46 -25.84 -44.50
CA VAL D 303 -12.49 -25.29 -45.85
C VAL D 303 -11.20 -25.61 -46.57
N GLY D 304 -11.30 -26.31 -47.71
CA GLY D 304 -10.14 -26.61 -48.52
C GLY D 304 -10.00 -25.62 -49.67
N VAL D 305 -8.79 -25.09 -49.87
CA VAL D 305 -8.60 -24.02 -50.86
C VAL D 305 -7.56 -24.42 -51.89
N ARG D 306 -7.81 -24.07 -53.15
CA ARG D 306 -6.82 -24.32 -54.20
C ARG D 306 -5.73 -23.27 -54.10
N GLY D 307 -4.49 -23.68 -54.36
CA GLY D 307 -3.40 -22.71 -54.48
C GLY D 307 -2.27 -23.07 -53.54
N SER D 308 -1.08 -22.57 -53.85
CA SER D 308 0.02 -22.71 -52.89
C SER D 308 -0.30 -21.77 -51.73
N ARG D 309 0.34 -21.99 -50.60
CA ARG D 309 0.03 -21.21 -49.40
C ARG D 309 0.29 -19.73 -49.63
N PRO D 310 -0.73 -18.89 -49.44
CA PRO D 310 -0.55 -17.45 -49.67
C PRO D 310 0.44 -16.83 -48.68
N GLU D 311 1.24 -15.88 -49.13
CA GLU D 311 2.23 -15.22 -48.29
C GLU D 311 1.62 -14.60 -47.03
N ARG D 312 0.42 -14.03 -47.15
CA ARG D 312 -0.24 -13.40 -46.00
C ARG D 312 -0.58 -14.41 -44.91
N ILE D 313 -0.68 -15.69 -45.28
CA ILE D 313 -0.95 -16.75 -44.31
C ILE D 313 0.37 -17.23 -43.70
N GLY D 314 1.30 -17.64 -44.57
CA GLY D 314 2.63 -17.97 -44.13
C GLY D 314 2.65 -19.10 -43.12
N ASP D 315 3.47 -18.94 -42.10
CA ASP D 315 3.76 -20.03 -41.17
C ASP D 315 2.79 -20.07 -39.96
N LYS D 316 1.72 -19.29 -40.05
CA LYS D 316 0.73 -19.21 -38.98
C LYS D 316 0.18 -20.59 -38.64
N CYS D 317 -0.03 -20.83 -37.34
CA CYS D 317 -0.59 -22.09 -36.86
C CYS D 317 -2.05 -21.96 -36.39
N TRP D 318 -2.30 -21.17 -35.35
CA TRP D 318 -3.67 -20.89 -34.94
C TRP D 318 -3.87 -19.41 -34.70
N LEU D 319 -5.13 -18.97 -34.73
CA LEU D 319 -5.44 -17.56 -34.82
C LEU D 319 -6.67 -17.28 -33.97
N TYR D 320 -6.66 -16.15 -33.27
CA TYR D 320 -7.77 -15.80 -32.38
C TYR D 320 -8.59 -14.66 -32.95
N PHE D 321 -9.91 -14.73 -32.80
CA PHE D 321 -10.77 -13.68 -33.36
C PHE D 321 -11.74 -13.09 -32.32
N PRO D 322 -11.29 -12.06 -31.59
CA PRO D 322 -12.15 -11.35 -30.63
C PRO D 322 -13.27 -10.57 -31.30
N GLU D 323 -13.12 -10.20 -32.58
CA GLU D 323 -14.02 -9.26 -33.23
C GLU D 323 -15.29 -9.91 -33.79
N ASP D 324 -16.34 -9.11 -34.01
CA ASP D 324 -17.61 -9.68 -34.49
C ASP D 324 -17.85 -9.61 -36.01
N ASN D 325 -16.79 -9.51 -36.82
CA ASN D 325 -16.98 -9.62 -38.26
C ASN D 325 -16.84 -11.07 -38.74
N CYS D 326 -16.83 -12.00 -37.80
CA CYS D 326 -16.77 -13.43 -38.09
C CYS D 326 -17.33 -14.22 -36.90
N PRO D 327 -17.93 -15.40 -37.16
CA PRO D 327 -18.59 -16.10 -36.05
C PRO D 327 -17.65 -17.03 -35.29
N PHE D 328 -16.52 -17.38 -35.89
CA PHE D 328 -15.58 -18.29 -35.26
C PHE D 328 -14.67 -17.58 -34.27
N TYR D 329 -14.24 -18.30 -33.24
CA TYR D 329 -13.36 -17.74 -32.25
C TYR D 329 -11.92 -18.11 -32.59
N ARG D 330 -11.73 -19.25 -33.26
CA ARG D 330 -10.39 -19.68 -33.60
C ARG D 330 -10.32 -20.33 -34.98
N ALA D 331 -9.22 -20.09 -35.67
CA ALA D 331 -8.95 -20.71 -36.96
C ALA D 331 -7.58 -21.38 -36.88
N THR D 332 -7.44 -22.49 -37.60
CA THR D 332 -6.18 -23.20 -37.64
C THR D 332 -5.78 -23.40 -39.08
N ILE D 333 -4.52 -23.12 -39.40
CA ILE D 333 -4.03 -23.38 -40.75
C ILE D 333 -3.60 -24.84 -40.77
N PHE D 334 -4.59 -25.71 -40.88
CA PHE D 334 -4.41 -27.15 -40.66
C PHE D 334 -3.48 -27.79 -41.67
N SER D 335 -3.41 -27.22 -42.88
CA SER D 335 -2.48 -27.70 -43.89
C SER D 335 -1.03 -27.41 -43.51
N ASN D 336 -0.81 -26.49 -42.58
CA ASN D 336 0.54 -26.27 -42.04
C ASN D 336 0.98 -27.35 -41.05
N TYR D 337 0.07 -28.20 -40.61
CA TYR D 337 0.46 -29.18 -39.57
C TYR D 337 1.08 -30.43 -40.18
N SER D 338 0.58 -30.83 -41.35
CA SER D 338 1.12 -31.98 -42.06
C SER D 338 0.76 -31.90 -43.53
N PRO D 339 1.73 -32.22 -44.41
CA PRO D 339 1.36 -32.21 -45.84
C PRO D 339 0.35 -33.30 -46.15
N TYR D 340 0.08 -34.18 -45.19
CA TYR D 340 -0.91 -35.24 -45.44
C TYR D 340 -2.28 -34.94 -44.85
N ASN D 341 -2.49 -33.70 -44.39
CA ASN D 341 -3.82 -33.29 -43.93
C ASN D 341 -4.77 -32.92 -45.10
N GLN D 342 -4.25 -32.97 -46.31
CA GLN D 342 -5.00 -32.61 -47.52
C GLN D 342 -4.33 -33.27 -48.75
N PRO D 343 -5.03 -33.30 -49.90
CA PRO D 343 -4.52 -34.07 -51.04
C PRO D 343 -3.22 -33.53 -51.64
N GLU D 344 -2.47 -34.41 -52.31
CA GLU D 344 -1.25 -34.01 -53.02
C GLU D 344 -1.55 -33.02 -54.15
N ALA D 345 -0.54 -32.29 -54.58
CA ALA D 345 -0.70 -31.28 -55.61
C ALA D 345 -1.32 -31.82 -56.90
N SER D 346 -0.96 -33.05 -57.27
CA SER D 346 -1.42 -33.65 -58.52
C SER D 346 -2.83 -34.23 -58.45
N ALA D 347 -3.44 -34.22 -57.26
CA ALA D 347 -4.82 -34.68 -57.15
C ALA D 347 -5.72 -33.64 -57.79
N ALA D 348 -6.72 -34.09 -58.55
CA ALA D 348 -7.57 -33.16 -59.29
C ALA D 348 -8.97 -33.03 -58.70
N LEU D 349 -9.40 -31.80 -58.49
CA LEU D 349 -10.68 -31.51 -57.84
C LEU D 349 -11.31 -30.31 -58.49
N PRO D 350 -12.63 -30.35 -58.72
CA PRO D 350 -13.29 -29.17 -59.25
C PRO D 350 -13.48 -28.12 -58.15
N THR D 351 -13.68 -26.88 -58.55
CA THR D 351 -13.99 -25.81 -57.62
C THR D 351 -15.48 -25.88 -57.32
N MET D 352 -15.83 -25.85 -56.04
CA MET D 352 -17.23 -25.90 -55.59
C MET D 352 -17.83 -24.51 -55.57
N GLN D 353 -17.03 -23.53 -55.20
CA GLN D 353 -17.48 -22.14 -55.18
C GLN D 353 -16.27 -21.25 -54.96
N LEU D 354 -16.49 -19.95 -55.10
CA LEU D 354 -15.45 -18.98 -54.78
C LEU D 354 -15.76 -18.43 -53.40
N ALA D 355 -14.77 -17.84 -52.76
CA ALA D 355 -14.94 -17.39 -51.39
C ALA D 355 -16.05 -16.36 -51.24
N ASP D 356 -16.38 -15.63 -52.31
CA ASP D 356 -17.45 -14.64 -52.16
C ASP D 356 -18.83 -15.25 -52.38
N GLY D 357 -18.85 -16.56 -52.64
CA GLY D 357 -20.09 -17.28 -52.78
C GLY D 357 -20.49 -17.55 -54.21
N SER D 358 -19.73 -17.03 -55.16
CA SER D 358 -20.14 -17.19 -56.56
C SER D 358 -19.66 -18.51 -57.17
N ARG D 359 -20.20 -18.86 -58.33
CA ARG D 359 -19.89 -20.12 -58.98
C ARG D 359 -18.60 -20.00 -59.80
N PRO D 360 -17.83 -21.10 -59.88
CA PRO D 360 -16.59 -21.08 -60.65
C PRO D 360 -16.94 -20.92 -62.11
N GLN D 361 -15.99 -20.45 -62.91
CA GLN D 361 -16.21 -20.26 -64.34
C GLN D 361 -16.33 -21.62 -65.02
N SER D 362 -15.54 -22.57 -64.53
CA SER D 362 -15.54 -23.91 -65.07
C SER D 362 -15.89 -24.93 -63.99
N THR D 363 -16.42 -26.07 -64.43
CA THR D 363 -16.84 -27.11 -63.51
C THR D 363 -15.85 -28.29 -63.55
N GLU D 364 -14.78 -28.13 -64.34
CA GLU D 364 -13.78 -29.17 -64.53
C GLU D 364 -12.87 -29.36 -63.33
N ALA D 365 -12.33 -30.57 -63.19
CA ALA D 365 -11.35 -30.84 -62.16
C ALA D 365 -9.97 -30.30 -62.57
N LYS D 366 -9.32 -29.58 -61.67
CA LYS D 366 -7.98 -29.08 -61.89
C LYS D 366 -7.10 -29.56 -60.77
N GLU D 367 -5.80 -29.39 -60.93
CA GLU D 367 -4.87 -29.87 -59.93
C GLU D 367 -4.64 -28.83 -58.84
N GLY D 368 -3.88 -29.21 -57.82
CA GLY D 368 -3.54 -28.31 -56.72
C GLY D 368 -2.35 -27.45 -57.05
N PRO D 369 -1.50 -27.17 -56.05
CA PRO D 369 -1.60 -27.68 -54.68
C PRO D 369 -2.79 -27.12 -53.89
N TYR D 370 -2.90 -27.54 -52.63
CA TYR D 370 -4.02 -27.15 -51.78
C TYR D 370 -3.56 -26.75 -50.39
N TRP D 371 -4.34 -25.88 -49.75
CA TRP D 371 -4.17 -25.59 -48.34
C TRP D 371 -5.53 -25.68 -47.63
N SER D 372 -5.54 -25.62 -46.31
CA SER D 372 -6.75 -25.96 -45.57
C SER D 372 -6.93 -25.13 -44.32
N ILE D 373 -8.15 -24.62 -44.11
CA ILE D 373 -8.48 -23.87 -42.91
C ILE D 373 -9.51 -24.59 -42.05
N MET D 374 -9.22 -24.72 -40.74
CA MET D 374 -10.15 -25.34 -39.80
C MET D 374 -10.60 -24.31 -38.76
N LEU D 375 -11.91 -24.16 -38.63
CA LEU D 375 -12.53 -23.11 -37.80
C LEU D 375 -13.39 -23.70 -36.68
N GLU D 376 -13.56 -22.93 -35.61
CA GLU D 376 -14.39 -23.36 -34.49
C GLU D 376 -15.40 -22.29 -34.13
N VAL D 377 -16.65 -22.70 -33.96
CA VAL D 377 -17.73 -21.83 -33.48
C VAL D 377 -18.41 -22.47 -32.28
N SER D 378 -18.58 -21.70 -31.21
CA SER D 378 -19.20 -22.25 -30.00
C SER D 378 -20.70 -22.00 -30.01
N GLU D 379 -21.43 -22.85 -29.32
CA GLU D 379 -22.87 -22.70 -29.16
C GLU D 379 -23.31 -23.06 -27.74
N SER D 380 -24.22 -22.25 -27.19
CA SER D 380 -24.86 -22.55 -25.92
C SER D 380 -26.24 -21.90 -25.91
N SER D 381 -27.00 -22.15 -24.85
CA SER D 381 -28.30 -21.50 -24.68
C SER D 381 -28.19 -19.98 -24.60
N MET D 382 -27.02 -19.47 -24.23
CA MET D 382 -26.80 -18.02 -24.18
C MET D 382 -26.29 -17.49 -25.51
N LYS D 383 -26.05 -18.40 -26.45
CA LYS D 383 -25.42 -18.05 -27.72
C LYS D 383 -25.80 -19.07 -28.79
N PRO D 384 -26.93 -18.86 -29.47
CA PRO D 384 -27.45 -19.79 -30.49
C PRO D 384 -26.62 -19.81 -31.75
N VAL D 385 -26.66 -20.92 -32.47
CA VAL D 385 -26.04 -21.02 -33.78
C VAL D 385 -27.03 -21.58 -34.78
N ASN D 386 -27.17 -20.90 -35.92
CA ASN D 386 -28.04 -21.35 -37.00
C ASN D 386 -27.31 -22.36 -37.85
N GLN D 387 -27.61 -23.64 -37.65
CA GLN D 387 -26.85 -24.70 -38.28
C GLN D 387 -26.94 -24.68 -39.80
N GLU D 388 -27.98 -24.06 -40.33
CA GLU D 388 -28.16 -24.04 -41.78
C GLU D 388 -27.38 -22.94 -42.49
N THR D 389 -27.03 -21.87 -41.79
CA THR D 389 -26.26 -20.80 -42.42
C THR D 389 -24.82 -20.69 -41.93
N ILE D 390 -24.46 -21.47 -40.91
CA ILE D 390 -23.15 -21.31 -40.28
C ILE D 390 -21.95 -21.51 -41.21
N LEU D 391 -22.02 -22.48 -42.11
CA LEU D 391 -20.93 -22.70 -43.04
C LEU D 391 -20.70 -21.46 -43.89
N ALA D 392 -21.78 -20.94 -44.46
CA ALA D 392 -21.71 -19.77 -45.33
C ALA D 392 -21.29 -18.52 -44.54
N ASP D 393 -21.71 -18.44 -43.29
CA ASP D 393 -21.26 -17.35 -42.41
C ASP D 393 -19.77 -17.44 -42.09
N CYS D 394 -19.28 -18.66 -41.89
CA CYS D 394 -17.85 -18.85 -41.68
C CYS D 394 -17.03 -18.41 -42.91
N ILE D 395 -17.46 -18.84 -44.10
CA ILE D 395 -16.76 -18.48 -45.32
C ILE D 395 -16.74 -16.96 -45.53
N GLN D 396 -17.87 -16.31 -45.28
CA GLN D 396 -17.88 -14.85 -45.32
C GLN D 396 -16.91 -14.28 -44.28
N GLY D 397 -16.85 -14.92 -43.11
CA GLY D 397 -15.90 -14.52 -42.08
C GLY D 397 -14.46 -14.54 -42.57
N LEU D 398 -14.12 -15.58 -43.33
CA LEU D 398 -12.78 -15.71 -43.90
C LEU D 398 -12.42 -14.55 -44.85
N VAL D 399 -13.39 -14.08 -45.63
CA VAL D 399 -13.20 -12.91 -46.48
C VAL D 399 -13.06 -11.63 -45.66
N ASN D 400 -13.98 -11.44 -44.72
CA ASN D 400 -13.96 -10.25 -43.84
C ASN D 400 -12.66 -10.09 -43.09
N THR D 401 -12.06 -11.22 -42.71
CA THR D 401 -10.80 -11.21 -41.95
C THR D 401 -9.58 -11.26 -42.87
N GLU D 402 -9.81 -11.20 -44.19
CA GLU D 402 -8.70 -11.22 -45.15
C GLU D 402 -7.86 -12.49 -45.07
N MET D 403 -8.46 -13.58 -44.62
CA MET D 403 -7.81 -14.88 -44.73
C MET D 403 -7.97 -15.40 -46.16
N LEU D 404 -9.16 -15.21 -46.73
CA LEU D 404 -9.41 -15.53 -48.14
C LEU D 404 -9.73 -14.27 -48.94
N LYS D 405 -9.25 -14.23 -50.18
CA LYS D 405 -9.71 -13.24 -51.15
C LYS D 405 -11.05 -13.69 -51.73
N PRO D 406 -11.88 -12.74 -52.19
CA PRO D 406 -13.15 -13.09 -52.82
C PRO D 406 -12.98 -14.09 -53.97
N THR D 407 -11.81 -14.07 -54.60
CA THR D 407 -11.52 -14.95 -55.73
C THR D 407 -11.04 -16.35 -55.37
N ASP D 408 -10.68 -16.58 -54.11
CA ASP D 408 -10.09 -17.88 -53.77
C ASP D 408 -11.07 -19.00 -54.10
N GLU D 409 -10.52 -20.12 -54.54
CA GLU D 409 -11.34 -21.26 -54.96
C GLU D 409 -11.46 -22.30 -53.88
N ILE D 410 -12.67 -22.49 -53.38
CA ILE D 410 -12.93 -23.49 -52.35
C ILE D 410 -13.24 -24.83 -53.02
N VAL D 411 -12.51 -25.88 -52.64
CA VAL D 411 -12.66 -27.18 -53.28
C VAL D 411 -13.20 -28.24 -52.34
N SER D 412 -13.43 -27.88 -51.09
CA SER D 412 -13.98 -28.82 -50.13
C SER D 412 -14.52 -28.06 -48.94
N THR D 413 -15.63 -28.52 -48.38
CA THR D 413 -16.18 -27.91 -47.17
C THR D 413 -16.54 -29.03 -46.20
N TYR D 414 -16.56 -28.71 -44.92
CA TYR D 414 -16.82 -29.68 -43.86
C TYR D 414 -17.52 -28.96 -42.72
N HIS D 415 -18.56 -29.59 -42.17
CA HIS D 415 -19.22 -29.05 -40.99
C HIS D 415 -19.75 -30.15 -40.10
N ARG D 416 -19.36 -30.12 -38.83
CA ARG D 416 -19.89 -31.06 -37.87
C ARG D 416 -20.06 -30.42 -36.49
N ARG D 417 -21.17 -30.74 -35.85
CA ARG D 417 -21.51 -30.21 -34.54
C ARG D 417 -21.23 -31.26 -33.45
N PHE D 418 -20.45 -30.89 -32.45
CA PHE D 418 -20.16 -31.78 -31.32
C PHE D 418 -20.88 -31.24 -30.08
N ASP D 419 -21.83 -32.02 -29.60
CA ASP D 419 -22.75 -31.56 -28.56
C ASP D 419 -22.02 -31.20 -27.25
N HIS D 420 -21.18 -32.09 -26.75
CA HIS D 420 -20.36 -31.75 -25.60
C HIS D 420 -19.01 -31.31 -26.10
N GLY D 421 -18.77 -30.01 -26.06
CA GLY D 421 -17.54 -29.46 -26.59
C GLY D 421 -16.57 -28.98 -25.54
N TYR D 422 -17.01 -28.01 -24.74
CA TYR D 422 -16.22 -27.51 -23.61
C TYR D 422 -16.99 -27.67 -22.31
N PRO D 423 -16.32 -28.21 -21.28
CA PRO D 423 -16.93 -28.14 -19.94
C PRO D 423 -16.63 -26.75 -19.37
N THR D 424 -17.66 -26.00 -19.03
CA THR D 424 -17.53 -24.60 -18.64
C THR D 424 -17.12 -24.40 -17.17
N PRO D 425 -16.06 -23.63 -16.94
CA PRO D 425 -15.71 -23.28 -15.55
C PRO D 425 -16.61 -22.17 -14.99
N THR D 426 -17.88 -22.47 -14.82
CA THR D 426 -18.81 -21.51 -14.23
C THR D 426 -18.50 -21.27 -12.75
N LEU D 427 -19.04 -20.19 -12.20
CA LEU D 427 -18.93 -19.95 -10.77
C LEU D 427 -19.48 -21.15 -9.99
N GLU D 428 -20.50 -21.81 -10.53
CA GLU D 428 -21.19 -22.91 -9.84
C GLU D 428 -20.53 -24.30 -10.00
N ARG D 429 -19.63 -24.47 -10.96
CA ARG D 429 -19.03 -25.78 -11.24
C ARG D 429 -18.54 -26.57 -10.01
N GLU D 430 -17.67 -26.00 -9.20
CA GLU D 430 -17.10 -26.76 -8.09
C GLU D 430 -18.13 -27.17 -7.04
N GLY D 431 -19.04 -26.28 -6.71
CA GLY D 431 -20.10 -26.58 -5.76
C GLY D 431 -20.86 -27.83 -6.17
N THR D 432 -21.07 -27.98 -7.49
CA THR D 432 -21.82 -29.10 -8.04
C THR D 432 -20.98 -30.38 -8.10
N LEU D 433 -19.71 -30.26 -8.52
CA LEU D 433 -18.84 -31.42 -8.69
C LEU D 433 -18.40 -32.04 -7.37
N THR D 434 -18.29 -31.23 -6.31
CA THR D 434 -17.94 -31.76 -5.00
C THR D 434 -19.11 -32.52 -4.37
N GLN D 435 -20.28 -32.45 -4.99
CA GLN D 435 -21.42 -33.26 -4.60
C GLN D 435 -21.49 -34.51 -5.48
N ILE D 436 -21.18 -34.35 -6.77
CA ILE D 436 -21.30 -35.46 -7.71
C ILE D 436 -20.21 -36.52 -7.57
N LEU D 437 -18.96 -36.09 -7.55
CA LEU D 437 -17.84 -37.02 -7.62
C LEU D 437 -17.72 -37.96 -6.41
N PRO D 438 -17.90 -37.43 -5.19
CA PRO D 438 -17.88 -38.29 -3.99
C PRO D 438 -19.01 -39.34 -3.97
N LYS D 439 -20.19 -38.99 -4.50
CA LYS D 439 -21.29 -39.95 -4.50
C LYS D 439 -20.99 -41.10 -5.45
N LEU D 440 -20.34 -40.80 -6.57
CA LEU D 440 -19.92 -41.83 -7.52
C LEU D 440 -18.77 -42.61 -6.93
N GLN D 441 -17.87 -41.89 -6.27
CA GLN D 441 -16.74 -42.52 -5.59
C GLN D 441 -17.19 -43.53 -4.54
N ASP D 442 -18.28 -43.21 -3.82
CA ASP D 442 -18.83 -44.12 -2.80
C ASP D 442 -19.39 -45.40 -3.40
N LYS D 443 -19.47 -45.46 -4.72
CA LYS D 443 -19.97 -46.66 -5.37
C LYS D 443 -18.87 -47.36 -6.16
N ASP D 444 -17.62 -47.01 -5.88
CA ASP D 444 -16.48 -47.53 -6.63
C ASP D 444 -16.56 -47.16 -8.13
N ILE D 445 -17.02 -45.95 -8.40
CA ILE D 445 -16.99 -45.42 -9.77
C ILE D 445 -16.03 -44.24 -9.86
N TRP D 446 -15.00 -44.39 -10.69
CA TRP D 446 -14.06 -43.32 -10.94
C TRP D 446 -14.51 -42.66 -12.25
N SER D 447 -15.28 -41.58 -12.16
CA SER D 447 -15.69 -40.81 -13.34
C SER D 447 -14.61 -39.78 -13.67
N ARG D 448 -13.94 -39.97 -14.81
CA ARG D 448 -12.79 -39.14 -15.14
C ARG D 448 -12.77 -38.77 -16.63
N GLY D 449 -12.18 -37.62 -16.94
CA GLY D 449 -12.05 -37.17 -18.32
C GLY D 449 -12.54 -35.76 -18.55
N ARG D 450 -12.45 -35.30 -19.80
CA ARG D 450 -12.85 -33.95 -20.14
C ARG D 450 -14.29 -33.72 -19.71
N PHE D 451 -15.16 -34.70 -19.94
CA PHE D 451 -16.54 -34.60 -19.45
C PHE D 451 -16.86 -35.66 -18.38
N GLY D 452 -15.90 -36.56 -18.16
CA GLY D 452 -15.99 -37.52 -17.08
C GLY D 452 -15.88 -36.81 -15.74
N SER D 453 -14.97 -35.85 -15.66
CA SER D 453 -14.77 -35.07 -14.44
C SER D 453 -14.89 -33.56 -14.64
N TRP D 454 -15.07 -33.14 -15.90
CA TRP D 454 -15.61 -31.79 -16.20
C TRP D 454 -14.72 -30.60 -15.83
N ARG D 455 -13.41 -30.79 -15.80
CA ARG D 455 -12.52 -29.69 -15.41
C ARG D 455 -11.62 -29.31 -16.57
N TYR D 456 -11.93 -28.19 -17.22
CA TYR D 456 -11.22 -27.77 -18.41
C TYR D 456 -9.71 -27.59 -18.20
N GLU D 457 -9.31 -27.07 -17.04
CA GLU D 457 -7.90 -26.83 -16.77
C GLU D 457 -7.05 -28.11 -16.79
N VAL D 458 -7.72 -29.26 -16.67
CA VAL D 458 -7.04 -30.54 -16.88
C VAL D 458 -7.80 -31.28 -17.96
N GLY D 459 -8.10 -30.56 -19.04
CA GLY D 459 -8.98 -31.04 -20.08
C GLY D 459 -8.31 -31.35 -21.42
N ASN D 460 -6.98 -31.22 -21.48
CA ASN D 460 -6.25 -31.53 -22.72
C ASN D 460 -6.01 -33.02 -22.90
N GLN D 461 -5.45 -33.37 -24.04
CA GLN D 461 -5.12 -34.76 -24.33
C GLN D 461 -4.24 -35.40 -23.27
N ASP D 462 -3.17 -34.71 -22.85
CA ASP D 462 -2.25 -35.28 -21.88
C ASP D 462 -2.91 -35.38 -20.50
N HIS D 463 -3.59 -34.33 -20.06
CA HIS D 463 -4.33 -34.37 -18.79
C HIS D 463 -5.31 -35.54 -18.77
N SER D 464 -6.08 -35.69 -19.85
CA SER D 464 -7.10 -36.71 -19.96
C SER D 464 -6.48 -38.11 -19.81
N PHE D 465 -5.49 -38.38 -20.66
CA PHE D 465 -4.75 -39.64 -20.60
C PHE D 465 -4.32 -39.93 -19.17
N MET D 466 -3.74 -38.93 -18.50
CA MET D 466 -3.21 -39.13 -17.15
C MET D 466 -4.32 -39.30 -16.09
N LEU D 467 -5.46 -38.65 -16.30
CA LEU D 467 -6.62 -38.92 -15.44
C LEU D 467 -6.95 -40.41 -15.43
N GLY D 468 -6.89 -41.04 -16.59
CA GLY D 468 -7.10 -42.48 -16.69
C GLY D 468 -5.98 -43.27 -16.00
N VAL D 469 -4.74 -42.91 -16.31
CA VAL D 469 -3.59 -43.54 -15.69
C VAL D 469 -3.67 -43.51 -14.16
N GLU D 470 -3.88 -42.31 -13.63
CA GLU D 470 -3.90 -42.08 -12.19
C GLU D 470 -5.10 -42.71 -11.50
N ALA D 471 -6.25 -42.75 -12.17
CA ALA D 471 -7.40 -43.47 -11.65
C ALA D 471 -7.00 -44.93 -11.41
N VAL D 472 -6.35 -45.52 -12.39
CA VAL D 472 -5.95 -46.92 -12.30
C VAL D 472 -4.92 -47.09 -11.19
N ASP D 473 -3.97 -46.16 -11.13
CA ASP D 473 -2.94 -46.20 -10.11
C ASP D 473 -3.54 -46.06 -8.72
N ASN D 474 -4.64 -45.32 -8.63
CA ASN D 474 -5.30 -45.14 -7.35
C ASN D 474 -6.00 -46.45 -6.96
N ILE D 475 -6.56 -47.11 -7.96
CA ILE D 475 -7.30 -48.35 -7.74
C ILE D 475 -6.38 -49.49 -7.33
N VAL D 476 -5.20 -49.54 -7.94
CA VAL D 476 -4.28 -50.64 -7.70
C VAL D 476 -3.21 -50.33 -6.65
N ASN D 477 -2.58 -49.16 -6.76
CA ASN D 477 -1.38 -48.86 -5.99
C ASN D 477 -1.56 -47.80 -4.92
N GLY D 478 -2.80 -47.31 -4.75
CA GLY D 478 -3.08 -46.27 -3.78
C GLY D 478 -2.47 -44.91 -4.07
N ALA D 479 -2.18 -44.63 -5.34
CA ALA D 479 -1.58 -43.35 -5.72
C ALA D 479 -2.54 -42.20 -5.47
N VAL D 480 -2.00 -41.01 -5.18
CA VAL D 480 -2.85 -39.83 -5.11
C VAL D 480 -3.30 -39.47 -6.53
N GLU D 481 -4.56 -39.05 -6.70
CA GLU D 481 -5.00 -38.57 -8.01
C GLU D 481 -4.72 -37.07 -8.15
N LEU D 482 -3.50 -36.76 -8.54
CA LEU D 482 -2.99 -35.38 -8.50
C LEU D 482 -3.57 -34.51 -9.60
N THR D 483 -3.67 -35.07 -10.82
CA THR D 483 -4.20 -34.31 -11.94
C THR D 483 -5.65 -33.91 -11.68
N LEU D 484 -6.45 -34.85 -11.18
CA LEU D 484 -7.86 -34.59 -10.87
C LEU D 484 -8.03 -33.50 -9.83
N ASN D 485 -7.29 -33.61 -8.72
CA ASN D 485 -7.51 -32.77 -7.55
C ASN D 485 -6.65 -31.53 -7.45
N TYR D 486 -5.50 -31.53 -8.12
CA TYR D 486 -4.52 -30.45 -7.96
C TYR D 486 -3.90 -30.01 -9.30
N PRO D 487 -4.73 -29.43 -10.18
CA PRO D 487 -4.33 -28.99 -11.52
C PRO D 487 -3.11 -28.09 -11.53
N ASP D 488 -3.04 -27.14 -10.59
CA ASP D 488 -1.90 -26.23 -10.52
C ASP D 488 -0.61 -26.96 -10.18
N PHE D 489 -0.74 -28.00 -9.36
CA PHE D 489 0.42 -28.80 -9.00
C PHE D 489 0.97 -29.51 -10.23
N VAL D 490 0.14 -30.27 -10.92
CA VAL D 490 0.66 -31.03 -12.05
C VAL D 490 1.06 -30.14 -13.23
N ASN D 491 0.36 -29.03 -13.42
CA ASN D 491 0.71 -28.11 -14.50
C ASN D 491 1.95 -27.26 -14.22
N GLY D 492 2.37 -27.21 -12.96
CA GLY D 492 3.50 -26.36 -12.58
C GLY D 492 4.83 -27.09 -12.39
N ARG D 493 4.89 -28.35 -12.79
CA ARG D 493 6.06 -29.18 -12.49
C ARG D 493 6.37 -30.13 -13.65
N GLN D 494 7.53 -30.79 -13.56
CA GLN D 494 7.89 -31.83 -14.52
C GLN D 494 7.50 -33.18 -13.93
N ASN D 495 6.50 -33.80 -14.53
CA ASN D 495 6.01 -35.07 -14.05
C ASN D 495 6.78 -36.23 -14.68
N THR D 496 7.93 -36.57 -14.08
CA THR D 496 8.86 -37.50 -14.69
C THR D 496 8.91 -38.87 -14.02
N GLU D 497 8.30 -38.98 -12.84
CA GLU D 497 8.47 -40.19 -12.02
C GLU D 497 7.83 -41.44 -12.61
N ARG D 498 6.59 -41.31 -13.07
CA ARG D 498 5.86 -42.45 -13.61
C ARG D 498 6.22 -42.71 -15.08
N ARG D 499 6.63 -43.94 -15.39
CA ARG D 499 7.10 -44.30 -16.74
C ARG D 499 6.38 -45.53 -17.27
N LEU D 500 6.43 -45.74 -18.58
CA LEU D 500 5.77 -46.90 -19.20
C LEU D 500 6.48 -48.20 -18.81
N VAL D 501 7.75 -48.08 -18.41
CA VAL D 501 8.47 -49.18 -17.76
C VAL D 501 8.99 -48.71 -16.40
N ASP D 502 8.34 -49.19 -15.32
CA ASP D 502 8.69 -48.80 -13.95
C ASP D 502 9.55 -49.90 -13.31
N GLY D 503 9.99 -49.67 -12.08
CA GLY D 503 10.77 -50.67 -11.37
C GLY D 503 10.07 -52.03 -11.35
N ALA D 504 8.78 -52.01 -11.05
CA ALA D 504 8.01 -53.25 -10.93
C ALA D 504 8.23 -54.16 -12.14
N GLN D 505 8.17 -53.61 -13.35
CA GLN D 505 8.36 -54.43 -14.54
C GLN D 505 9.82 -54.84 -14.75
N VAL D 506 10.75 -53.99 -14.35
CA VAL D 506 12.17 -54.32 -14.49
C VAL D 506 12.51 -55.49 -13.58
N PHE D 507 12.05 -55.42 -12.33
CA PHE D 507 12.34 -56.46 -11.34
C PHE D 507 11.67 -57.79 -11.67
N ALA D 508 10.40 -57.73 -12.09
CA ALA D 508 9.65 -58.96 -12.35
C ALA D 508 10.24 -59.75 -13.53
N LYS D 509 10.93 -59.06 -14.43
CA LYS D 509 11.52 -59.70 -15.60
C LYS D 509 12.94 -60.22 -15.37
N SER D 510 13.28 -60.52 -14.12
CA SER D 510 14.61 -61.03 -13.78
C SER D 510 14.57 -62.25 -12.86
PA FDA E . 20.87 42.43 -3.55
O1A FDA E . 20.39 42.25 -5.01
O2A FDA E . 22.10 41.82 -3.14
O5B FDA E . 21.14 43.81 -3.07
C5B FDA E . 21.87 44.02 -1.86
C4B FDA E . 22.35 45.46 -1.75
O4B FDA E . 22.86 45.78 -0.48
C3B FDA E . 23.45 45.79 -2.73
O3B FDA E . 23.06 46.82 -3.53
C2B FDA E . 24.62 46.17 -1.92
O2B FDA E . 25.36 47.17 -2.52
C1B FDA E . 23.99 46.59 -0.64
N9A FDA E . 24.98 46.45 0.42
C8A FDA E . 25.77 45.36 0.72
N7A FDA E . 26.59 45.68 1.73
C5A FDA E . 26.36 47.00 2.12
C6A FDA E . 26.92 47.83 3.08
N6A FDA E . 27.95 47.32 3.94
N1A FDA E . 26.47 49.09 3.20
C2A FDA E . 25.49 49.59 2.40
N3A FDA E . 24.93 48.80 1.44
C4A FDA E . 25.34 47.53 1.27
N1 FDA E . 15.46 37.33 -9.91
C2 FDA E . 14.31 37.30 -10.74
O2 FDA E . 13.20 38.04 -10.38
N3 FDA E . 14.29 36.53 -11.91
C4 FDA E . 15.43 35.80 -12.26
O4 FDA E . 15.47 35.02 -13.40
C4X FDA E . 16.63 35.82 -11.41
N5 FDA E . 17.78 35.04 -11.80
C5X FDA E . 19.00 35.20 -11.05
C6 FDA E . 20.23 34.50 -11.53
C7 FDA E . 21.42 34.62 -10.79
C7M FDA E . 22.67 33.93 -11.27
C8 FDA E . 21.44 35.42 -9.61
C8M FDA E . 22.73 35.55 -8.83
C9 FDA E . 20.28 36.08 -9.15
C9A FDA E . 19.00 35.95 -9.92
N10 FDA E . 17.79 36.62 -9.46
C10 FDA E . 16.63 36.57 -10.28
C1' FDA E . 17.63 37.09 -8.07
C2' FDA E . 17.71 38.58 -7.85
O2' FDA E . 18.94 39.08 -8.25
C3' FDA E . 17.51 38.85 -6.37
O3' FDA E . 16.21 38.50 -6.06
C4' FDA E . 17.72 40.27 -5.86
O4' FDA E . 18.82 40.88 -6.50
C5' FDA E . 17.87 40.28 -4.35
O5' FDA E . 17.89 41.59 -3.83
P FDA E . 18.41 41.79 -2.35
O1P FDA E . 17.76 40.88 -1.22
O2P FDA E . 18.12 43.33 -2.29
O3P FDA E . 20.04 41.87 -2.43
S SO4 F . 23.06 27.45 -38.55
O1 SO4 F . 23.08 28.20 -39.81
O2 SO4 F . 22.64 28.36 -37.50
O3 SO4 F . 22.10 26.35 -38.64
O4 SO4 F . 24.39 26.91 -38.30
S SO4 G . 2.49 54.61 -23.94
O1 SO4 G . 3.79 54.15 -24.43
O2 SO4 G . 2.52 56.05 -23.76
O3 SO4 G . 1.46 54.24 -24.91
O4 SO4 G . 2.18 53.97 -22.67
N1 GDU H . 15.10 21.92 -13.21
C2 GDU H . 14.27 20.80 -13.57
N3 GDU H . 14.16 20.41 -14.94
C4 GDU H . 14.85 21.13 -15.93
C5 GDU H . 15.70 22.29 -15.57
C6 GDU H . 15.81 22.67 -14.22
O2 GDU H . 13.65 20.16 -12.71
O4 GDU H . 14.72 20.81 -17.12
C1D GDU H . 15.16 22.36 -11.85
C2D GDU H . 16.56 22.28 -11.30
O2D GDU H . 16.74 21.32 -10.32
C3D GDU H . 16.79 23.66 -10.84
C4D GDU H . 15.42 24.25 -10.76
O4D GDU H . 14.74 23.68 -11.82
O3D GDU H . 17.45 23.77 -9.67
C5D GDU H . 15.43 25.77 -10.93
O5D GDU H . 16.05 26.05 -12.12
PA GDU H . 15.89 27.46 -12.78
O1A GDU H . 16.69 27.73 -14.13
O2A GDU H . 14.33 27.66 -12.78
O3A GDU H . 16.11 28.38 -11.49
PB GDU H . 17.39 29.29 -11.31
O1B GDU H . 18.82 28.62 -11.33
O2B GDU H . 16.97 30.15 -10.06
O3B GDU H . 16.97 30.33 -12.50
C1' GDU H . 17.02 31.74 -12.52
C2' GDU H . 15.86 32.36 -11.81
C3' GDU H . 14.65 31.65 -12.29
C4' GDU H . 14.53 31.72 -13.83
C5' GDU H . 15.84 31.59 -14.56
C6' GDU H . 15.69 32.17 -15.98
O2' GDU H . 15.98 32.31 -10.42
O3' GDU H . 13.50 32.12 -11.66
O4' GDU H . 13.88 32.88 -14.22
O5' GDU H . 16.96 32.13 -13.88
O6' GDU H . 16.91 32.42 -16.59
PA FDA I . 16.78 -42.27 12.94
O1A FDA I . 17.97 -41.42 13.49
O2A FDA I . 15.63 -42.46 13.76
O5B FDA I . 17.01 -43.72 12.62
C5B FDA I . 18.14 -44.04 11.82
C4B FDA I . 18.68 -45.45 12.02
O4B FDA I . 19.77 -45.70 11.16
C3B FDA I . 19.20 -45.69 13.41
O3B FDA I . 18.57 -46.73 14.02
C2B FDA I . 20.62 -46.04 13.26
O2B FDA I . 20.98 -47.04 14.16
C1B FDA I . 20.69 -46.49 11.85
N9A FDA I . 22.07 -46.38 11.42
C8A FDA I . 22.92 -45.29 11.53
N7A FDA I . 24.12 -45.63 11.03
C5A FDA I . 24.10 -46.95 10.61
C6A FDA I . 25.04 -47.81 10.06
N6A FDA I . 26.38 -47.32 9.80
N1A FDA I . 24.70 -49.07 9.77
C2A FDA I . 23.46 -49.55 10.01
N3A FDA I . 22.51 -48.74 10.57
C4A FDA I . 22.80 -47.46 10.87
N1 FDA I . 8.57 -37.41 16.10
C2 FDA I . 7.15 -37.40 16.33
O2 FDA I . 6.36 -38.14 15.48
N3 FDA I . 6.59 -36.66 17.38
C4 FDA I . 7.42 -35.92 18.23
O4 FDA I . 6.91 -35.18 19.27
C4X FDA I . 8.90 -35.92 18.02
N5 FDA I . 9.74 -35.10 18.85
C5X FDA I . 11.18 -35.30 18.74
C6 FDA I . 12.03 -34.64 19.76
C7 FDA I . 13.41 -34.83 19.70
C7M FDA I . 14.26 -34.15 20.74
C8 FDA I . 14.01 -35.63 18.69
C8M FDA I . 15.50 -35.81 18.66
C9 FDA I . 13.18 -36.26 17.71
C9A FDA I . 11.72 -36.07 17.77
N10 FDA I . 10.86 -36.70 16.77
C10 FDA I . 9.44 -36.65 16.98
C1' FDA I . 11.38 -37.12 15.45
C2' FDA I . 11.57 -38.62 15.28
O2' FDA I . 12.44 -39.12 16.23
C3' FDA I . 12.12 -38.87 13.87
O3' FDA I . 11.10 -38.61 12.99
C4' FDA I . 12.65 -40.25 13.51
O4' FDA I . 13.26 -40.87 14.61
C5' FDA I . 13.62 -40.20 12.33
O5' FDA I . 13.69 -41.50 11.81
P FDA I . 14.83 -42.07 10.88
O1P FDA I . 14.66 -43.55 10.35
O2P FDA I . 14.87 -40.88 9.82
O3P FDA I . 16.17 -41.66 11.69
S SO4 J . 21.22 -48.40 22.73
O1 SO4 J . 20.64 -47.51 21.75
O2 SO4 J . 22.66 -48.13 22.86
O3 SO4 J . 20.58 -48.18 24.03
O4 SO4 J . 21.04 -49.79 22.31
S SO4 K . 1.45 -27.82 44.89
O1 SO4 K . 2.73 -27.17 45.10
O2 SO4 K . 0.42 -26.80 44.70
O3 SO4 K . 1.47 -28.67 43.70
O4 SO4 K . 1.13 -28.66 46.05
N1 GDU L . 6.81 -22.16 18.87
C2 GDU L . 5.93 -21.02 18.81
N3 GDU L . 5.14 -20.66 19.96
C4 GDU L . 5.22 -21.43 21.13
C5 GDU L . 6.11 -22.61 21.17
C6 GDU L . 6.87 -22.95 20.07
O2 GDU L . 5.84 -20.34 17.79
O4 GDU L . 4.53 -21.12 22.12
C1D GDU L . 7.60 -22.54 17.72
C2D GDU L . 9.08 -22.48 18.01
O2D GDU L . 9.76 -21.54 17.25
C3D GDU L . 9.51 -23.83 17.69
C4D GDU L . 8.41 -24.40 16.87
O4D GDU L . 7.25 -23.82 17.34
O3D GDU L . 10.70 -23.81 17.01
C5D GDU L . 8.27 -25.95 16.95
O5D GDU L . 8.42 -26.32 18.27
PA GDU L . 7.88 -27.69 18.81
O1A GDU L . 7.85 -27.91 20.38
O2A GDU L . 6.52 -27.81 18.06
O3A GDU L . 8.59 -28.72 17.81
PB GDU L . 9.81 -29.69 18.11
O1B GDU L . 10.47 -30.40 16.87
O2B GDU L . 10.76 -28.77 18.96
O3B GDU L . 9.25 -30.57 19.36
C1' GDU L . 8.84 -31.95 19.29
C2' GDU L . 8.14 -32.39 18.03
C3' GDU L . 6.81 -31.72 17.94
C4' GDU L . 5.97 -31.92 19.23
C5' GDU L . 6.78 -31.79 20.49
C6' GDU L . 6.00 -32.41 21.68
O2' GDU L . 8.92 -32.21 16.89
O3' GDU L . 6.09 -32.17 16.82
O4' GDU L . 5.30 -33.14 19.20
O5' GDU L . 8.08 -32.30 20.44
O6' GDU L . 6.82 -32.96 22.65
PA FDA M . -23.78 38.29 15.55
O1A FDA M . -25.05 37.49 15.12
O2A FDA M . -23.17 38.07 16.83
O5B FDA M . -23.85 39.76 15.62
C5B FDA M . -24.58 40.43 14.61
C4B FDA M . -25.15 41.80 15.02
O4B FDA M . -25.72 42.44 13.91
C3B FDA M . -26.23 41.72 16.06
O3B FDA M . -25.89 42.45 17.18
C2B FDA M . -27.43 42.32 15.45
O2B FDA M . -28.08 43.11 16.37
C1B FDA M . -26.86 43.12 14.34
N9A FDA M . -27.84 43.32 13.29
C8A FDA M . -28.54 42.36 12.57
N7A FDA M . -29.36 42.97 11.72
C5A FDA M . -29.24 44.35 11.84
C6A FDA M . -29.84 45.44 11.23
N6A FDA M . -30.84 45.24 10.21
N1A FDA M . -29.49 46.70 11.58
C2A FDA M . -28.56 46.93 12.54
N3A FDA M . -27.95 45.87 13.18
C4A FDA M . -28.26 44.60 12.85
N1 FDA M . -17.97 31.65 20.26
C2 FDA M . -16.84 31.29 21.06
O2 FDA M . -15.74 32.11 21.09
N3 FDA M . -16.84 30.11 21.82
C4 FDA M . -17.96 29.25 21.80
O4 FDA M . -17.98 28.10 22.54
C4X FDA M . -19.14 29.62 20.98
N5 FDA M . -20.29 28.74 20.97
C5X FDA M . -21.52 29.22 20.38
C6 FDA M . -22.76 28.43 20.59
C7 FDA M . -23.96 28.85 19.97
C7M FDA M . -25.22 28.02 20.20
C8 FDA M . -23.97 30.03 19.15
C8M FDA M . -25.25 30.49 18.48
C9 FDA M . -22.78 30.77 18.95
C9A FDA M . -21.52 30.34 19.60
N10 FDA M . -20.27 31.10 19.43
C10 FDA M . -19.13 30.77 20.23
C1' FDA M . -20.10 31.99 18.27
C2' FDA M . -20.14 33.45 18.65
O2' FDA M . -21.30 33.75 19.35
C3' FDA M . -20.01 34.24 17.34
O3' FDA M . -18.68 34.17 16.96
C4' FDA M . -20.38 35.72 17.32
O4' FDA M . -21.45 36.06 18.15
C5' FDA M . -20.69 36.15 15.90
O5' FDA M . -20.31 37.49 15.74
P FDA M . -21.05 38.50 14.75
O1P FDA M . -20.68 40.01 15.00
O2P FDA M . -20.72 37.76 13.39
O3P FDA M . -22.60 37.99 14.67
S SO4 N . -24.64 12.52 43.96
O1 SO4 N . -24.37 13.82 43.33
O2 SO4 N . -24.77 12.77 45.40
O3 SO4 N . -25.87 11.94 43.42
O4 SO4 N . -23.53 11.59 43.72
S SO4 O . -11.36 20.64 23.46
O1 SO4 O . -10.12 20.69 22.67
O2 SO4 O . -11.11 21.09 24.83
O3 SO4 O . -12.35 21.51 22.82
O4 SO4 O . -11.88 19.27 23.46
S SO4 P . -18.55 -5.94 31.04
O1 SO4 P . -17.55 -4.87 30.96
O2 SO4 P . -19.89 -5.36 31.18
O3 SO4 P . -18.51 -6.77 29.83
O4 SO4 P . -18.25 -6.77 32.20
S SO4 Q . -28.76 15.92 44.83
O1 SO4 Q . -27.62 16.61 45.43
O2 SO4 Q . -29.83 15.76 45.81
O3 SO4 Q . -29.24 16.67 43.67
O4 SO4 Q . -28.32 14.59 44.40
PA FDA R . -13.75 -38.11 -25.09
O1A FDA R . -15.03 -37.24 -25.30
O2A FDA R . -12.56 -37.90 -25.88
O5B FDA R . -13.86 -39.55 -25.40
C5B FDA R . -14.84 -40.30 -24.70
C4B FDA R . -15.17 -41.64 -25.36
O4B FDA R . -16.19 -42.29 -24.65
C3B FDA R . -15.65 -41.53 -26.79
O3B FDA R . -14.85 -42.25 -27.64
C2B FDA R . -17.03 -42.07 -26.77
O2B FDA R . -17.33 -42.75 -27.94
C1B FDA R . -17.02 -42.93 -25.56
N9A FDA R . -18.37 -43.12 -25.06
C8A FDA R . -19.31 -42.17 -24.73
N7A FDA R . -20.43 -42.78 -24.34
C5A FDA R . -20.26 -44.16 -24.41
C6A FDA R . -21.09 -45.25 -24.15
N6A FDA R . -22.42 -45.04 -23.68
N1A FDA R . -20.62 -46.50 -24.32
C2A FDA R . -19.36 -46.73 -24.75
N3A FDA R . -18.53 -45.68 -25.04
C4A FDA R . -18.94 -44.41 -24.89
N1 FDA R . -6.38 -31.36 -26.43
C2 FDA R . -5.00 -31.03 -26.58
O2 FDA R . -4.09 -31.87 -26.02
N3 FDA R . -4.61 -29.87 -27.29
C4 FDA R . -5.59 -29.03 -27.87
O4 FDA R . -5.26 -27.89 -28.57
C4X FDA R . -7.03 -29.39 -27.71
N5 FDA R . -8.03 -28.51 -28.29
C5X FDA R . -9.41 -28.99 -28.30
C6 FDA R . -10.42 -28.24 -29.08
C7 FDA R . -11.77 -28.67 -29.08
C7M FDA R . -12.79 -27.87 -29.88
C8 FDA R . -12.15 -29.83 -28.34
C8M FDA R . -13.58 -30.32 -28.33
C9 FDA R . -11.18 -30.55 -27.60
C9A FDA R . -9.76 -30.10 -27.60
N10 FDA R . -8.77 -30.87 -26.86
C10 FDA R . -7.39 -30.51 -27.02
C1' FDA R . -9.15 -31.78 -25.77
C2' FDA R . -9.10 -33.26 -26.15
O2' FDA R . -9.88 -33.52 -27.26
C3' FDA R . -9.66 -34.04 -24.96
O3' FDA R . -8.81 -33.90 -23.88
C4' FDA R . -9.87 -35.55 -25.11
O4' FDA R . -10.51 -35.89 -26.30
C5' FDA R . -10.67 -36.04 -23.92
O5' FDA R . -10.81 -37.44 -23.94
P FDA R . -11.84 -38.09 -22.91
O1P FDA R . -11.89 -37.49 -21.45
O2P FDA R . -11.28 -39.55 -23.12
O3P FDA R . -13.27 -38.27 -23.68
S SO4 S . -1.08 -12.38 -50.45
O1 SO4 S . -0.21 -11.27 -50.07
O2 SO4 S . -2.47 -11.92 -50.41
O3 SO4 S . -0.76 -12.85 -51.79
O4 SO4 S . -0.88 -13.48 -49.51
S SO4 T . 7.05 -22.78 -42.88
O1 SO4 T . 8.07 -22.78 -41.84
O2 SO4 T . 7.23 -21.59 -43.71
O3 SO4 T . 7.16 -23.98 -43.72
O4 SO4 T . 5.73 -22.76 -42.24
S SO4 U . 0.93 -20.25 -26.31
O1 SO4 U . 0.76 -18.82 -26.55
O2 SO4 U . -0.38 -20.89 -26.31
O3 SO4 U . 1.77 -20.82 -27.36
O4 SO4 U . 1.57 -20.47 -25.01
S SO4 V . -1.10 6.07 -36.02
O1 SO4 V . -0.11 7.05 -36.46
O2 SO4 V . -2.00 6.69 -35.04
O3 SO4 V . -1.91 5.58 -37.14
O4 SO4 V . -0.39 4.94 -35.42
#